data_2RUG
#
_entry.id   2RUG
#
_entity_poly.entity_id   1
_entity_poly.type   'polypeptide(L)'
_entity_poly.pdbx_seq_one_letter_code
;GSSGSSGSRKVFVGGLPPDIDEDEITASFRRFGPLVVDWPHKAESKSYFPPKGYAFLLFQEESSVQALIDACLEEDGKLY
LCVSSPTIKDKPVQIRPWNLSDSDFVMDSGPSSG
;
_entity_poly.pdbx_strand_id   A
#
# COMPACT_ATOMS: atom_id res chain seq x y z
N GLY A 1 17.16 -7.13 13.01
CA GLY A 1 16.39 -5.99 13.54
C GLY A 1 15.45 -5.43 12.49
N SER A 2 14.22 -5.09 12.88
CA SER A 2 13.13 -4.66 11.98
C SER A 2 12.19 -3.65 12.68
N SER A 3 11.52 -2.79 11.92
CA SER A 3 10.58 -1.78 12.43
C SER A 3 9.20 -2.34 12.81
N GLY A 4 8.83 -3.53 12.30
CA GLY A 4 7.61 -4.24 12.67
C GLY A 4 6.34 -3.46 12.33
N SER A 5 5.51 -3.19 13.34
CA SER A 5 4.26 -2.42 13.23
C SER A 5 4.44 -0.90 13.49
N SER A 6 5.65 -0.42 13.80
CA SER A 6 5.89 0.99 14.17
C SER A 6 5.73 1.97 13.00
N GLY A 7 5.09 3.12 13.26
CA GLY A 7 4.69 4.12 12.25
C GLY A 7 3.23 4.53 12.46
N SER A 8 2.39 4.26 11.47
CA SER A 8 0.95 4.56 11.48
C SER A 8 0.14 3.50 10.72
N ARG A 9 -1.20 3.51 10.88
CA ARG A 9 -2.13 2.61 10.19
C ARG A 9 -2.36 2.97 8.71
N LYS A 10 -1.80 4.09 8.24
CA LYS A 10 -1.78 4.47 6.83
C LYS A 10 -0.72 3.66 6.04
N VAL A 11 -1.06 3.19 4.84
CA VAL A 11 -0.14 2.47 3.94
C VAL A 11 -0.34 2.95 2.50
N PHE A 12 0.70 3.54 1.91
CA PHE A 12 0.71 3.92 0.49
C PHE A 12 0.84 2.66 -0.40
N VAL A 13 0.14 2.65 -1.53
CA VAL A 13 0.18 1.59 -2.54
C VAL A 13 0.31 2.22 -3.93
N GLY A 14 1.35 1.82 -4.69
CA GLY A 14 1.62 2.28 -6.05
C GLY A 14 1.61 1.17 -7.09
N GLY A 15 1.14 1.48 -8.31
CA GLY A 15 1.01 0.55 -9.44
C GLY A 15 -0.41 0.01 -9.67
N LEU A 16 -1.42 0.54 -8.96
CA LEU A 16 -2.83 0.16 -9.05
C LEU A 16 -3.35 0.29 -10.51
N PRO A 17 -4.21 -0.62 -10.99
CA PRO A 17 -4.84 -0.53 -12.31
C PRO A 17 -5.59 0.79 -12.56
N PRO A 18 -5.78 1.20 -13.84
CA PRO A 18 -6.49 2.43 -14.20
C PRO A 18 -8.02 2.29 -14.15
N ASP A 19 -8.55 1.13 -13.73
CA ASP A 19 -9.98 0.76 -13.80
C ASP A 19 -10.46 0.07 -12.52
N ILE A 20 -9.73 0.26 -11.41
CA ILE A 20 -10.06 -0.29 -10.08
C ILE A 20 -10.64 0.81 -9.18
N ASP A 21 -11.70 0.51 -8.43
CA ASP A 21 -12.37 1.45 -7.53
C ASP A 21 -12.14 1.14 -6.04
N GLU A 22 -12.59 2.06 -5.18
CA GLU A 22 -12.46 2.01 -3.72
C GLU A 22 -12.79 0.62 -3.12
N ASP A 23 -13.89 -0.01 -3.54
CA ASP A 23 -14.38 -1.26 -2.94
C ASP A 23 -13.57 -2.48 -3.39
N GLU A 24 -12.96 -2.41 -4.59
CA GLU A 24 -12.03 -3.44 -5.08
C GLU A 24 -10.65 -3.29 -4.45
N ILE A 25 -10.16 -2.06 -4.24
CA ILE A 25 -8.92 -1.83 -3.48
C ILE A 25 -9.13 -2.27 -2.02
N THR A 26 -10.30 -2.00 -1.44
CA THR A 26 -10.68 -2.47 -0.09
C THR A 26 -10.69 -3.99 -0.05
N ALA A 27 -11.41 -4.66 -0.96
CA ALA A 27 -11.46 -6.12 -1.01
C ALA A 27 -10.08 -6.78 -1.25
N SER A 28 -9.17 -6.09 -1.96
CA SER A 28 -7.79 -6.57 -2.18
C SER A 28 -6.93 -6.58 -0.91
N PHE A 29 -7.26 -5.78 0.11
CA PHE A 29 -6.50 -5.67 1.37
C PHE A 29 -7.33 -6.03 2.62
N ARG A 30 -8.64 -6.30 2.47
CA ARG A 30 -9.55 -6.73 3.55
C ARG A 30 -9.14 -8.05 4.22
N ARG A 31 -8.34 -8.87 3.52
CA ARG A 31 -7.69 -10.09 4.02
C ARG A 31 -6.82 -9.88 5.29
N PHE A 32 -6.40 -8.63 5.57
CA PHE A 32 -5.57 -8.26 6.72
C PHE A 32 -6.37 -7.68 7.91
N GLY A 33 -7.69 -7.50 7.74
CA GLY A 33 -8.58 -6.79 8.66
C GLY A 33 -9.31 -5.62 7.98
N PRO A 34 -10.31 -5.01 8.65
CA PRO A 34 -11.11 -3.92 8.09
C PRO A 34 -10.28 -2.64 7.90
N LEU A 35 -10.68 -1.85 6.89
CA LEU A 35 -9.96 -0.67 6.40
C LEU A 35 -10.88 0.27 5.59
N VAL A 36 -10.34 1.44 5.22
CA VAL A 36 -10.91 2.38 4.24
C VAL A 36 -9.79 2.84 3.30
N VAL A 37 -10.13 3.34 2.10
CA VAL A 37 -9.16 3.69 1.04
C VAL A 37 -9.44 5.10 0.51
N ASP A 38 -8.37 5.88 0.32
CA ASP A 38 -8.41 7.31 -0.05
C ASP A 38 -7.19 7.70 -0.92
N TRP A 39 -7.30 8.80 -1.67
CA TRP A 39 -6.27 9.27 -2.61
C TRP A 39 -6.39 10.78 -2.91
N PRO A 40 -5.31 11.45 -3.40
CA PRO A 40 -5.33 12.87 -3.75
C PRO A 40 -6.38 13.22 -4.82
N HIS A 41 -6.92 14.43 -4.74
CA HIS A 41 -7.88 15.02 -5.72
C HIS A 41 -9.26 14.32 -5.79
N LYS A 42 -9.53 13.34 -4.91
CA LYS A 42 -10.76 12.52 -4.91
C LYS A 42 -12.02 13.37 -4.68
N ALA A 43 -11.87 14.42 -3.88
CA ALA A 43 -12.87 15.44 -3.57
C ALA A 43 -13.34 16.28 -4.77
N GLU A 44 -12.61 16.25 -5.90
CA GLU A 44 -12.87 17.03 -7.12
C GLU A 44 -12.90 16.14 -8.40
N SER A 45 -12.84 14.82 -8.24
CA SER A 45 -12.80 13.85 -9.35
C SER A 45 -14.19 13.54 -9.93
N LYS A 46 -14.25 13.28 -11.24
CA LYS A 46 -15.44 12.80 -11.96
C LYS A 46 -15.51 11.26 -12.05
N SER A 47 -14.53 10.53 -11.48
CA SER A 47 -14.39 9.08 -11.60
C SER A 47 -13.92 8.43 -10.28
N TYR A 48 -14.35 7.19 -10.03
CA TYR A 48 -14.17 6.50 -8.74
C TYR A 48 -12.84 5.74 -8.59
N PHE A 49 -11.86 6.02 -9.47
CA PHE A 49 -10.57 5.32 -9.56
C PHE A 49 -9.42 6.21 -9.04
N PRO A 50 -8.31 5.62 -8.54
CA PRO A 50 -7.15 6.38 -8.07
C PRO A 50 -6.39 7.01 -9.26
N PRO A 51 -6.04 8.31 -9.21
CA PRO A 51 -5.31 8.99 -10.28
C PRO A 51 -3.84 8.54 -10.29
N LYS A 52 -3.29 8.36 -11.50
CA LYS A 52 -1.89 7.98 -11.76
C LYS A 52 -1.49 6.60 -11.17
N GLY A 53 -2.46 5.80 -10.70
CA GLY A 53 -2.28 4.42 -10.23
C GLY A 53 -1.74 4.31 -8.81
N TYR A 54 -2.12 5.19 -7.88
CA TYR A 54 -1.69 5.10 -6.48
C TYR A 54 -2.71 5.64 -5.46
N ALA A 55 -2.71 5.06 -4.25
CA ALA A 55 -3.65 5.38 -3.17
C ALA A 55 -3.06 5.07 -1.78
N PHE A 56 -3.80 5.45 -0.74
CA PHE A 56 -3.49 5.21 0.67
C PHE A 56 -4.60 4.35 1.31
N LEU A 57 -4.19 3.20 1.86
CA LEU A 57 -5.00 2.34 2.71
C LEU A 57 -4.93 2.88 4.15
N LEU A 58 -6.05 2.83 4.87
CA LEU A 58 -6.17 3.18 6.28
C LEU A 58 -6.80 1.99 7.02
N PHE A 59 -6.00 1.22 7.75
CA PHE A 59 -6.47 0.03 8.48
C PHE A 59 -7.07 0.40 9.86
N GLN A 60 -7.93 -0.46 10.40
CA GLN A 60 -8.52 -0.28 11.74
C GLN A 60 -7.52 -0.59 12.87
N GLU A 61 -6.50 -1.42 12.63
CA GLU A 61 -5.50 -1.84 13.62
C GLU A 61 -4.09 -1.86 12.99
N GLU A 62 -3.08 -1.49 13.78
CA GLU A 62 -1.66 -1.56 13.37
C GLU A 62 -1.24 -3.00 13.04
N SER A 63 -1.82 -3.99 13.73
CA SER A 63 -1.65 -5.42 13.45
C SER A 63 -2.03 -5.81 12.02
N SER A 64 -2.95 -5.09 11.37
CA SER A 64 -3.29 -5.31 9.96
C SER A 64 -2.18 -4.84 9.01
N VAL A 65 -1.40 -3.83 9.41
CA VAL A 65 -0.23 -3.35 8.64
C VAL A 65 0.90 -4.37 8.76
N GLN A 66 1.11 -4.95 9.94
CA GLN A 66 2.07 -6.04 10.14
C GLN A 66 1.66 -7.31 9.39
N ALA A 67 0.36 -7.65 9.37
CA ALA A 67 -0.16 -8.77 8.58
C ALA A 67 0.07 -8.59 7.07
N LEU A 68 -0.07 -7.35 6.57
CA LEU A 68 0.29 -6.99 5.20
C LEU A 68 1.80 -7.16 4.97
N ILE A 69 2.65 -6.63 5.85
CA ILE A 69 4.12 -6.77 5.78
C ILE A 69 4.53 -8.26 5.74
N ASP A 70 3.89 -9.11 6.53
CA ASP A 70 4.14 -10.56 6.59
C ASP A 70 3.71 -11.32 5.31
N ALA A 71 2.85 -10.71 4.48
CA ALA A 71 2.41 -11.25 3.18
C ALA A 71 3.14 -10.64 1.98
N CYS A 72 3.87 -9.53 2.18
CA CYS A 72 4.60 -8.83 1.12
C CYS A 72 5.90 -9.56 0.70
N LEU A 73 6.24 -9.43 -0.58
CA LEU A 73 7.55 -9.74 -1.15
C LEU A 73 8.48 -8.54 -0.92
N GLU A 74 9.77 -8.67 -1.24
CA GLU A 74 10.79 -7.68 -0.88
C GLU A 74 11.89 -7.57 -1.95
N GLU A 75 12.35 -6.33 -2.22
CA GLU A 75 13.44 -6.01 -3.14
C GLU A 75 14.08 -4.66 -2.75
N ASP A 76 15.36 -4.65 -2.36
CA ASP A 76 16.16 -3.44 -2.05
C ASP A 76 15.61 -2.58 -0.87
N GLY A 77 14.71 -3.15 -0.06
CA GLY A 77 13.99 -2.47 1.02
C GLY A 77 12.58 -2.00 0.65
N LYS A 78 12.19 -2.13 -0.62
CA LYS A 78 10.82 -1.95 -1.11
C LYS A 78 10.01 -3.23 -0.80
N LEU A 79 8.71 -3.09 -0.51
CA LEU A 79 7.79 -4.21 -0.33
C LEU A 79 6.80 -4.26 -1.50
N TYR A 80 6.30 -5.45 -1.83
CA TYR A 80 5.35 -5.67 -2.93
C TYR A 80 4.24 -6.69 -2.61
N LEU A 81 3.04 -6.41 -3.07
CA LEU A 81 1.88 -7.31 -3.09
C LEU A 81 1.35 -7.39 -4.55
N CYS A 82 0.18 -7.99 -4.79
CA CYS A 82 -0.41 -8.10 -6.13
C CYS A 82 -1.94 -7.93 -6.14
N VAL A 83 -2.48 -7.41 -7.25
CA VAL A 83 -3.88 -7.00 -7.46
C VAL A 83 -4.30 -7.12 -8.93
N SER A 84 -5.57 -6.84 -9.25
CA SER A 84 -6.17 -7.01 -10.58
C SER A 84 -7.46 -6.18 -10.78
N SER A 85 -7.96 -6.12 -12.02
CA SER A 85 -9.15 -5.36 -12.45
C SER A 85 -9.78 -6.02 -13.70
N PRO A 86 -10.88 -5.47 -14.27
CA PRO A 86 -11.40 -5.92 -15.56
C PRO A 86 -10.42 -5.79 -16.74
N THR A 87 -9.37 -4.96 -16.61
CA THR A 87 -8.41 -4.64 -17.69
C THR A 87 -6.98 -5.11 -17.40
N ILE A 88 -6.63 -5.37 -16.14
CA ILE A 88 -5.26 -5.69 -15.69
C ILE A 88 -5.27 -6.93 -14.78
N LYS A 89 -4.30 -7.83 -14.97
CA LYS A 89 -4.26 -9.16 -14.32
C LYS A 89 -2.88 -9.46 -13.71
N ASP A 90 -2.86 -10.03 -12.50
CA ASP A 90 -1.64 -10.51 -11.78
C ASP A 90 -0.60 -9.39 -11.56
N LYS A 91 -1.05 -8.14 -11.46
CA LYS A 91 -0.19 -6.96 -11.37
C LYS A 91 0.51 -6.87 -10.00
N PRO A 92 1.86 -6.72 -9.94
CA PRO A 92 2.57 -6.45 -8.71
C PRO A 92 2.44 -4.95 -8.37
N VAL A 93 2.32 -4.64 -7.08
CA VAL A 93 2.09 -3.28 -6.57
C VAL A 93 2.95 -3.01 -5.35
N GLN A 94 3.60 -1.84 -5.33
CA GLN A 94 4.60 -1.46 -4.33
C GLN A 94 3.91 -0.95 -3.07
N ILE A 95 4.32 -1.45 -1.90
CA ILE A 95 3.68 -1.22 -0.60
C ILE A 95 4.63 -0.42 0.29
N ARG A 96 4.15 0.67 0.87
CA ARG A 96 4.93 1.63 1.67
C ARG A 96 4.15 2.02 2.94
N PRO A 97 4.32 1.26 4.04
CA PRO A 97 3.75 1.60 5.35
C PRO A 97 4.25 2.97 5.81
N TRP A 98 3.35 3.80 6.33
CA TRP A 98 3.67 5.18 6.71
C TRP A 98 4.49 5.25 7.99
N ASN A 99 5.67 5.87 7.91
CA ASN A 99 6.66 6.03 8.98
C ASN A 99 7.64 7.15 8.60
N LEU A 100 7.94 8.07 9.54
CA LEU A 100 8.70 9.31 9.29
C LEU A 100 10.20 9.20 9.60
N SER A 101 10.69 8.06 10.09
CA SER A 101 12.11 7.83 10.40
C SER A 101 12.97 7.58 9.14
N ASP A 102 14.23 8.01 9.16
CA ASP A 102 15.20 7.81 8.08
C ASP A 102 15.77 6.37 8.04
N SER A 103 16.18 5.90 6.87
CA SER A 103 16.73 4.56 6.60
C SER A 103 17.57 4.53 5.31
N ASP A 104 18.50 3.58 5.20
CA ASP A 104 19.47 3.46 4.11
C ASP A 104 18.90 2.80 2.82
N PHE A 105 17.62 2.43 2.82
CA PHE A 105 16.94 1.78 1.69
C PHE A 105 16.63 2.77 0.56
N VAL A 106 17.54 2.86 -0.41
CA VAL A 106 17.44 3.71 -1.61
C VAL A 106 18.27 3.11 -2.75
N MET A 107 17.72 3.15 -3.97
CA MET A 107 18.23 2.45 -5.16
C MET A 107 17.96 3.20 -6.48
N ASP A 108 17.51 4.45 -6.41
CA ASP A 108 17.18 5.31 -7.55
C ASP A 108 18.38 5.52 -8.49
N SER A 109 18.15 5.36 -9.80
CA SER A 109 19.15 5.49 -10.90
C SER A 109 20.23 4.38 -10.92
N GLY A 110 20.19 3.43 -9.96
CA GLY A 110 21.13 2.29 -9.86
C GLY A 110 22.51 2.67 -9.28
N PRO A 111 23.41 1.67 -9.14
CA PRO A 111 24.76 1.85 -8.62
C PRO A 111 25.69 2.49 -9.68
N SER A 112 26.80 3.06 -9.22
CA SER A 112 27.81 3.73 -10.07
C SER A 112 29.16 3.88 -9.34
N SER A 113 30.27 3.69 -10.05
CA SER A 113 31.63 3.68 -9.47
C SER A 113 32.28 5.08 -9.31
N GLY A 114 31.64 6.14 -9.83
CA GLY A 114 32.12 7.53 -9.81
C GLY A 114 31.17 8.50 -10.48
N GLY A 1 5.62 -13.82 20.33
CA GLY A 1 6.04 -12.62 19.57
C GLY A 1 5.06 -12.30 18.43
N SER A 2 5.05 -11.05 17.97
CA SER A 2 4.15 -10.55 16.91
C SER A 2 4.55 -9.15 16.42
N SER A 3 4.78 -8.21 17.34
CA SER A 3 5.37 -6.87 17.12
C SER A 3 4.47 -5.88 16.35
N GLY A 4 3.22 -6.26 16.03
CA GLY A 4 2.26 -5.47 15.25
C GLY A 4 1.42 -4.47 16.06
N SER A 5 1.78 -4.22 17.32
CA SER A 5 1.02 -3.39 18.28
C SER A 5 1.33 -1.88 18.21
N SER A 6 2.14 -1.43 17.26
CA SER A 6 2.62 -0.04 17.14
C SER A 6 3.03 0.34 15.70
N GLY A 7 3.46 1.59 15.49
CA GLY A 7 3.78 2.17 14.17
C GLY A 7 2.69 3.12 13.70
N SER A 8 2.12 2.88 12.52
CA SER A 8 1.03 3.65 11.94
C SER A 8 0.08 2.77 11.11
N ARG A 9 -1.19 3.17 11.00
CA ARG A 9 -2.23 2.43 10.27
C ARG A 9 -2.44 2.91 8.83
N LYS A 10 -1.77 4.00 8.41
CA LYS A 10 -1.74 4.43 7.02
C LYS A 10 -0.71 3.63 6.21
N VAL A 11 -1.05 3.18 5.00
CA VAL A 11 -0.16 2.43 4.10
C VAL A 11 -0.35 2.91 2.65
N PHE A 12 0.71 3.47 2.06
CA PHE A 12 0.77 3.80 0.64
C PHE A 12 0.83 2.53 -0.23
N VAL A 13 0.12 2.53 -1.35
CA VAL A 13 0.13 1.46 -2.37
C VAL A 13 0.24 2.08 -3.75
N GLY A 14 1.32 1.76 -4.48
CA GLY A 14 1.64 2.30 -5.80
C GLY A 14 1.65 1.24 -6.90
N GLY A 15 1.18 1.60 -8.10
CA GLY A 15 1.11 0.72 -9.28
C GLY A 15 -0.28 0.12 -9.54
N LEU A 16 -1.33 0.66 -8.90
CA LEU A 16 -2.73 0.21 -9.06
C LEU A 16 -3.18 0.31 -10.53
N PRO A 17 -3.94 -0.69 -11.07
CA PRO A 17 -4.48 -0.65 -12.42
C PRO A 17 -5.32 0.60 -12.73
N PRO A 18 -5.48 1.00 -14.00
CA PRO A 18 -6.22 2.19 -14.41
C PRO A 18 -7.75 2.00 -14.39
N ASP A 19 -8.25 0.86 -13.90
CA ASP A 19 -9.66 0.47 -13.92
C ASP A 19 -10.10 -0.23 -12.61
N ILE A 20 -9.45 0.11 -11.49
CA ILE A 20 -9.77 -0.40 -10.15
C ILE A 20 -10.39 0.69 -9.25
N ASP A 21 -11.54 0.40 -8.65
CA ASP A 21 -12.31 1.32 -7.82
C ASP A 21 -12.05 1.15 -6.31
N GLU A 22 -12.52 2.12 -5.52
CA GLU A 22 -12.39 2.18 -4.05
C GLU A 22 -12.69 0.85 -3.34
N ASP A 23 -13.78 0.17 -3.71
CA ASP A 23 -14.24 -1.06 -3.05
C ASP A 23 -13.45 -2.31 -3.48
N GLU A 24 -12.87 -2.28 -4.68
CA GLU A 24 -11.91 -3.30 -5.13
C GLU A 24 -10.52 -3.09 -4.52
N ILE A 25 -10.07 -1.84 -4.32
CA ILE A 25 -8.84 -1.56 -3.55
C ILE A 25 -9.04 -1.97 -2.09
N THR A 26 -10.24 -1.77 -1.55
CA THR A 26 -10.63 -2.26 -0.21
C THR A 26 -10.60 -3.78 -0.17
N ALA A 27 -11.28 -4.47 -1.09
CA ALA A 27 -11.29 -5.93 -1.16
C ALA A 27 -9.88 -6.53 -1.37
N SER A 28 -9.00 -5.82 -2.08
CA SER A 28 -7.60 -6.21 -2.29
C SER A 28 -6.75 -6.19 -1.02
N PHE A 29 -7.20 -5.56 0.08
CA PHE A 29 -6.49 -5.52 1.36
C PHE A 29 -7.37 -5.90 2.57
N ARG A 30 -8.67 -6.17 2.36
CA ARG A 30 -9.61 -6.65 3.39
C ARG A 30 -9.21 -8.01 3.98
N ARG A 31 -8.40 -8.80 3.26
CA ARG A 31 -7.72 -10.02 3.71
C ARG A 31 -6.81 -9.85 4.94
N PHE A 32 -6.49 -8.61 5.35
CA PHE A 32 -5.69 -8.28 6.54
C PHE A 32 -6.53 -7.74 7.72
N GLY A 33 -7.83 -7.52 7.52
CA GLY A 33 -8.74 -6.84 8.45
C GLY A 33 -9.43 -5.63 7.80
N PRO A 34 -10.43 -5.01 8.47
CA PRO A 34 -11.20 -3.90 7.93
C PRO A 34 -10.38 -2.61 7.81
N LEU A 35 -10.76 -1.77 6.84
CA LEU A 35 -10.02 -0.59 6.39
C LEU A 35 -10.91 0.38 5.58
N VAL A 36 -10.36 1.56 5.26
CA VAL A 36 -10.90 2.54 4.29
C VAL A 36 -9.78 3.01 3.36
N VAL A 37 -10.12 3.55 2.19
CA VAL A 37 -9.15 3.89 1.11
C VAL A 37 -9.37 5.32 0.62
N ASP A 38 -8.28 6.06 0.43
CA ASP A 38 -8.24 7.49 0.07
C ASP A 38 -7.01 7.80 -0.84
N TRP A 39 -7.04 8.96 -1.53
CA TRP A 39 -5.97 9.41 -2.43
C TRP A 39 -6.00 10.95 -2.65
N PRO A 40 -4.87 11.57 -3.07
CA PRO A 40 -4.80 13.01 -3.30
C PRO A 40 -5.74 13.48 -4.42
N HIS A 41 -6.25 14.71 -4.28
CA HIS A 41 -7.12 15.41 -5.27
C HIS A 41 -8.50 14.73 -5.48
N LYS A 42 -8.92 13.83 -4.58
CA LYS A 42 -10.22 13.14 -4.60
C LYS A 42 -11.41 14.10 -4.37
N ALA A 43 -11.12 15.28 -3.81
CA ALA A 43 -12.02 16.42 -3.66
C ALA A 43 -12.35 17.14 -4.99
N GLU A 44 -11.50 17.02 -6.01
CA GLU A 44 -11.63 17.69 -7.31
C GLU A 44 -11.82 16.71 -8.47
N SER A 45 -11.25 15.49 -8.40
CA SER A 45 -11.53 14.38 -9.32
C SER A 45 -12.81 13.67 -8.87
N LYS A 46 -13.94 13.95 -9.55
CA LYS A 46 -15.29 13.54 -9.14
C LYS A 46 -15.61 12.06 -9.47
N SER A 47 -14.79 11.12 -8.99
CA SER A 47 -14.90 9.69 -9.29
C SER A 47 -14.25 8.80 -8.20
N TYR A 48 -14.66 7.52 -8.17
CA TYR A 48 -14.24 6.52 -7.17
C TYR A 48 -13.05 5.65 -7.62
N PHE A 49 -12.21 6.18 -8.54
CA PHE A 49 -10.96 5.60 -9.01
C PHE A 49 -9.78 6.53 -8.64
N PRO A 50 -8.59 6.00 -8.24
CA PRO A 50 -7.41 6.82 -7.99
C PRO A 50 -6.87 7.38 -9.32
N PRO A 51 -6.79 8.72 -9.50
CA PRO A 51 -6.45 9.35 -10.78
C PRO A 51 -4.93 9.46 -11.01
N LYS A 52 -4.13 8.70 -10.24
CA LYS A 52 -2.66 8.81 -10.18
C LYS A 52 -1.92 7.44 -10.21
N GLY A 53 -2.65 6.32 -10.19
CA GLY A 53 -2.09 4.96 -10.11
C GLY A 53 -1.63 4.55 -8.71
N TYR A 54 -2.03 5.28 -7.66
CA TYR A 54 -1.67 5.01 -6.26
C TYR A 54 -2.75 5.48 -5.27
N ALA A 55 -2.75 4.89 -4.07
CA ALA A 55 -3.69 5.21 -2.99
C ALA A 55 -3.07 4.96 -1.60
N PHE A 56 -3.77 5.43 -0.57
CA PHE A 56 -3.47 5.25 0.84
C PHE A 56 -4.59 4.44 1.50
N LEU A 57 -4.21 3.28 2.04
CA LEU A 57 -5.04 2.44 2.89
C LEU A 57 -4.96 2.97 4.33
N LEU A 58 -6.08 2.92 5.05
CA LEU A 58 -6.19 3.22 6.47
C LEU A 58 -6.86 2.02 7.16
N PHE A 59 -6.11 1.22 7.92
CA PHE A 59 -6.62 0.04 8.60
C PHE A 59 -7.25 0.38 9.97
N GLN A 60 -8.14 -0.49 10.46
CA GLN A 60 -8.79 -0.33 11.77
C GLN A 60 -7.80 -0.56 12.93
N GLU A 61 -6.84 -1.47 12.77
CA GLU A 61 -5.91 -1.95 13.81
C GLU A 61 -4.51 -2.12 13.22
N GLU A 62 -3.48 -1.78 14.00
CA GLU A 62 -2.08 -1.82 13.57
C GLU A 62 -1.64 -3.24 13.16
N SER A 63 -2.20 -4.27 13.81
CA SER A 63 -1.96 -5.68 13.50
C SER A 63 -2.28 -6.04 12.03
N SER A 64 -3.21 -5.31 11.38
CA SER A 64 -3.51 -5.49 9.95
C SER A 64 -2.35 -5.01 9.06
N VAL A 65 -1.56 -4.02 9.50
CA VAL A 65 -0.39 -3.54 8.75
C VAL A 65 0.77 -4.53 8.91
N GLN A 66 0.93 -5.14 10.09
CA GLN A 66 1.92 -6.21 10.30
C GLN A 66 1.54 -7.48 9.54
N ALA A 67 0.24 -7.83 9.46
CA ALA A 67 -0.25 -8.92 8.63
C ALA A 67 0.01 -8.70 7.13
N LEU A 68 -0.12 -7.45 6.66
CA LEU A 68 0.29 -7.06 5.31
C LEU A 68 1.79 -7.20 5.11
N ILE A 69 2.62 -6.69 6.03
CA ILE A 69 4.10 -6.83 6.01
C ILE A 69 4.52 -8.31 5.94
N ASP A 70 3.85 -9.18 6.70
CA ASP A 70 4.10 -10.63 6.72
C ASP A 70 3.68 -11.35 5.43
N ALA A 71 2.84 -10.72 4.60
CA ALA A 71 2.43 -11.23 3.28
C ALA A 71 3.19 -10.57 2.11
N CYS A 72 3.91 -9.48 2.35
CA CYS A 72 4.65 -8.76 1.31
C CYS A 72 5.91 -9.53 0.84
N LEU A 73 6.15 -9.45 -0.48
CA LEU A 73 7.40 -9.82 -1.13
C LEU A 73 8.39 -8.64 -0.98
N GLU A 74 9.62 -8.82 -1.45
CA GLU A 74 10.65 -7.77 -1.39
C GLU A 74 11.51 -7.78 -2.66
N GLU A 75 11.68 -6.60 -3.28
CA GLU A 75 12.38 -6.38 -4.54
C GLU A 75 13.11 -5.04 -4.49
N ASP A 76 14.43 -5.04 -4.68
CA ASP A 76 15.31 -3.86 -4.69
C ASP A 76 15.26 -3.04 -3.36
N GLY A 77 14.92 -3.70 -2.25
CA GLY A 77 14.75 -3.10 -0.91
C GLY A 77 13.33 -2.62 -0.61
N LYS A 78 12.39 -2.76 -1.56
CA LYS A 78 11.02 -2.25 -1.50
C LYS A 78 10.02 -3.41 -1.35
N LEU A 79 8.95 -3.23 -0.58
CA LEU A 79 7.93 -4.26 -0.37
C LEU A 79 6.89 -4.26 -1.50
N TYR A 80 6.35 -5.44 -1.82
CA TYR A 80 5.37 -5.65 -2.90
C TYR A 80 4.27 -6.66 -2.55
N LEU A 81 3.08 -6.49 -3.15
CA LEU A 81 1.93 -7.39 -3.04
C LEU A 81 1.25 -7.56 -4.41
N CYS A 82 0.43 -8.59 -4.60
CA CYS A 82 -0.31 -8.86 -5.83
C CYS A 82 -1.77 -8.36 -5.78
N VAL A 83 -2.26 -7.78 -6.88
CA VAL A 83 -3.65 -7.29 -7.08
C VAL A 83 -4.06 -7.42 -8.57
N SER A 84 -5.32 -7.11 -8.92
CA SER A 84 -5.81 -7.16 -10.31
C SER A 84 -7.10 -6.35 -10.55
N SER A 85 -7.49 -6.21 -11.82
CA SER A 85 -8.70 -5.50 -12.30
C SER A 85 -9.37 -6.29 -13.46
N PRO A 86 -10.47 -5.78 -14.07
CA PRO A 86 -11.06 -6.37 -15.27
C PRO A 86 -10.16 -6.30 -16.52
N THR A 87 -9.07 -5.53 -16.48
CA THR A 87 -8.19 -5.27 -17.63
C THR A 87 -6.73 -5.65 -17.39
N ILE A 88 -6.27 -5.70 -16.13
CA ILE A 88 -4.87 -5.98 -15.74
C ILE A 88 -4.84 -7.07 -14.68
N LYS A 89 -4.08 -8.14 -14.92
CA LYS A 89 -4.05 -9.34 -14.10
C LYS A 89 -2.64 -9.64 -13.53
N ASP A 90 -2.59 -10.16 -12.29
CA ASP A 90 -1.35 -10.55 -11.57
C ASP A 90 -0.39 -9.37 -11.35
N LYS A 91 -0.93 -8.15 -11.20
CA LYS A 91 -0.16 -6.91 -11.05
C LYS A 91 0.57 -6.87 -9.68
N PRO A 92 1.89 -6.61 -9.65
CA PRO A 92 2.62 -6.34 -8.43
C PRO A 92 2.49 -4.84 -8.10
N VAL A 93 2.15 -4.53 -6.85
CA VAL A 93 2.00 -3.16 -6.33
C VAL A 93 2.95 -2.92 -5.16
N GLN A 94 3.64 -1.78 -5.18
CA GLN A 94 4.64 -1.40 -4.18
C GLN A 94 3.95 -0.93 -2.90
N ILE A 95 4.33 -1.50 -1.76
CA ILE A 95 3.71 -1.25 -0.45
C ILE A 95 4.67 -0.44 0.43
N ARG A 96 4.17 0.62 1.07
CA ARG A 96 4.94 1.50 1.95
C ARG A 96 4.10 1.88 3.19
N PRO A 97 4.23 1.14 4.32
CA PRO A 97 3.66 1.53 5.60
C PRO A 97 4.19 2.90 6.01
N TRP A 98 3.33 3.81 6.49
CA TRP A 98 3.71 5.21 6.70
C TRP A 98 4.76 5.46 7.79
N ASN A 99 5.00 4.46 8.65
CA ASN A 99 6.09 4.47 9.65
C ASN A 99 7.46 4.03 9.07
N LEU A 100 7.48 3.43 7.86
CA LEU A 100 8.66 2.89 7.17
C LEU A 100 8.86 3.48 5.75
N SER A 101 7.98 4.36 5.28
CA SER A 101 7.91 4.81 3.88
C SER A 101 9.03 5.75 3.42
N ASP A 102 9.78 6.33 4.35
CA ASP A 102 10.73 7.43 4.14
C ASP A 102 12.22 7.05 4.17
N SER A 103 12.56 5.77 4.41
CA SER A 103 13.95 5.31 4.54
C SER A 103 14.10 3.79 4.32
N ASP A 104 15.34 3.33 4.11
CA ASP A 104 15.79 1.92 3.97
C ASP A 104 15.33 1.21 2.68
N PHE A 105 14.52 1.87 1.83
CA PHE A 105 13.91 1.32 0.62
C PHE A 105 14.86 1.25 -0.60
N VAL A 106 16.15 1.43 -0.39
CA VAL A 106 17.18 1.63 -1.42
C VAL A 106 18.57 1.33 -0.86
N MET A 107 19.43 0.74 -1.69
CA MET A 107 20.74 0.18 -1.31
C MET A 107 21.81 0.30 -2.41
N ASP A 108 21.53 1.07 -3.47
CA ASP A 108 22.34 1.17 -4.70
C ASP A 108 23.65 1.97 -4.54
N SER A 109 23.90 2.54 -3.36
CA SER A 109 25.07 3.39 -3.04
C SER A 109 26.41 2.63 -3.01
N GLY A 110 26.41 1.29 -3.09
CA GLY A 110 27.60 0.44 -3.16
C GLY A 110 27.32 -1.03 -3.51
N PRO A 111 28.36 -1.83 -3.82
CA PRO A 111 28.23 -3.25 -4.15
C PRO A 111 28.00 -4.10 -2.89
N SER A 112 27.45 -5.30 -3.07
CA SER A 112 27.11 -6.23 -1.98
C SER A 112 28.32 -6.93 -1.33
N SER A 113 29.52 -6.76 -1.89
CA SER A 113 30.79 -7.36 -1.43
C SER A 113 32.00 -6.65 -2.07
N GLY A 114 33.20 -6.86 -1.52
CA GLY A 114 34.47 -6.24 -1.97
C GLY A 114 35.68 -6.74 -1.20
N GLY A 1 13.66 -0.26 12.93
CA GLY A 1 13.32 -1.33 13.88
C GLY A 1 13.84 -2.68 13.41
N SER A 2 13.32 -3.77 13.97
CA SER A 2 13.77 -5.15 13.68
C SER A 2 12.72 -6.20 14.07
N SER A 3 12.33 -6.28 15.34
CA SER A 3 11.35 -7.26 15.87
C SER A 3 9.89 -6.78 15.85
N GLY A 4 9.66 -5.47 15.60
CA GLY A 4 8.33 -4.84 15.53
C GLY A 4 7.81 -4.37 16.90
N SER A 5 6.92 -3.38 16.87
CA SER A 5 6.32 -2.75 18.07
C SER A 5 5.11 -1.87 17.70
N SER A 6 5.34 -0.77 16.98
CA SER A 6 4.32 0.21 16.55
C SER A 6 4.87 1.18 15.49
N GLY A 7 3.98 1.73 14.66
CA GLY A 7 4.28 2.72 13.62
C GLY A 7 3.03 3.53 13.28
N SER A 8 2.26 3.06 12.30
CA SER A 8 0.98 3.64 11.88
C SER A 8 0.07 2.59 11.22
N ARG A 9 -1.24 2.88 11.16
CA ARG A 9 -2.23 2.10 10.39
C ARG A 9 -2.36 2.59 8.94
N LYS A 10 -1.66 3.66 8.57
CA LYS A 10 -1.60 4.20 7.20
C LYS A 10 -0.58 3.43 6.34
N VAL A 11 -0.93 3.06 5.11
CA VAL A 11 -0.05 2.37 4.16
C VAL A 11 -0.28 2.90 2.74
N PHE A 12 0.76 3.45 2.11
CA PHE A 12 0.74 3.83 0.69
C PHE A 12 0.82 2.59 -0.21
N VAL A 13 0.06 2.58 -1.31
CA VAL A 13 0.08 1.56 -2.35
C VAL A 13 0.20 2.22 -3.72
N GLY A 14 1.26 1.90 -4.47
CA GLY A 14 1.57 2.49 -5.78
C GLY A 14 1.59 1.49 -6.92
N GLY A 15 1.19 1.94 -8.12
CA GLY A 15 1.15 1.14 -9.36
C GLY A 15 -0.18 0.43 -9.60
N LEU A 16 -1.28 0.92 -9.03
CA LEU A 16 -2.64 0.38 -9.15
C LEU A 16 -3.09 0.29 -10.63
N PRO A 17 -3.90 -0.73 -11.02
CA PRO A 17 -4.48 -0.85 -12.36
C PRO A 17 -5.24 0.41 -12.82
N PRO A 18 -5.38 0.63 -14.15
CA PRO A 18 -6.08 1.79 -14.72
C PRO A 18 -7.62 1.66 -14.68
N ASP A 19 -8.16 0.57 -14.14
CA ASP A 19 -9.59 0.23 -14.13
C ASP A 19 -10.01 -0.40 -12.78
N ILE A 20 -9.56 0.21 -11.68
CA ILE A 20 -9.86 -0.21 -10.30
C ILE A 20 -10.40 0.97 -9.47
N ASP A 21 -11.29 0.70 -8.52
CA ASP A 21 -12.02 1.69 -7.72
C ASP A 21 -11.83 1.50 -6.20
N GLU A 22 -12.30 2.47 -5.41
CA GLU A 22 -12.16 2.53 -3.95
C GLU A 22 -12.56 1.22 -3.23
N ASP A 23 -13.66 0.58 -3.66
CA ASP A 23 -14.18 -0.64 -3.03
C ASP A 23 -13.44 -1.91 -3.50
N GLU A 24 -12.90 -1.91 -4.72
CA GLU A 24 -12.00 -2.96 -5.20
C GLU A 24 -10.62 -2.87 -4.53
N ILE A 25 -10.09 -1.66 -4.29
CA ILE A 25 -8.84 -1.47 -3.53
C ILE A 25 -9.07 -1.89 -2.08
N THR A 26 -10.24 -1.60 -1.50
CA THR A 26 -10.64 -2.09 -0.17
C THR A 26 -10.69 -3.62 -0.15
N ALA A 27 -11.38 -4.26 -1.09
CA ALA A 27 -11.44 -5.72 -1.19
C ALA A 27 -10.06 -6.36 -1.43
N SER A 28 -9.16 -5.67 -2.13
CA SER A 28 -7.78 -6.11 -2.37
C SER A 28 -6.89 -6.11 -1.13
N PHE A 29 -7.30 -5.47 -0.02
CA PHE A 29 -6.57 -5.48 1.26
C PHE A 29 -7.43 -5.88 2.47
N ARG A 30 -8.73 -6.12 2.28
CA ARG A 30 -9.66 -6.63 3.32
C ARG A 30 -9.25 -8.00 3.88
N ARG A 31 -8.46 -8.78 3.12
CA ARG A 31 -7.81 -10.02 3.54
C ARG A 31 -6.88 -9.90 4.77
N PHE A 32 -6.52 -8.67 5.18
CA PHE A 32 -5.70 -8.38 6.37
C PHE A 32 -6.51 -7.88 7.58
N GLY A 33 -7.83 -7.68 7.42
CA GLY A 33 -8.72 -7.02 8.39
C GLY A 33 -9.40 -5.79 7.79
N PRO A 34 -10.37 -5.18 8.50
CA PRO A 34 -11.15 -4.04 8.01
C PRO A 34 -10.30 -2.76 7.90
N LEU A 35 -10.70 -1.89 6.96
CA LEU A 35 -9.96 -0.70 6.52
C LEU A 35 -10.86 0.30 5.77
N VAL A 36 -10.31 1.47 5.46
CA VAL A 36 -10.86 2.45 4.51
C VAL A 36 -9.74 2.91 3.56
N VAL A 37 -10.09 3.42 2.38
CA VAL A 37 -9.14 3.77 1.31
C VAL A 37 -9.44 5.18 0.77
N ASP A 38 -8.39 5.97 0.56
CA ASP A 38 -8.47 7.35 0.07
C ASP A 38 -7.19 7.80 -0.67
N TRP A 39 -7.24 8.96 -1.34
CA TRP A 39 -6.13 9.52 -2.13
C TRP A 39 -6.24 11.05 -2.30
N PRO A 40 -5.12 11.76 -2.58
CA PRO A 40 -5.09 13.22 -2.70
C PRO A 40 -5.98 13.76 -3.83
N HIS A 41 -6.49 14.98 -3.62
CA HIS A 41 -7.21 15.81 -4.61
C HIS A 41 -8.63 15.31 -4.98
N LYS A 42 -9.13 14.23 -4.36
CA LYS A 42 -10.51 13.72 -4.54
C LYS A 42 -11.57 14.78 -4.18
N ALA A 43 -11.20 15.69 -3.26
CA ALA A 43 -11.98 16.83 -2.80
C ALA A 43 -12.37 17.84 -3.90
N GLU A 44 -11.61 17.90 -5.00
CA GLU A 44 -11.86 18.81 -6.15
C GLU A 44 -11.95 18.05 -7.48
N SER A 45 -11.11 17.03 -7.69
CA SER A 45 -11.22 16.10 -8.82
C SER A 45 -12.12 14.91 -8.40
N LYS A 46 -13.44 15.13 -8.44
CA LYS A 46 -14.45 14.18 -7.96
C LYS A 46 -14.36 12.83 -8.72
N SER A 47 -14.03 11.74 -8.03
CA SER A 47 -13.84 10.41 -8.63
C SER A 47 -13.79 9.29 -7.57
N TYR A 48 -14.28 8.10 -7.94
CA TYR A 48 -14.17 6.86 -7.17
C TYR A 48 -13.06 5.92 -7.70
N PHE A 49 -12.28 6.38 -8.67
CA PHE A 49 -11.06 5.75 -9.18
C PHE A 49 -9.84 6.64 -8.81
N PRO A 50 -8.66 6.09 -8.46
CA PRO A 50 -7.48 6.88 -8.15
C PRO A 50 -6.91 7.54 -9.42
N PRO A 51 -6.87 8.88 -9.53
CA PRO A 51 -6.47 9.59 -10.76
C PRO A 51 -4.93 9.76 -10.87
N LYS A 52 -4.17 9.00 -10.09
CA LYS A 52 -2.71 9.13 -9.93
C LYS A 52 -1.96 7.78 -9.97
N GLY A 53 -2.67 6.65 -10.03
CA GLY A 53 -2.10 5.29 -9.97
C GLY A 53 -1.69 4.83 -8.57
N TYR A 54 -2.11 5.54 -7.52
CA TYR A 54 -1.78 5.21 -6.12
C TYR A 54 -2.90 5.60 -5.12
N ALA A 55 -2.86 5.01 -3.93
CA ALA A 55 -3.80 5.26 -2.84
C ALA A 55 -3.16 5.00 -1.46
N PHE A 56 -3.82 5.50 -0.41
CA PHE A 56 -3.51 5.26 0.98
C PHE A 56 -4.59 4.38 1.63
N LEU A 57 -4.17 3.23 2.15
CA LEU A 57 -4.96 2.34 3.00
C LEU A 57 -4.86 2.83 4.44
N LEU A 58 -5.98 2.79 5.16
CA LEU A 58 -6.09 3.08 6.59
C LEU A 58 -6.78 1.89 7.26
N PHE A 59 -6.03 1.04 7.95
CA PHE A 59 -6.56 -0.15 8.63
C PHE A 59 -7.16 0.20 10.01
N GLN A 60 -8.01 -0.68 10.55
CA GLN A 60 -8.59 -0.51 11.89
C GLN A 60 -7.66 -1.01 13.01
N GLU A 61 -6.62 -1.80 12.70
CA GLU A 61 -5.62 -2.29 13.64
C GLU A 61 -4.22 -2.30 12.99
N GLU A 62 -3.18 -1.94 13.75
CA GLU A 62 -1.78 -2.05 13.28
C GLU A 62 -1.41 -3.49 12.94
N SER A 63 -2.01 -4.48 13.60
CA SER A 63 -1.87 -5.90 13.30
C SER A 63 -2.23 -6.24 11.84
N SER A 64 -3.11 -5.48 11.20
CA SER A 64 -3.44 -5.64 9.78
C SER A 64 -2.31 -5.13 8.86
N VAL A 65 -1.52 -4.15 9.31
CA VAL A 65 -0.34 -3.67 8.57
C VAL A 65 0.80 -4.68 8.72
N GLN A 66 0.96 -5.30 9.89
CA GLN A 66 1.92 -6.39 10.07
C GLN A 66 1.52 -7.64 9.28
N ALA A 67 0.23 -7.97 9.21
CA ALA A 67 -0.28 -9.05 8.37
C ALA A 67 -0.03 -8.80 6.87
N LEU A 68 -0.15 -7.54 6.41
CA LEU A 68 0.23 -7.13 5.07
C LEU A 68 1.75 -7.31 4.86
N ILE A 69 2.58 -6.82 5.79
CA ILE A 69 4.06 -6.99 5.74
C ILE A 69 4.45 -8.47 5.65
N ASP A 70 3.78 -9.35 6.40
CA ASP A 70 4.01 -10.79 6.41
C ASP A 70 3.58 -11.50 5.10
N ALA A 71 2.73 -10.86 4.29
CA ALA A 71 2.31 -11.33 2.97
C ALA A 71 3.09 -10.69 1.80
N CYS A 72 3.83 -9.59 2.05
CA CYS A 72 4.57 -8.87 1.02
C CYS A 72 5.86 -9.58 0.57
N LEU A 73 6.17 -9.41 -0.71
CA LEU A 73 7.47 -9.72 -1.31
C LEU A 73 8.38 -8.50 -1.10
N GLU A 74 9.65 -8.59 -1.51
CA GLU A 74 10.64 -7.53 -1.28
C GLU A 74 11.65 -7.44 -2.44
N GLU A 75 11.99 -6.22 -2.84
CA GLU A 75 12.95 -5.91 -3.92
C GLU A 75 13.57 -4.52 -3.71
N ASP A 76 14.90 -4.46 -3.58
CA ASP A 76 15.71 -3.27 -3.24
C ASP A 76 15.46 -2.72 -1.82
N GLY A 77 14.65 -3.42 -1.01
CA GLY A 77 14.14 -2.97 0.29
C GLY A 77 12.71 -2.41 0.22
N LYS A 78 12.15 -2.21 -0.98
CA LYS A 78 10.75 -1.88 -1.19
C LYS A 78 9.88 -3.16 -1.09
N LEU A 79 8.67 -3.06 -0.51
CA LEU A 79 7.74 -4.19 -0.41
C LEU A 79 6.76 -4.21 -1.59
N TYR A 80 6.21 -5.38 -1.89
CA TYR A 80 5.30 -5.61 -3.03
C TYR A 80 4.20 -6.65 -2.73
N LEU A 81 3.04 -6.51 -3.37
CA LEU A 81 1.88 -7.39 -3.23
C LEU A 81 1.16 -7.57 -4.57
N CYS A 82 0.47 -8.70 -4.77
CA CYS A 82 -0.36 -8.97 -5.96
C CYS A 82 -1.79 -8.37 -5.85
N VAL A 83 -2.28 -7.74 -6.93
CA VAL A 83 -3.66 -7.25 -7.07
C VAL A 83 -4.17 -7.42 -8.52
N SER A 84 -5.48 -7.29 -8.75
CA SER A 84 -6.12 -7.52 -10.06
C SER A 84 -7.34 -6.60 -10.30
N SER A 85 -7.81 -6.57 -11.55
CA SER A 85 -8.95 -5.78 -12.05
C SER A 85 -9.67 -6.56 -13.20
N PRO A 86 -10.66 -5.98 -13.90
CA PRO A 86 -11.25 -6.59 -15.10
C PRO A 86 -10.29 -6.72 -16.29
N THR A 87 -9.14 -6.02 -16.27
CA THR A 87 -8.19 -5.92 -17.40
C THR A 87 -6.75 -6.26 -17.04
N ILE A 88 -6.40 -6.31 -15.74
CA ILE A 88 -5.04 -6.53 -15.21
C ILE A 88 -5.09 -7.64 -14.16
N LYS A 89 -4.15 -8.59 -14.20
CA LYS A 89 -4.19 -9.83 -13.41
C LYS A 89 -2.85 -10.13 -12.71
N ASP A 90 -2.89 -10.46 -11.42
CA ASP A 90 -1.74 -10.91 -10.60
C ASP A 90 -0.59 -9.86 -10.54
N LYS A 91 -0.94 -8.59 -10.69
CA LYS A 91 -0.01 -7.47 -10.87
C LYS A 91 0.69 -7.08 -9.56
N PRO A 92 2.04 -6.95 -9.53
CA PRO A 92 2.77 -6.51 -8.35
C PRO A 92 2.64 -4.99 -8.16
N VAL A 93 2.05 -4.58 -7.03
CA VAL A 93 1.95 -3.18 -6.58
C VAL A 93 2.89 -2.92 -5.42
N GLN A 94 3.52 -1.74 -5.40
CA GLN A 94 4.52 -1.36 -4.39
C GLN A 94 3.81 -0.94 -3.10
N ILE A 95 4.24 -1.51 -1.96
CA ILE A 95 3.65 -1.30 -0.63
C ILE A 95 4.64 -0.51 0.23
N ARG A 96 4.17 0.54 0.90
CA ARG A 96 4.99 1.49 1.66
C ARG A 96 4.29 1.86 2.98
N PRO A 97 4.47 1.07 4.07
CA PRO A 97 3.93 1.37 5.39
C PRO A 97 4.46 2.70 5.93
N TRP A 98 3.59 3.50 6.55
CA TRP A 98 3.92 4.86 7.00
C TRP A 98 4.67 4.87 8.34
N ASN A 99 5.88 5.42 8.34
CA ASN A 99 6.71 5.66 9.53
C ASN A 99 7.83 6.69 9.24
N LEU A 100 8.34 7.36 10.29
CA LEU A 100 9.41 8.37 10.20
C LEU A 100 10.80 7.73 10.22
N SER A 101 11.75 8.36 9.53
CA SER A 101 13.12 7.85 9.37
C SER A 101 13.98 7.90 10.67
N ASP A 102 13.45 8.48 11.75
CA ASP A 102 14.01 8.42 13.10
C ASP A 102 13.86 7.02 13.73
N SER A 103 13.02 6.15 13.16
CA SER A 103 12.70 4.80 13.65
C SER A 103 12.98 3.67 12.63
N ASP A 104 13.40 3.99 11.40
CA ASP A 104 13.66 3.05 10.29
C ASP A 104 14.59 3.69 9.24
N PHE A 105 15.53 2.92 8.72
CA PHE A 105 16.39 3.32 7.59
C PHE A 105 15.59 3.44 6.28
N VAL A 106 16.13 4.15 5.29
CA VAL A 106 15.50 4.40 3.99
C VAL A 106 16.55 4.66 2.90
N MET A 107 16.28 4.14 1.70
CA MET A 107 17.19 4.07 0.53
C MET A 107 16.64 4.80 -0.70
N ASP A 108 15.53 5.54 -0.56
CA ASP A 108 14.75 6.14 -1.64
C ASP A 108 14.10 7.45 -1.16
N SER A 109 14.36 8.56 -1.88
CA SER A 109 13.96 9.95 -1.54
C SER A 109 14.65 10.55 -0.30
N GLY A 110 15.42 9.75 0.45
CA GLY A 110 16.20 10.16 1.63
C GLY A 110 15.38 10.23 2.93
N PRO A 111 16.05 10.38 4.10
CA PRO A 111 15.41 10.45 5.42
C PRO A 111 14.44 11.62 5.58
N SER A 112 13.37 11.41 6.34
CA SER A 112 12.44 12.46 6.78
C SER A 112 13.05 13.40 7.84
N SER A 113 14.23 13.06 8.37
CA SER A 113 14.91 13.76 9.47
C SER A 113 15.61 15.07 9.07
N GLY A 114 15.70 15.37 7.75
CA GLY A 114 16.33 16.59 7.20
C GLY A 114 16.31 16.64 5.68
N GLY A 1 20.86 -2.20 15.15
CA GLY A 1 19.49 -2.10 14.60
C GLY A 1 18.45 -1.95 15.71
N SER A 2 17.31 -1.35 15.39
CA SER A 2 16.18 -1.09 16.30
C SER A 2 14.90 -0.75 15.52
N SER A 3 13.80 -0.44 16.21
CA SER A 3 12.49 -0.08 15.65
C SER A 3 11.84 1.07 16.46
N GLY A 4 11.38 2.12 15.77
CA GLY A 4 10.78 3.32 16.38
C GLY A 4 9.26 3.20 16.59
N SER A 5 8.72 4.05 17.46
CA SER A 5 7.29 4.18 17.76
C SER A 5 6.54 5.13 16.80
N SER A 6 7.23 5.68 15.80
CA SER A 6 6.75 6.67 14.83
C SER A 6 5.93 6.09 13.64
N GLY A 7 5.71 4.76 13.61
CA GLY A 7 4.90 4.08 12.59
C GLY A 7 3.40 4.41 12.66
N SER A 8 2.65 4.00 11.64
CA SER A 8 1.23 4.34 11.46
C SER A 8 0.43 3.19 10.83
N ARG A 9 -0.91 3.22 10.99
CA ARG A 9 -1.85 2.33 10.29
C ARG A 9 -2.09 2.74 8.82
N LYS A 10 -1.56 3.89 8.40
CA LYS A 10 -1.52 4.30 7.00
C LYS A 10 -0.50 3.45 6.20
N VAL A 11 -0.85 3.03 4.98
CA VAL A 11 0.04 2.30 4.06
C VAL A 11 -0.16 2.80 2.63
N PHE A 12 0.91 3.33 2.02
CA PHE A 12 0.93 3.71 0.60
C PHE A 12 0.94 2.46 -0.29
N VAL A 13 0.18 2.49 -1.39
CA VAL A 13 0.15 1.45 -2.44
C VAL A 13 0.28 2.11 -3.80
N GLY A 14 1.33 1.76 -4.55
CA GLY A 14 1.64 2.31 -5.88
C GLY A 14 1.60 1.25 -6.98
N GLY A 15 1.21 1.65 -8.20
CA GLY A 15 1.14 0.80 -9.39
C GLY A 15 -0.22 0.13 -9.60
N LEU A 16 -1.28 0.66 -8.99
CA LEU A 16 -2.67 0.19 -9.10
C LEU A 16 -3.12 0.13 -10.58
N PRO A 17 -3.90 -0.89 -10.99
CA PRO A 17 -4.48 -0.98 -12.35
C PRO A 17 -5.26 0.30 -12.74
N PRO A 18 -5.31 0.67 -14.03
CA PRO A 18 -5.88 1.93 -14.50
C PRO A 18 -7.43 1.97 -14.49
N ASP A 19 -8.09 0.94 -13.96
CA ASP A 19 -9.55 0.77 -13.96
C ASP A 19 -10.09 0.22 -12.61
N ILE A 20 -9.29 0.28 -11.54
CA ILE A 20 -9.67 -0.21 -10.20
C ILE A 20 -10.27 0.93 -9.34
N ASP A 21 -11.35 0.63 -8.60
CA ASP A 21 -12.08 1.60 -7.77
C ASP A 21 -11.90 1.37 -6.26
N GLU A 22 -12.37 2.32 -5.45
CA GLU A 22 -12.22 2.36 -3.99
C GLU A 22 -12.56 1.02 -3.30
N ASP A 23 -13.67 0.37 -3.69
CA ASP A 23 -14.18 -0.84 -3.05
C ASP A 23 -13.42 -2.10 -3.49
N GLU A 24 -12.83 -2.07 -4.69
CA GLU A 24 -11.91 -3.11 -5.17
C GLU A 24 -10.52 -2.97 -4.54
N ILE A 25 -10.03 -1.75 -4.32
CA ILE A 25 -8.80 -1.50 -3.55
C ILE A 25 -9.02 -1.94 -2.09
N THR A 26 -10.21 -1.69 -1.53
CA THR A 26 -10.60 -2.18 -0.20
C THR A 26 -10.62 -3.69 -0.17
N ALA A 27 -11.32 -4.35 -1.11
CA ALA A 27 -11.36 -5.82 -1.17
C ALA A 27 -9.98 -6.45 -1.42
N SER A 28 -9.08 -5.76 -2.13
CA SER A 28 -7.70 -6.19 -2.36
C SER A 28 -6.82 -6.19 -1.10
N PHE A 29 -7.25 -5.55 0.01
CA PHE A 29 -6.51 -5.54 1.28
C PHE A 29 -7.38 -5.92 2.49
N ARG A 30 -8.69 -6.14 2.31
CA ARG A 30 -9.63 -6.61 3.35
C ARG A 30 -9.24 -7.98 3.93
N ARG A 31 -8.47 -8.78 3.18
CA ARG A 31 -7.83 -10.03 3.61
C ARG A 31 -6.89 -9.90 4.84
N PHE A 32 -6.51 -8.67 5.22
CA PHE A 32 -5.68 -8.37 6.39
C PHE A 32 -6.46 -7.83 7.60
N GLY A 33 -7.77 -7.56 7.44
CA GLY A 33 -8.63 -6.87 8.40
C GLY A 33 -9.31 -5.63 7.80
N PRO A 34 -10.25 -4.99 8.52
CA PRO A 34 -11.02 -3.86 8.02
C PRO A 34 -10.16 -2.60 7.86
N LEU A 35 -10.55 -1.74 6.91
CA LEU A 35 -9.81 -0.57 6.44
C LEU A 35 -10.70 0.43 5.68
N VAL A 36 -10.13 1.60 5.34
CA VAL A 36 -10.69 2.59 4.41
C VAL A 36 -9.57 3.06 3.44
N VAL A 37 -9.93 3.60 2.28
CA VAL A 37 -8.99 3.94 1.19
C VAL A 37 -9.18 5.38 0.72
N ASP A 38 -8.07 6.10 0.54
CA ASP A 38 -8.00 7.54 0.24
C ASP A 38 -6.82 7.88 -0.70
N TRP A 39 -6.82 9.06 -1.31
CA TRP A 39 -5.77 9.55 -2.22
C TRP A 39 -5.75 11.10 -2.32
N PRO A 40 -4.63 11.71 -2.74
CA PRO A 40 -4.51 13.17 -2.85
C PRO A 40 -5.47 13.76 -3.87
N HIS A 41 -5.88 15.02 -3.63
CA HIS A 41 -6.75 15.83 -4.53
C HIS A 41 -8.19 15.27 -4.70
N LYS A 42 -8.60 14.31 -3.86
CA LYS A 42 -9.93 13.66 -3.90
C LYS A 42 -11.07 14.62 -3.49
N ALA A 43 -10.72 15.75 -2.90
CA ALA A 43 -11.57 16.90 -2.62
C ALA A 43 -12.12 17.59 -3.88
N GLU A 44 -11.46 17.42 -5.04
CA GLU A 44 -11.88 17.94 -6.35
C GLU A 44 -12.03 16.80 -7.38
N SER A 45 -11.11 15.82 -7.38
CA SER A 45 -11.23 14.57 -8.13
C SER A 45 -12.06 13.54 -7.32
N LYS A 46 -13.32 13.88 -7.06
CA LYS A 46 -14.24 13.18 -6.15
C LYS A 46 -14.78 11.84 -6.69
N SER A 47 -14.41 11.45 -7.90
CA SER A 47 -14.71 10.16 -8.53
C SER A 47 -14.22 8.95 -7.70
N TYR A 48 -14.79 7.77 -7.96
CA TYR A 48 -14.58 6.56 -7.15
C TYR A 48 -13.23 5.83 -7.36
N PHE A 49 -12.33 6.42 -8.16
CA PHE A 49 -11.08 5.81 -8.64
C PHE A 49 -9.89 6.75 -8.35
N PRO A 50 -8.71 6.24 -7.93
CA PRO A 50 -7.50 7.06 -7.77
C PRO A 50 -7.00 7.54 -9.14
N PRO A 51 -6.87 8.86 -9.37
CA PRO A 51 -6.56 9.43 -10.69
C PRO A 51 -5.05 9.48 -10.99
N LYS A 52 -4.24 8.74 -10.24
CA LYS A 52 -2.77 8.81 -10.27
C LYS A 52 -2.05 7.45 -10.26
N GLY A 53 -2.79 6.33 -10.19
CA GLY A 53 -2.23 4.97 -10.10
C GLY A 53 -1.69 4.58 -8.72
N TYR A 54 -2.04 5.33 -7.68
CA TYR A 54 -1.64 5.07 -6.28
C TYR A 54 -2.68 5.55 -5.26
N ALA A 55 -2.67 4.97 -4.06
CA ALA A 55 -3.59 5.27 -2.96
C ALA A 55 -2.94 4.98 -1.60
N PHE A 56 -3.63 5.44 -0.54
CA PHE A 56 -3.29 5.22 0.86
C PHE A 56 -4.40 4.41 1.53
N LEU A 57 -4.03 3.22 2.01
CA LEU A 57 -4.85 2.38 2.88
C LEU A 57 -4.74 2.89 4.31
N LEU A 58 -5.84 2.88 5.05
CA LEU A 58 -5.92 3.15 6.48
C LEU A 58 -6.58 1.95 7.16
N PHE A 59 -5.79 1.10 7.82
CA PHE A 59 -6.30 -0.07 8.55
C PHE A 59 -6.85 0.32 9.93
N GLN A 60 -7.75 -0.51 10.48
CA GLN A 60 -8.33 -0.28 11.81
C GLN A 60 -7.43 -0.79 12.95
N GLU A 61 -6.44 -1.65 12.66
CA GLU A 61 -5.47 -2.20 13.62
C GLU A 61 -4.08 -2.28 13.00
N GLU A 62 -3.03 -1.99 13.78
CA GLU A 62 -1.63 -2.14 13.35
C GLU A 62 -1.30 -3.60 12.97
N SER A 63 -1.94 -4.57 13.62
CA SER A 63 -1.84 -5.99 13.31
C SER A 63 -2.21 -6.31 11.85
N SER A 64 -3.07 -5.51 11.21
CA SER A 64 -3.40 -5.65 9.79
C SER A 64 -2.26 -5.17 8.87
N VAL A 65 -1.46 -4.19 9.33
CA VAL A 65 -0.27 -3.74 8.59
C VAL A 65 0.84 -4.78 8.72
N GLN A 66 1.00 -5.40 9.90
CA GLN A 66 1.95 -6.51 10.08
C GLN A 66 1.52 -7.76 9.29
N ALA A 67 0.22 -8.06 9.22
CA ALA A 67 -0.30 -9.16 8.37
C ALA A 67 -0.04 -8.90 6.88
N LEU A 68 -0.14 -7.66 6.42
CA LEU A 68 0.25 -7.25 5.08
C LEU A 68 1.76 -7.43 4.87
N ILE A 69 2.60 -6.96 5.80
CA ILE A 69 4.07 -7.14 5.75
C ILE A 69 4.45 -8.62 5.65
N ASP A 70 3.78 -9.49 6.42
CA ASP A 70 4.00 -10.94 6.44
C ASP A 70 3.57 -11.65 5.14
N ALA A 71 2.73 -11.01 4.32
CA ALA A 71 2.31 -11.49 3.01
C ALA A 71 3.08 -10.86 1.84
N CYS A 72 3.82 -9.78 2.07
CA CYS A 72 4.57 -9.06 1.04
C CYS A 72 5.88 -9.76 0.62
N LEU A 73 6.25 -9.53 -0.65
CA LEU A 73 7.57 -9.79 -1.21
C LEU A 73 8.44 -8.55 -0.96
N GLU A 74 9.72 -8.60 -1.32
CA GLU A 74 10.69 -7.53 -1.03
C GLU A 74 11.74 -7.40 -2.15
N GLU A 75 12.06 -6.15 -2.53
CA GLU A 75 13.06 -5.81 -3.55
C GLU A 75 13.56 -4.37 -3.33
N ASP A 76 14.89 -4.19 -3.22
CA ASP A 76 15.58 -2.91 -2.99
C ASP A 76 15.16 -2.19 -1.69
N GLY A 77 14.65 -2.95 -0.71
CA GLY A 77 14.13 -2.46 0.58
C GLY A 77 12.66 -2.04 0.55
N LYS A 78 12.02 -2.06 -0.63
CA LYS A 78 10.59 -1.80 -0.81
C LYS A 78 9.80 -3.12 -0.83
N LEU A 79 8.56 -3.11 -0.33
CA LEU A 79 7.67 -4.28 -0.29
C LEU A 79 6.75 -4.33 -1.52
N TYR A 80 6.23 -5.51 -1.85
CA TYR A 80 5.34 -5.74 -3.00
C TYR A 80 4.25 -6.80 -2.72
N LEU A 81 3.08 -6.64 -3.34
CA LEU A 81 1.93 -7.55 -3.23
C LEU A 81 1.24 -7.70 -4.60
N CYS A 82 0.42 -8.74 -4.79
CA CYS A 82 -0.36 -8.98 -6.00
C CYS A 82 -1.83 -8.50 -5.87
N VAL A 83 -2.37 -7.94 -6.95
CA VAL A 83 -3.77 -7.47 -7.09
C VAL A 83 -4.26 -7.66 -8.54
N SER A 84 -5.57 -7.49 -8.81
CA SER A 84 -6.18 -7.66 -10.15
C SER A 84 -7.39 -6.73 -10.37
N SER A 85 -7.86 -6.66 -11.61
CA SER A 85 -8.95 -5.81 -12.12
C SER A 85 -9.63 -6.50 -13.33
N PRO A 86 -10.72 -5.97 -13.94
CA PRO A 86 -11.45 -6.66 -15.01
C PRO A 86 -10.60 -7.03 -16.24
N THR A 87 -9.58 -6.23 -16.56
CA THR A 87 -8.72 -6.37 -17.75
C THR A 87 -7.24 -6.60 -17.43
N ILE A 88 -6.88 -6.64 -16.15
CA ILE A 88 -5.49 -6.67 -15.64
C ILE A 88 -5.39 -7.72 -14.52
N LYS A 89 -4.52 -8.70 -14.70
CA LYS A 89 -4.46 -9.91 -13.86
C LYS A 89 -3.07 -10.13 -13.26
N ASP A 90 -3.02 -10.45 -11.96
CA ASP A 90 -1.78 -10.78 -11.21
C ASP A 90 -0.75 -9.63 -11.20
N LYS A 91 -1.24 -8.38 -11.25
CA LYS A 91 -0.44 -7.16 -11.20
C LYS A 91 0.33 -7.04 -9.86
N PRO A 92 1.65 -6.80 -9.87
CA PRO A 92 2.40 -6.46 -8.67
C PRO A 92 2.20 -4.97 -8.36
N VAL A 93 2.02 -4.65 -7.08
CA VAL A 93 1.89 -3.30 -6.55
C VAL A 93 2.87 -3.08 -5.40
N GLN A 94 3.50 -1.90 -5.40
CA GLN A 94 4.51 -1.50 -4.41
C GLN A 94 3.82 -1.07 -3.12
N ILE A 95 4.24 -1.64 -1.99
CA ILE A 95 3.66 -1.43 -0.66
C ILE A 95 4.68 -0.68 0.21
N ARG A 96 4.23 0.36 0.91
CA ARG A 96 5.08 1.23 1.73
C ARG A 96 4.34 1.63 3.02
N PRO A 97 4.51 0.87 4.12
CA PRO A 97 3.97 1.22 5.43
C PRO A 97 4.48 2.59 5.89
N TRP A 98 3.56 3.44 6.38
CA TRP A 98 3.85 4.85 6.65
C TRP A 98 4.50 5.10 8.02
N ASN A 99 5.19 6.23 8.14
CA ASN A 99 5.93 6.66 9.33
C ASN A 99 5.96 8.19 9.45
N LEU A 100 5.72 8.71 10.65
CA LEU A 100 5.62 10.15 10.95
C LEU A 100 7.02 10.72 11.22
N SER A 101 7.59 11.40 10.23
CA SER A 101 8.96 11.92 10.24
C SER A 101 9.15 12.98 9.13
N ASP A 102 10.36 13.53 9.00
CA ASP A 102 10.73 14.58 8.02
C ASP A 102 10.90 14.06 6.58
N SER A 103 10.77 12.75 6.37
CA SER A 103 10.84 12.08 5.07
C SER A 103 10.15 10.70 5.10
N ASP A 104 9.44 10.36 4.04
CA ASP A 104 8.71 9.10 3.83
C ASP A 104 9.48 8.06 3.00
N PHE A 105 10.71 8.40 2.58
CA PHE A 105 11.61 7.55 1.79
C PHE A 105 12.01 6.26 2.52
N VAL A 106 12.25 5.19 1.74
CA VAL A 106 12.62 3.85 2.21
C VAL A 106 13.23 3.02 1.07
N MET A 107 14.48 2.58 1.27
CA MET A 107 15.27 1.70 0.40
C MET A 107 16.41 1.03 1.20
N ASP A 108 16.92 -0.10 0.70
CA ASP A 108 18.04 -0.86 1.25
C ASP A 108 18.85 -1.53 0.11
N SER A 109 20.18 -1.47 0.20
CA SER A 109 21.12 -2.00 -0.79
C SER A 109 22.55 -2.08 -0.23
N GLY A 110 23.45 -2.79 -0.93
CA GLY A 110 24.85 -3.01 -0.55
C GLY A 110 25.07 -4.21 0.40
N PRO A 111 26.33 -4.54 0.73
CA PRO A 111 26.69 -5.67 1.58
C PRO A 111 26.43 -5.38 3.06
N SER A 112 26.18 -6.43 3.84
CA SER A 112 25.89 -6.34 5.29
C SER A 112 27.14 -5.98 6.15
N SER A 113 28.32 -5.89 5.54
CA SER A 113 29.60 -5.62 6.22
C SER A 113 29.82 -4.14 6.59
N GLY A 114 28.95 -3.22 6.14
CA GLY A 114 29.01 -1.78 6.42
C GLY A 114 27.88 -0.99 5.76
N GLY A 1 13.70 0.01 12.83
CA GLY A 1 13.67 -1.26 13.58
C GLY A 1 12.96 -2.35 12.79
N SER A 2 13.41 -3.60 12.91
CA SER A 2 12.91 -4.74 12.11
C SER A 2 11.73 -5.50 12.75
N SER A 3 11.29 -5.10 13.95
CA SER A 3 10.27 -5.79 14.76
C SER A 3 9.68 -4.88 15.86
N GLY A 4 8.65 -5.35 16.56
CA GLY A 4 8.00 -4.68 17.70
C GLY A 4 6.77 -3.85 17.32
N SER A 5 6.68 -3.37 16.08
CA SER A 5 5.55 -2.61 15.53
C SER A 5 5.63 -2.49 14.00
N SER A 6 4.52 -2.12 13.36
CA SER A 6 4.38 -1.91 11.91
C SER A 6 4.52 -0.42 11.48
N GLY A 7 4.95 0.44 12.40
CA GLY A 7 5.19 1.88 12.18
C GLY A 7 3.92 2.72 12.32
N SER A 8 2.91 2.43 11.50
CA SER A 8 1.65 3.19 11.41
C SER A 8 0.53 2.36 10.77
N ARG A 9 -0.73 2.77 11.00
CA ARG A 9 -1.93 2.21 10.34
C ARG A 9 -2.13 2.74 8.92
N LYS A 10 -1.42 3.82 8.54
CA LYS A 10 -1.37 4.35 7.17
C LYS A 10 -0.37 3.55 6.31
N VAL A 11 -0.77 3.17 5.09
CA VAL A 11 0.09 2.41 4.14
C VAL A 11 -0.11 2.94 2.71
N PHE A 12 0.97 3.37 2.06
CA PHE A 12 0.99 3.73 0.64
C PHE A 12 0.93 2.49 -0.26
N VAL A 13 0.23 2.58 -1.39
CA VAL A 13 0.18 1.57 -2.46
C VAL A 13 0.36 2.24 -3.81
N GLY A 14 1.31 1.75 -4.62
CA GLY A 14 1.63 2.27 -5.96
C GLY A 14 1.64 1.19 -7.05
N GLY A 15 1.23 1.54 -8.26
CA GLY A 15 1.19 0.66 -9.44
C GLY A 15 -0.19 0.03 -9.72
N LEU A 16 -1.26 0.56 -9.11
CA LEU A 16 -2.64 0.07 -9.24
C LEU A 16 -3.11 0.11 -10.72
N PRO A 17 -3.89 -0.90 -11.18
CA PRO A 17 -4.45 -0.93 -12.54
C PRO A 17 -5.26 0.31 -12.93
N PRO A 18 -5.39 0.62 -14.24
CA PRO A 18 -6.14 1.78 -14.74
C PRO A 18 -7.68 1.58 -14.73
N ASP A 19 -8.17 0.44 -14.23
CA ASP A 19 -9.59 0.06 -14.21
C ASP A 19 -10.00 -0.60 -12.87
N ILE A 20 -9.39 -0.12 -11.78
CA ILE A 20 -9.73 -0.48 -10.39
C ILE A 20 -10.29 0.74 -9.64
N ASP A 21 -10.96 0.53 -8.52
CA ASP A 21 -11.70 1.55 -7.77
C ASP A 21 -11.67 1.32 -6.26
N GLU A 22 -12.16 2.31 -5.49
CA GLU A 22 -12.17 2.33 -4.02
C GLU A 22 -12.59 1.00 -3.37
N ASP A 23 -13.68 0.37 -3.84
CA ASP A 23 -14.25 -0.84 -3.22
C ASP A 23 -13.48 -2.11 -3.62
N GLU A 24 -12.88 -2.12 -4.81
CA GLU A 24 -11.96 -3.17 -5.26
C GLU A 24 -10.60 -3.07 -4.55
N ILE A 25 -10.10 -1.86 -4.31
CA ILE A 25 -8.88 -1.63 -3.50
C ILE A 25 -9.15 -2.05 -2.04
N THR A 26 -10.34 -1.75 -1.52
CA THR A 26 -10.77 -2.23 -0.19
C THR A 26 -10.79 -3.75 -0.15
N ALA A 27 -11.46 -4.41 -1.09
CA ALA A 27 -11.50 -5.88 -1.15
C ALA A 27 -10.10 -6.51 -1.37
N SER A 28 -9.21 -5.82 -2.07
CA SER A 28 -7.82 -6.24 -2.29
C SER A 28 -6.93 -6.20 -1.03
N PHE A 29 -7.36 -5.53 0.05
CA PHE A 29 -6.63 -5.48 1.33
C PHE A 29 -7.49 -5.87 2.55
N ARG A 30 -8.79 -6.11 2.36
CA ARG A 30 -9.72 -6.59 3.41
C ARG A 30 -9.31 -7.95 4.01
N ARG A 31 -8.53 -8.75 3.27
CA ARG A 31 -7.87 -9.98 3.71
C ARG A 31 -6.94 -9.83 4.95
N PHE A 32 -6.60 -8.59 5.33
CA PHE A 32 -5.78 -8.28 6.52
C PHE A 32 -6.58 -7.72 7.71
N GLY A 33 -7.89 -7.49 7.52
CA GLY A 33 -8.77 -6.79 8.46
C GLY A 33 -9.44 -5.56 7.84
N PRO A 34 -10.39 -4.91 8.53
CA PRO A 34 -11.14 -3.76 8.02
C PRO A 34 -10.27 -2.52 7.89
N LEU A 35 -10.65 -1.65 6.93
CA LEU A 35 -9.86 -0.49 6.47
C LEU A 35 -10.72 0.54 5.73
N VAL A 36 -10.12 1.69 5.41
CA VAL A 36 -10.64 2.72 4.50
C VAL A 36 -9.56 3.10 3.47
N VAL A 37 -9.97 3.52 2.28
CA VAL A 37 -9.09 3.86 1.14
C VAL A 37 -9.23 5.34 0.79
N ASP A 38 -8.10 6.02 0.58
CA ASP A 38 -7.98 7.48 0.44
C ASP A 38 -6.85 7.88 -0.53
N TRP A 39 -6.87 9.12 -1.02
CA TRP A 39 -5.87 9.71 -1.93
C TRP A 39 -5.99 11.24 -2.01
N PRO A 40 -4.96 11.97 -2.51
CA PRO A 40 -5.02 13.42 -2.71
C PRO A 40 -6.20 13.86 -3.59
N HIS A 41 -6.79 15.01 -3.24
CA HIS A 41 -7.92 15.66 -3.96
C HIS A 41 -9.28 14.92 -3.85
N LYS A 42 -9.37 13.82 -3.08
CA LYS A 42 -10.59 13.02 -2.91
C LYS A 42 -11.69 13.76 -2.13
N ALA A 43 -11.29 14.78 -1.37
CA ALA A 43 -12.15 15.73 -0.65
C ALA A 43 -12.75 16.83 -1.55
N GLU A 44 -12.31 16.93 -2.82
CA GLU A 44 -12.62 18.04 -3.74
C GLU A 44 -13.00 17.54 -5.17
N SER A 45 -13.25 16.25 -5.32
CA SER A 45 -13.52 15.58 -6.60
C SER A 45 -14.39 14.32 -6.40
N LYS A 46 -15.22 14.01 -7.41
CA LYS A 46 -16.12 12.85 -7.41
C LYS A 46 -15.44 11.54 -7.86
N SER A 47 -14.17 11.58 -8.28
CA SER A 47 -13.43 10.42 -8.81
C SER A 47 -13.20 9.32 -7.74
N TYR A 48 -13.79 8.13 -7.97
CA TYR A 48 -13.68 6.95 -7.10
C TYR A 48 -12.61 5.93 -7.58
N PHE A 49 -11.75 6.36 -8.51
CA PHE A 49 -10.61 5.63 -9.06
C PHE A 49 -9.28 6.20 -8.50
N PRO A 50 -8.22 5.38 -8.30
CA PRO A 50 -6.95 5.84 -7.75
C PRO A 50 -6.23 6.78 -8.73
N PRO A 51 -5.82 8.00 -8.32
CA PRO A 51 -5.19 8.97 -9.19
C PRO A 51 -3.78 8.50 -9.57
N LYS A 52 -3.47 8.51 -10.87
CA LYS A 52 -2.16 8.15 -11.44
C LYS A 52 -1.69 6.71 -11.11
N GLY A 53 -2.58 5.86 -10.58
CA GLY A 53 -2.28 4.47 -10.18
C GLY A 53 -1.71 4.34 -8.75
N TYR A 54 -2.03 5.25 -7.84
CA TYR A 54 -1.63 5.14 -6.42
C TYR A 54 -2.75 5.51 -5.43
N ALA A 55 -2.62 5.02 -4.19
CA ALA A 55 -3.57 5.22 -3.09
C ALA A 55 -2.90 5.05 -1.72
N PHE A 56 -3.62 5.46 -0.68
CA PHE A 56 -3.29 5.23 0.73
C PHE A 56 -4.41 4.42 1.39
N LEU A 57 -4.00 3.41 2.17
CA LEU A 57 -4.86 2.58 3.00
C LEU A 57 -4.70 3.03 4.46
N LEU A 58 -5.80 3.08 5.20
CA LEU A 58 -5.82 3.26 6.66
C LEU A 58 -6.54 2.04 7.24
N PHE A 59 -5.83 1.19 7.98
CA PHE A 59 -6.39 -0.01 8.62
C PHE A 59 -6.93 0.31 10.02
N GLN A 60 -7.87 -0.51 10.51
CA GLN A 60 -8.45 -0.35 11.86
C GLN A 60 -7.41 -0.55 12.97
N GLU A 61 -6.46 -1.48 12.79
CA GLU A 61 -5.50 -1.92 13.79
C GLU A 61 -4.13 -2.15 13.16
N GLU A 62 -3.06 -1.85 13.92
CA GLU A 62 -1.68 -1.95 13.48
C GLU A 62 -1.29 -3.39 13.07
N SER A 63 -1.90 -4.37 13.72
CA SER A 63 -1.76 -5.80 13.41
C SER A 63 -2.22 -6.16 11.98
N SER A 64 -3.13 -5.39 11.38
CA SER A 64 -3.51 -5.55 9.97
C SER A 64 -2.37 -5.11 9.03
N VAL A 65 -1.55 -4.14 9.43
CA VAL A 65 -0.38 -3.70 8.66
C VAL A 65 0.77 -4.70 8.83
N GLN A 66 0.92 -5.31 10.01
CA GLN A 66 1.87 -6.41 10.22
C GLN A 66 1.46 -7.66 9.42
N ALA A 67 0.16 -7.96 9.33
CA ALA A 67 -0.36 -9.04 8.48
C ALA A 67 -0.11 -8.78 6.98
N LEU A 68 -0.22 -7.52 6.54
CA LEU A 68 0.17 -7.12 5.19
C LEU A 68 1.68 -7.32 4.98
N ILE A 69 2.52 -6.85 5.91
CA ILE A 69 3.99 -7.04 5.87
C ILE A 69 4.35 -8.53 5.78
N ASP A 70 3.67 -9.39 6.53
CA ASP A 70 3.89 -10.85 6.54
C ASP A 70 3.45 -11.55 5.24
N ALA A 71 2.58 -10.91 4.44
CA ALA A 71 2.15 -11.38 3.12
C ALA A 71 2.95 -10.76 1.96
N CYS A 72 3.70 -9.68 2.21
CA CYS A 72 4.44 -8.96 1.18
C CYS A 72 5.72 -9.68 0.70
N LEU A 73 6.01 -9.49 -0.59
CA LEU A 73 7.29 -9.79 -1.22
C LEU A 73 8.22 -8.57 -1.02
N GLU A 74 9.43 -8.61 -1.54
CA GLU A 74 10.42 -7.53 -1.37
C GLU A 74 11.33 -7.39 -2.60
N GLU A 75 11.60 -6.14 -3.00
CA GLU A 75 12.44 -5.77 -4.13
C GLU A 75 12.97 -4.35 -3.93
N ASP A 76 14.29 -4.14 -4.09
CA ASP A 76 15.02 -2.89 -3.77
C ASP A 76 14.89 -2.46 -2.28
N GLY A 77 14.48 -3.39 -1.40
CA GLY A 77 14.15 -3.13 0.00
C GLY A 77 12.72 -2.61 0.21
N LYS A 78 11.97 -2.35 -0.86
CA LYS A 78 10.56 -1.95 -0.85
C LYS A 78 9.66 -3.20 -0.88
N LEU A 79 8.49 -3.14 -0.25
CA LEU A 79 7.56 -4.27 -0.19
C LEU A 79 6.63 -4.29 -1.42
N TYR A 80 6.08 -5.46 -1.73
CA TYR A 80 5.22 -5.69 -2.90
C TYR A 80 4.10 -6.72 -2.63
N LEU A 81 2.95 -6.59 -3.29
CA LEU A 81 1.78 -7.47 -3.13
C LEU A 81 1.06 -7.68 -4.46
N CYS A 82 0.36 -8.80 -4.64
CA CYS A 82 -0.44 -9.12 -5.83
C CYS A 82 -1.87 -8.54 -5.76
N VAL A 83 -2.33 -7.93 -6.85
CA VAL A 83 -3.71 -7.44 -7.07
C VAL A 83 -4.12 -7.58 -8.55
N SER A 84 -5.41 -7.44 -8.88
CA SER A 84 -5.94 -7.57 -10.26
C SER A 84 -7.18 -6.69 -10.50
N SER A 85 -7.56 -6.53 -11.77
CA SER A 85 -8.73 -5.79 -12.26
C SER A 85 -9.43 -6.58 -13.40
N PRO A 86 -10.48 -6.03 -14.06
CA PRO A 86 -11.08 -6.64 -15.26
C PRO A 86 -10.13 -6.69 -16.47
N THR A 87 -9.02 -5.93 -16.46
CA THR A 87 -8.11 -5.76 -17.61
C THR A 87 -6.66 -6.14 -17.31
N ILE A 88 -6.23 -6.12 -16.05
CA ILE A 88 -4.85 -6.40 -15.61
C ILE A 88 -4.86 -7.49 -14.54
N LYS A 89 -3.99 -8.49 -14.69
CA LYS A 89 -4.00 -9.72 -13.89
C LYS A 89 -2.64 -9.96 -13.21
N ASP A 90 -2.66 -10.33 -11.92
CA ASP A 90 -1.48 -10.71 -11.11
C ASP A 90 -0.46 -9.57 -10.96
N LYS A 91 -0.92 -8.31 -11.02
CA LYS A 91 -0.08 -7.11 -10.91
C LYS A 91 0.64 -7.05 -9.53
N PRO A 92 1.98 -6.87 -9.51
CA PRO A 92 2.71 -6.60 -8.29
C PRO A 92 2.64 -5.09 -8.01
N VAL A 93 1.92 -4.70 -6.96
CA VAL A 93 1.83 -3.31 -6.48
C VAL A 93 2.82 -3.08 -5.35
N GLN A 94 3.53 -1.96 -5.40
CA GLN A 94 4.51 -1.55 -4.38
C GLN A 94 3.77 -1.09 -3.12
N ILE A 95 4.22 -1.54 -1.95
CA ILE A 95 3.64 -1.27 -0.64
C ILE A 95 4.68 -0.54 0.21
N ARG A 96 4.30 0.54 0.90
CA ARG A 96 5.15 1.29 1.83
C ARG A 96 4.36 1.68 3.09
N PRO A 97 4.49 0.93 4.21
CA PRO A 97 3.96 1.32 5.51
C PRO A 97 4.56 2.66 5.94
N TRP A 98 3.72 3.57 6.44
CA TRP A 98 4.12 4.93 6.80
C TRP A 98 4.93 4.97 8.12
N ASN A 99 5.85 5.94 8.23
CA ASN A 99 6.72 6.07 9.40
C ASN A 99 6.01 6.73 10.60
N LEU A 100 5.87 8.07 10.60
CA LEU A 100 5.29 8.90 11.67
C LEU A 100 4.67 10.18 11.10
N SER A 101 3.95 10.94 11.92
CA SER A 101 3.47 12.29 11.58
C SER A 101 4.60 13.34 11.49
N ASP A 102 5.81 13.02 11.99
CA ASP A 102 7.05 13.79 11.89
C ASP A 102 8.24 12.86 12.17
N SER A 103 9.24 12.86 11.27
CA SER A 103 10.39 11.94 11.29
C SER A 103 11.53 12.40 10.37
N ASP A 104 12.76 11.98 10.67
CA ASP A 104 13.99 12.39 9.95
C ASP A 104 14.29 11.53 8.70
N PHE A 105 13.45 10.52 8.42
CA PHE A 105 13.65 9.53 7.37
C PHE A 105 12.31 8.96 6.87
N VAL A 106 12.32 8.47 5.62
CA VAL A 106 11.24 7.78 4.92
C VAL A 106 11.86 7.00 3.75
N MET A 107 11.42 5.76 3.55
CA MET A 107 12.04 4.84 2.57
C MET A 107 11.67 5.23 1.13
N ASP A 108 12.69 5.41 0.29
CA ASP A 108 12.57 5.73 -1.15
C ASP A 108 13.87 5.45 -1.94
N SER A 109 15.03 5.63 -1.33
CA SER A 109 16.35 5.60 -2.00
C SER A 109 16.84 4.20 -2.45
N GLY A 110 16.10 3.13 -2.15
CA GLY A 110 16.45 1.75 -2.50
C GLY A 110 17.29 1.04 -1.41
N PRO A 111 18.03 -0.04 -1.75
CA PRO A 111 18.72 -0.88 -0.78
C PRO A 111 20.03 -0.24 -0.31
N SER A 112 20.44 -0.57 0.92
CA SER A 112 21.67 -0.07 1.57
C SER A 112 22.04 -0.92 2.81
N SER A 113 23.22 -0.70 3.38
CA SER A 113 23.78 -1.42 4.53
C SER A 113 24.97 -0.66 5.15
N GLY A 114 25.30 -0.97 6.41
CA GLY A 114 26.39 -0.33 7.18
C GLY A 114 26.57 -0.94 8.57
N GLY A 1 15.43 -2.94 25.65
CA GLY A 1 14.56 -3.38 24.56
C GLY A 1 13.08 -3.29 24.94
N SER A 2 12.24 -2.83 24.03
CA SER A 2 10.80 -2.56 24.27
C SER A 2 9.96 -2.83 23.01
N SER A 3 8.68 -3.17 23.18
CA SER A 3 7.77 -3.56 22.08
C SER A 3 7.15 -2.39 21.30
N GLY A 4 7.42 -1.14 21.73
CA GLY A 4 6.90 0.10 21.11
C GLY A 4 7.66 0.52 19.86
N SER A 5 7.06 1.44 19.09
CA SER A 5 7.58 1.93 17.80
C SER A 5 6.85 3.23 17.35
N SER A 6 7.42 3.93 16.37
CA SER A 6 6.86 5.17 15.78
C SER A 6 6.32 4.92 14.38
N GLY A 7 5.14 5.49 14.06
CA GLY A 7 4.45 5.33 12.78
C GLY A 7 2.94 5.50 12.87
N SER A 8 2.23 5.02 11.85
CA SER A 8 0.77 5.09 11.73
C SER A 8 0.20 3.89 10.95
N ARG A 9 -1.12 3.67 11.05
CA ARG A 9 -1.85 2.61 10.31
C ARG A 9 -2.10 2.93 8.83
N LYS A 10 -1.61 4.08 8.35
CA LYS A 10 -1.59 4.44 6.93
C LYS A 10 -0.59 3.56 6.15
N VAL A 11 -0.96 3.11 4.94
CA VAL A 11 -0.08 2.34 4.04
C VAL A 11 -0.27 2.83 2.60
N PHE A 12 0.80 3.34 1.99
CA PHE A 12 0.86 3.68 0.57
C PHE A 12 0.80 2.41 -0.30
N VAL A 13 0.05 2.45 -1.40
CA VAL A 13 0.01 1.41 -2.44
C VAL A 13 0.12 2.07 -3.81
N GLY A 14 1.19 1.76 -4.55
CA GLY A 14 1.52 2.35 -5.85
C GLY A 14 1.54 1.35 -7.00
N GLY A 15 1.10 1.77 -8.18
CA GLY A 15 1.06 0.95 -9.41
C GLY A 15 -0.28 0.25 -9.64
N LEU A 16 -1.37 0.77 -9.08
CA LEU A 16 -2.74 0.23 -9.21
C LEU A 16 -3.17 0.17 -10.69
N PRO A 17 -3.90 -0.90 -11.13
CA PRO A 17 -4.42 -1.00 -12.50
C PRO A 17 -5.28 0.19 -12.94
N PRO A 18 -5.39 0.47 -14.26
CA PRO A 18 -6.06 1.66 -14.79
C PRO A 18 -7.60 1.60 -14.76
N ASP A 19 -8.19 0.53 -14.20
CA ASP A 19 -9.65 0.30 -14.16
C ASP A 19 -10.12 -0.31 -12.82
N ILE A 20 -9.38 -0.06 -11.73
CA ILE A 20 -9.73 -0.47 -10.36
C ILE A 20 -10.32 0.70 -9.57
N ASP A 21 -11.29 0.44 -8.69
CA ASP A 21 -12.01 1.45 -7.90
C ASP A 21 -11.90 1.21 -6.39
N GLU A 22 -12.36 2.19 -5.60
CA GLU A 22 -12.30 2.23 -4.14
C GLU A 22 -12.72 0.92 -3.45
N ASP A 23 -13.82 0.28 -3.89
CA ASP A 23 -14.34 -0.93 -3.26
C ASP A 23 -13.53 -2.19 -3.62
N GLU A 24 -12.89 -2.19 -4.79
CA GLU A 24 -11.95 -3.23 -5.21
C GLU A 24 -10.58 -3.06 -4.55
N ILE A 25 -10.11 -1.81 -4.35
CA ILE A 25 -8.90 -1.54 -3.57
C ILE A 25 -9.12 -1.93 -2.10
N THR A 26 -10.32 -1.73 -1.57
CA THR A 26 -10.72 -2.21 -0.23
C THR A 26 -10.73 -3.73 -0.20
N ALA A 27 -11.42 -4.39 -1.13
CA ALA A 27 -11.46 -5.86 -1.18
C ALA A 27 -10.07 -6.49 -1.40
N SER A 28 -9.18 -5.81 -2.11
CA SER A 28 -7.78 -6.23 -2.34
C SER A 28 -6.91 -6.21 -1.08
N PHE A 29 -7.34 -5.55 0.01
CA PHE A 29 -6.61 -5.53 1.28
C PHE A 29 -7.47 -5.90 2.51
N ARG A 30 -8.78 -6.14 2.32
CA ARG A 30 -9.69 -6.63 3.35
C ARG A 30 -9.30 -8.00 3.92
N ARG A 31 -8.51 -8.78 3.17
CA ARG A 31 -7.85 -10.03 3.58
C ARG A 31 -6.91 -9.89 4.80
N PHE A 32 -6.55 -8.67 5.21
CA PHE A 32 -5.72 -8.37 6.38
C PHE A 32 -6.52 -7.83 7.59
N GLY A 33 -7.82 -7.57 7.42
CA GLY A 33 -8.69 -6.90 8.39
C GLY A 33 -9.39 -5.67 7.79
N PRO A 34 -10.35 -5.05 8.50
CA PRO A 34 -11.12 -3.91 8.01
C PRO A 34 -10.26 -2.65 7.87
N LEU A 35 -10.65 -1.78 6.92
CA LEU A 35 -9.88 -0.62 6.47
C LEU A 35 -10.78 0.40 5.72
N VAL A 36 -10.20 1.57 5.40
CA VAL A 36 -10.76 2.58 4.49
C VAL A 36 -9.67 3.04 3.52
N VAL A 37 -10.04 3.58 2.35
CA VAL A 37 -9.13 3.90 1.23
C VAL A 37 -9.29 5.37 0.81
N ASP A 38 -8.15 6.06 0.61
CA ASP A 38 -8.05 7.50 0.34
C ASP A 38 -6.96 7.80 -0.71
N TRP A 39 -6.99 9.00 -1.30
CA TRP A 39 -5.95 9.52 -2.21
C TRP A 39 -6.04 11.06 -2.36
N PRO A 40 -4.94 11.74 -2.73
CA PRO A 40 -4.93 13.19 -2.95
C PRO A 40 -5.99 13.63 -3.96
N HIS A 41 -6.74 14.68 -3.58
CA HIS A 41 -7.84 15.33 -4.33
C HIS A 41 -9.20 14.59 -4.24
N LYS A 42 -9.33 13.52 -3.44
CA LYS A 42 -10.63 12.87 -3.16
C LYS A 42 -11.60 13.82 -2.42
N ALA A 43 -11.04 14.78 -1.67
CA ALA A 43 -11.73 15.89 -1.01
C ALA A 43 -12.30 16.95 -1.98
N GLU A 44 -11.99 16.87 -3.28
CA GLU A 44 -12.27 17.89 -4.29
C GLU A 44 -12.82 17.29 -5.62
N SER A 45 -13.19 16.01 -5.62
CA SER A 45 -13.61 15.26 -6.82
C SER A 45 -14.58 14.13 -6.49
N LYS A 46 -15.52 13.85 -7.40
CA LYS A 46 -16.50 12.76 -7.30
C LYS A 46 -15.93 11.39 -7.75
N SER A 47 -14.74 11.35 -8.35
CA SER A 47 -14.12 10.13 -8.88
C SER A 47 -13.76 9.11 -7.79
N TYR A 48 -14.36 7.92 -7.84
CA TYR A 48 -14.10 6.78 -6.94
C TYR A 48 -13.07 5.78 -7.49
N PHE A 49 -12.32 6.19 -8.52
CA PHE A 49 -11.14 5.54 -9.08
C PHE A 49 -9.91 6.44 -8.79
N PRO A 50 -8.73 5.91 -8.43
CA PRO A 50 -7.55 6.70 -8.10
C PRO A 50 -7.01 7.39 -9.38
N PRO A 51 -6.98 8.75 -9.43
CA PRO A 51 -6.64 9.49 -10.64
C PRO A 51 -5.12 9.69 -10.82
N LYS A 52 -4.31 8.92 -10.09
CA LYS A 52 -2.85 9.07 -9.99
C LYS A 52 -2.08 7.73 -10.05
N GLY A 53 -2.78 6.58 -10.11
CA GLY A 53 -2.18 5.24 -10.10
C GLY A 53 -1.74 4.74 -8.72
N TYR A 54 -2.15 5.42 -7.65
CA TYR A 54 -1.79 5.08 -6.26
C TYR A 54 -2.89 5.47 -5.25
N ALA A 55 -2.84 4.87 -4.06
CA ALA A 55 -3.77 5.10 -2.95
C ALA A 55 -3.07 4.94 -1.59
N PHE A 56 -3.74 5.44 -0.55
CA PHE A 56 -3.39 5.26 0.86
C PHE A 56 -4.50 4.47 1.55
N LEU A 57 -4.15 3.27 2.02
CA LEU A 57 -4.98 2.45 2.89
C LEU A 57 -4.83 2.95 4.33
N LEU A 58 -5.93 2.93 5.09
CA LEU A 58 -5.97 3.17 6.53
C LEU A 58 -6.62 1.94 7.18
N PHE A 59 -5.84 1.13 7.90
CA PHE A 59 -6.34 -0.09 8.56
C PHE A 59 -6.91 0.22 9.95
N GLN A 60 -7.80 -0.64 10.44
CA GLN A 60 -8.43 -0.50 11.76
C GLN A 60 -7.49 -0.85 12.93
N GLU A 61 -6.50 -1.73 12.71
CA GLU A 61 -5.56 -2.22 13.72
C GLU A 61 -4.16 -2.39 13.12
N GLU A 62 -3.13 -2.15 13.94
CA GLU A 62 -1.72 -2.25 13.54
C GLU A 62 -1.33 -3.69 13.15
N SER A 63 -2.00 -4.69 13.74
CA SER A 63 -1.87 -6.09 13.36
C SER A 63 -2.31 -6.37 11.92
N SER A 64 -3.20 -5.57 11.33
CA SER A 64 -3.56 -5.66 9.91
C SER A 64 -2.45 -5.13 9.00
N VAL A 65 -1.72 -4.09 9.44
CA VAL A 65 -0.53 -3.58 8.73
C VAL A 65 0.60 -4.61 8.79
N GLN A 66 0.79 -5.26 9.95
CA GLN A 66 1.79 -6.32 10.09
C GLN A 66 1.42 -7.57 9.27
N ALA A 67 0.14 -7.97 9.23
CA ALA A 67 -0.32 -9.08 8.39
C ALA A 67 -0.07 -8.82 6.90
N LEU A 68 -0.20 -7.56 6.44
CA LEU A 68 0.20 -7.15 5.10
C LEU A 68 1.72 -7.29 4.90
N ILE A 69 2.53 -6.79 5.84
CA ILE A 69 4.00 -6.93 5.79
C ILE A 69 4.43 -8.41 5.70
N ASP A 70 3.79 -9.29 6.48
CA ASP A 70 4.02 -10.74 6.48
C ASP A 70 3.54 -11.45 5.19
N ALA A 71 2.72 -10.79 4.36
CA ALA A 71 2.29 -11.29 3.05
C ALA A 71 3.06 -10.67 1.87
N CYS A 72 3.80 -9.57 2.10
CA CYS A 72 4.53 -8.86 1.05
C CYS A 72 5.80 -9.61 0.59
N LEU A 73 6.07 -9.47 -0.71
CA LEU A 73 7.35 -9.80 -1.35
C LEU A 73 8.30 -8.61 -1.13
N GLU A 74 9.56 -8.74 -1.55
CA GLU A 74 10.58 -7.72 -1.37
C GLU A 74 11.55 -7.66 -2.57
N GLU A 75 11.92 -6.45 -2.97
CA GLU A 75 12.88 -6.18 -4.05
C GLU A 75 13.51 -4.79 -3.87
N ASP A 76 14.84 -4.75 -3.82
CA ASP A 76 15.67 -3.52 -3.71
C ASP A 76 15.41 -2.70 -2.43
N GLY A 77 14.87 -3.36 -1.39
CA GLY A 77 14.49 -2.76 -0.11
C GLY A 77 13.05 -2.25 -0.04
N LYS A 78 12.30 -2.33 -1.14
CA LYS A 78 10.85 -2.00 -1.19
C LYS A 78 10.00 -3.28 -1.11
N LEU A 79 8.79 -3.17 -0.54
CA LEU A 79 7.83 -4.28 -0.43
C LEU A 79 6.81 -4.24 -1.60
N TYR A 80 6.27 -5.41 -1.95
CA TYR A 80 5.31 -5.58 -3.04
C TYR A 80 4.21 -6.61 -2.74
N LEU A 81 3.03 -6.44 -3.34
CA LEU A 81 1.88 -7.36 -3.26
C LEU A 81 1.23 -7.47 -4.65
N CYS A 82 0.32 -8.43 -4.83
CA CYS A 82 -0.45 -8.65 -6.05
C CYS A 82 -1.93 -8.19 -5.92
N VAL A 83 -2.48 -7.61 -6.99
CA VAL A 83 -3.89 -7.15 -7.13
C VAL A 83 -4.39 -7.36 -8.56
N SER A 84 -5.68 -7.17 -8.83
CA SER A 84 -6.29 -7.41 -10.15
C SER A 84 -7.46 -6.46 -10.48
N SER A 85 -7.80 -6.36 -11.77
CA SER A 85 -8.91 -5.56 -12.32
C SER A 85 -9.50 -6.23 -13.59
N PRO A 86 -10.54 -5.65 -14.22
CA PRO A 86 -11.03 -6.09 -15.54
C PRO A 86 -10.02 -5.90 -16.68
N THR A 87 -8.95 -5.11 -16.47
CA THR A 87 -7.94 -4.79 -17.48
C THR A 87 -6.60 -5.50 -17.23
N ILE A 88 -6.23 -5.76 -15.97
CA ILE A 88 -4.95 -6.41 -15.60
C ILE A 88 -5.19 -7.50 -14.55
N LYS A 89 -4.71 -8.72 -14.82
CA LYS A 89 -4.65 -9.82 -13.85
C LYS A 89 -3.26 -9.91 -13.19
N ASP A 90 -3.23 -10.05 -11.86
CA ASP A 90 -2.02 -10.31 -11.04
C ASP A 90 -0.97 -9.18 -11.15
N LYS A 91 -1.43 -7.93 -11.29
CA LYS A 91 -0.58 -6.73 -11.23
C LYS A 91 0.22 -6.69 -9.91
N PRO A 92 1.55 -6.48 -9.94
CA PRO A 92 2.35 -6.21 -8.76
C PRO A 92 2.22 -4.72 -8.40
N VAL A 93 2.08 -4.44 -7.11
CA VAL A 93 1.94 -3.09 -6.56
C VAL A 93 2.94 -2.87 -5.41
N GLN A 94 3.60 -1.71 -5.40
CA GLN A 94 4.55 -1.33 -4.35
C GLN A 94 3.79 -0.97 -3.08
N ILE A 95 4.21 -1.53 -1.94
CA ILE A 95 3.60 -1.29 -0.62
C ILE A 95 4.61 -0.54 0.25
N ARG A 96 4.18 0.56 0.88
CA ARG A 96 5.02 1.38 1.77
C ARG A 96 4.23 1.79 3.04
N PRO A 97 4.29 1.00 4.13
CA PRO A 97 3.69 1.34 5.41
C PRO A 97 4.29 2.64 5.98
N TRP A 98 3.47 3.43 6.68
CA TRP A 98 3.85 4.73 7.23
C TRP A 98 4.58 4.59 8.59
N ASN A 99 5.63 3.78 8.60
CA ASN A 99 6.54 3.62 9.74
C ASN A 99 7.52 4.81 9.81
N LEU A 100 7.75 5.33 11.02
CA LEU A 100 8.55 6.53 11.31
C LEU A 100 9.69 6.24 12.31
N SER A 101 10.05 4.97 12.50
CA SER A 101 11.13 4.52 13.39
C SER A 101 12.50 4.49 12.66
N ASP A 102 13.60 4.40 13.42
CA ASP A 102 14.97 4.36 12.92
C ASP A 102 15.92 3.69 13.94
N SER A 103 16.47 2.52 13.58
CA SER A 103 17.35 1.71 14.43
C SER A 103 18.32 0.83 13.60
N ASP A 104 17.79 0.03 12.67
CA ASP A 104 18.52 -0.95 11.86
C ASP A 104 17.62 -1.47 10.71
N PHE A 105 18.21 -1.66 9.53
CA PHE A 105 17.53 -2.05 8.29
C PHE A 105 18.36 -3.06 7.47
N VAL A 106 17.68 -3.84 6.62
CA VAL A 106 18.24 -4.98 5.86
C VAL A 106 17.32 -5.32 4.68
N MET A 107 17.88 -5.95 3.64
CA MET A 107 17.18 -6.35 2.40
C MET A 107 17.77 -7.63 1.82
N ASP A 108 16.91 -8.51 1.30
CA ASP A 108 17.29 -9.87 0.87
C ASP A 108 17.88 -9.92 -0.56
N SER A 109 17.50 -9.00 -1.44
CA SER A 109 17.94 -8.94 -2.85
C SER A 109 17.64 -7.60 -3.53
N GLY A 110 18.52 -7.20 -4.46
CA GLY A 110 18.37 -6.03 -5.34
C GLY A 110 18.08 -6.45 -6.80
N PRO A 111 18.62 -5.75 -7.81
CA PRO A 111 18.49 -6.13 -9.22
C PRO A 111 19.31 -7.39 -9.54
N SER A 112 18.93 -8.09 -10.61
CA SER A 112 19.49 -9.40 -10.99
C SER A 112 20.91 -9.34 -11.60
N SER A 113 21.47 -8.14 -11.81
CA SER A 113 22.79 -7.88 -12.39
C SER A 113 23.26 -6.45 -12.10
N GLY A 114 24.56 -6.18 -12.25
CA GLY A 114 25.21 -4.88 -11.99
C GLY A 114 26.70 -4.87 -12.34
N GLY A 1 14.36 -8.67 4.55
CA GLY A 1 15.38 -8.33 5.57
C GLY A 1 14.82 -8.44 6.97
N SER A 2 15.68 -8.60 7.98
CA SER A 2 15.29 -8.73 9.39
C SER A 2 14.54 -7.48 9.90
N SER A 3 13.25 -7.62 10.24
CA SER A 3 12.33 -6.52 10.53
C SER A 3 11.01 -7.02 11.17
N GLY A 4 10.21 -6.09 11.71
CA GLY A 4 8.91 -6.37 12.34
C GLY A 4 8.24 -5.11 12.90
N SER A 5 7.00 -5.27 13.37
CA SER A 5 6.11 -4.20 13.84
C SER A 5 5.59 -3.32 12.67
N SER A 6 5.11 -2.12 12.96
CA SER A 6 4.56 -1.15 11.99
C SER A 6 4.58 0.28 12.56
N GLY A 7 4.89 1.28 11.71
CA GLY A 7 5.01 2.69 12.12
C GLY A 7 3.68 3.44 12.21
N SER A 8 2.62 2.89 11.62
CA SER A 8 1.28 3.48 11.51
C SER A 8 0.24 2.45 11.02
N ARG A 9 -1.04 2.86 11.03
CA ARG A 9 -2.15 2.15 10.37
C ARG A 9 -2.36 2.62 8.92
N LYS A 10 -1.69 3.69 8.51
CA LYS A 10 -1.66 4.21 7.13
C LYS A 10 -0.62 3.45 6.28
N VAL A 11 -0.97 3.10 5.03
CA VAL A 11 -0.08 2.40 4.08
C VAL A 11 -0.30 2.92 2.66
N PHE A 12 0.74 3.45 2.02
CA PHE A 12 0.72 3.82 0.60
C PHE A 12 0.80 2.57 -0.29
N VAL A 13 0.07 2.59 -1.40
CA VAL A 13 0.10 1.55 -2.45
C VAL A 13 0.24 2.22 -3.82
N GLY A 14 1.25 1.81 -4.59
CA GLY A 14 1.56 2.35 -5.93
C GLY A 14 1.58 1.29 -7.02
N GLY A 15 1.19 1.66 -8.25
CA GLY A 15 1.17 0.79 -9.43
C GLY A 15 -0.17 0.10 -9.68
N LEU A 16 -1.27 0.62 -9.12
CA LEU A 16 -2.63 0.10 -9.26
C LEU A 16 -3.08 0.05 -10.75
N PRO A 17 -3.85 -0.98 -11.18
CA PRO A 17 -4.39 -1.08 -12.53
C PRO A 17 -5.22 0.16 -12.95
N PRO A 18 -5.31 0.46 -14.26
CA PRO A 18 -5.96 1.66 -14.78
C PRO A 18 -7.51 1.61 -14.76
N ASP A 19 -8.12 0.54 -14.24
CA ASP A 19 -9.58 0.34 -14.19
C ASP A 19 -10.05 -0.31 -12.87
N ILE A 20 -9.27 -0.13 -11.79
CA ILE A 20 -9.65 -0.50 -10.42
C ILE A 20 -10.28 0.71 -9.69
N ASP A 21 -11.00 0.46 -8.60
CA ASP A 21 -11.75 1.48 -7.84
C ASP A 21 -11.70 1.23 -6.33
N GLU A 22 -12.17 2.20 -5.55
CA GLU A 22 -12.10 2.25 -4.08
C GLU A 22 -12.56 0.95 -3.38
N ASP A 23 -13.65 0.33 -3.84
CA ASP A 23 -14.21 -0.88 -3.22
C ASP A 23 -13.45 -2.15 -3.62
N GLU A 24 -12.82 -2.15 -4.80
CA GLU A 24 -11.90 -3.21 -5.23
C GLU A 24 -10.52 -3.08 -4.55
N ILE A 25 -10.04 -1.86 -4.31
CA ILE A 25 -8.83 -1.61 -3.51
C ILE A 25 -9.08 -2.03 -2.05
N THR A 26 -10.30 -1.80 -1.53
CA THR A 26 -10.73 -2.30 -0.22
C THR A 26 -10.75 -3.83 -0.21
N ALA A 27 -11.40 -4.48 -1.16
CA ALA A 27 -11.42 -5.94 -1.28
C ALA A 27 -10.02 -6.55 -1.47
N SER A 28 -9.11 -5.82 -2.13
CA SER A 28 -7.71 -6.23 -2.34
C SER A 28 -6.85 -6.22 -1.07
N PHE A 29 -7.30 -5.60 0.04
CA PHE A 29 -6.57 -5.57 1.31
C PHE A 29 -7.43 -5.95 2.54
N ARG A 30 -8.73 -6.22 2.35
CA ARG A 30 -9.63 -6.74 3.40
C ARG A 30 -9.18 -8.09 3.98
N ARG A 31 -8.37 -8.85 3.21
CA ARG A 31 -7.66 -10.07 3.63
C ARG A 31 -6.70 -9.89 4.83
N PHE A 32 -6.41 -8.65 5.25
CA PHE A 32 -5.60 -8.32 6.43
C PHE A 32 -6.41 -7.77 7.61
N GLY A 33 -7.73 -7.61 7.46
CA GLY A 33 -8.64 -6.99 8.42
C GLY A 33 -9.35 -5.74 7.86
N PRO A 34 -10.28 -5.12 8.62
CA PRO A 34 -11.05 -3.96 8.17
C PRO A 34 -10.18 -2.74 7.89
N LEU A 35 -10.61 -1.92 6.92
CA LEU A 35 -9.89 -0.74 6.44
C LEU A 35 -10.81 0.24 5.69
N VAL A 36 -10.28 1.43 5.39
CA VAL A 36 -10.85 2.42 4.46
C VAL A 36 -9.76 2.89 3.49
N VAL A 37 -10.14 3.42 2.33
CA VAL A 37 -9.23 3.80 1.23
C VAL A 37 -9.44 5.26 0.84
N ASP A 38 -8.34 6.00 0.66
CA ASP A 38 -8.30 7.46 0.49
C ASP A 38 -7.07 7.89 -0.35
N TRP A 39 -7.07 9.13 -0.85
CA TRP A 39 -5.99 9.71 -1.66
C TRP A 39 -6.10 11.25 -1.77
N PRO A 40 -5.03 11.97 -2.16
CA PRO A 40 -5.04 13.42 -2.34
C PRO A 40 -6.10 13.91 -3.33
N HIS A 41 -6.62 15.12 -3.10
CA HIS A 41 -7.59 15.85 -3.96
C HIS A 41 -9.03 15.29 -3.91
N LYS A 42 -9.26 14.16 -3.22
CA LYS A 42 -10.57 13.48 -3.13
C LYS A 42 -11.61 14.30 -2.34
N ALA A 43 -11.11 15.22 -1.50
CA ALA A 43 -11.85 16.20 -0.72
C ALA A 43 -12.13 17.52 -1.48
N GLU A 44 -11.50 17.73 -2.65
CA GLU A 44 -11.64 18.93 -3.49
C GLU A 44 -12.36 18.62 -4.82
N SER A 45 -12.41 17.35 -5.23
CA SER A 45 -13.15 16.85 -6.40
C SER A 45 -13.59 15.40 -6.14
N LYS A 46 -14.90 15.12 -6.26
CA LYS A 46 -15.48 13.81 -5.94
C LYS A 46 -15.01 12.72 -6.93
N SER A 47 -14.48 11.62 -6.41
CA SER A 47 -14.00 10.47 -7.20
C SER A 47 -13.87 9.22 -6.32
N TYR A 48 -13.89 8.04 -6.96
CA TYR A 48 -13.70 6.71 -6.37
C TYR A 48 -12.74 5.83 -7.19
N PHE A 49 -11.94 6.44 -8.08
CA PHE A 49 -10.86 5.82 -8.85
C PHE A 49 -9.49 6.41 -8.42
N PRO A 50 -8.43 5.59 -8.28
CA PRO A 50 -7.14 6.03 -7.73
C PRO A 50 -6.42 6.99 -8.70
N PRO A 51 -5.94 8.16 -8.24
CA PRO A 51 -5.24 9.13 -9.08
C PRO A 51 -3.84 8.63 -9.42
N LYS A 52 -3.48 8.67 -10.71
CA LYS A 52 -2.15 8.34 -11.23
C LYS A 52 -1.68 6.89 -10.92
N GLY A 53 -2.58 6.02 -10.48
CA GLY A 53 -2.30 4.62 -10.11
C GLY A 53 -1.79 4.42 -8.67
N TYR A 54 -2.14 5.31 -7.73
CA TYR A 54 -1.78 5.16 -6.31
C TYR A 54 -2.93 5.49 -5.33
N ALA A 55 -2.82 4.97 -4.10
CA ALA A 55 -3.78 5.18 -3.01
C ALA A 55 -3.12 4.99 -1.64
N PHE A 56 -3.82 5.43 -0.59
CA PHE A 56 -3.49 5.20 0.81
C PHE A 56 -4.59 4.36 1.48
N LEU A 57 -4.18 3.22 2.03
CA LEU A 57 -4.98 2.37 2.90
C LEU A 57 -4.87 2.86 4.34
N LEU A 58 -5.98 2.83 5.07
CA LEU A 58 -6.06 3.09 6.51
C LEU A 58 -6.73 1.88 7.16
N PHE A 59 -5.96 1.06 7.90
CA PHE A 59 -6.46 -0.14 8.57
C PHE A 59 -7.05 0.17 9.95
N GLN A 60 -7.89 -0.75 10.45
CA GLN A 60 -8.50 -0.65 11.79
C GLN A 60 -7.45 -0.79 12.90
N GLU A 61 -6.42 -1.63 12.72
CA GLU A 61 -5.43 -2.02 13.72
C GLU A 61 -4.05 -2.15 13.08
N GLU A 62 -2.99 -1.79 13.82
CA GLU A 62 -1.61 -1.85 13.31
C GLU A 62 -1.17 -3.28 12.99
N SER A 63 -1.73 -4.28 13.67
CA SER A 63 -1.53 -5.70 13.36
C SER A 63 -1.98 -6.09 11.94
N SER A 64 -2.90 -5.35 11.32
CA SER A 64 -3.26 -5.54 9.91
C SER A 64 -2.14 -5.08 8.96
N VAL A 65 -1.32 -4.10 9.37
CA VAL A 65 -0.18 -3.62 8.59
C VAL A 65 1.00 -4.58 8.73
N GLN A 66 1.21 -5.17 9.91
CA GLN A 66 2.17 -6.27 10.09
C GLN A 66 1.74 -7.51 9.31
N ALA A 67 0.45 -7.85 9.29
CA ALA A 67 -0.08 -8.97 8.48
C ALA A 67 0.15 -8.75 6.98
N LEU A 68 0.02 -7.50 6.50
CA LEU A 68 0.38 -7.13 5.13
C LEU A 68 1.88 -7.28 4.89
N ILE A 69 2.73 -6.78 5.80
CA ILE A 69 4.20 -6.92 5.72
C ILE A 69 4.61 -8.40 5.65
N ASP A 70 3.97 -9.27 6.43
CA ASP A 70 4.22 -10.71 6.47
C ASP A 70 3.79 -11.46 5.19
N ALA A 71 2.93 -10.84 4.37
CA ALA A 71 2.49 -11.35 3.07
C ALA A 71 3.22 -10.70 1.87
N CYS A 72 3.93 -9.59 2.08
CA CYS A 72 4.66 -8.88 1.04
C CYS A 72 5.94 -9.59 0.58
N LEU A 73 6.25 -9.44 -0.71
CA LEU A 73 7.53 -9.76 -1.32
C LEU A 73 8.47 -8.56 -1.10
N GLU A 74 9.75 -8.70 -1.44
CA GLU A 74 10.78 -7.69 -1.20
C GLU A 74 11.80 -7.62 -2.35
N GLU A 75 12.09 -6.40 -2.81
CA GLU A 75 13.04 -6.10 -3.88
C GLU A 75 13.72 -4.75 -3.59
N ASP A 76 15.05 -4.76 -3.42
CA ASP A 76 15.90 -3.60 -3.06
C ASP A 76 15.61 -3.02 -1.65
N GLY A 77 14.82 -3.74 -0.84
CA GLY A 77 14.28 -3.28 0.46
C GLY A 77 12.88 -2.66 0.35
N LYS A 78 12.37 -2.43 -0.86
CA LYS A 78 10.97 -2.03 -1.12
C LYS A 78 10.05 -3.26 -1.05
N LEU A 79 8.84 -3.12 -0.52
CA LEU A 79 7.87 -4.22 -0.40
C LEU A 79 6.84 -4.21 -1.55
N TYR A 80 6.31 -5.38 -1.89
CA TYR A 80 5.33 -5.56 -2.98
C TYR A 80 4.25 -6.61 -2.66
N LEU A 81 3.05 -6.40 -3.17
CA LEU A 81 1.91 -7.34 -3.17
C LEU A 81 1.35 -7.41 -4.60
N CYS A 82 0.19 -8.05 -4.81
CA CYS A 82 -0.47 -8.15 -6.12
C CYS A 82 -2.01 -8.02 -6.03
N VAL A 83 -2.61 -7.50 -7.11
CA VAL A 83 -4.03 -7.08 -7.22
C VAL A 83 -4.52 -7.23 -8.67
N SER A 84 -5.83 -7.12 -8.93
CA SER A 84 -6.42 -7.34 -10.27
C SER A 84 -7.60 -6.41 -10.58
N SER A 85 -7.94 -6.28 -11.86
CA SER A 85 -9.03 -5.45 -12.42
C SER A 85 -9.63 -6.11 -13.69
N PRO A 86 -10.66 -5.51 -14.33
CA PRO A 86 -11.14 -5.94 -15.64
C PRO A 86 -10.13 -5.76 -16.79
N THR A 87 -9.05 -5.00 -16.57
CA THR A 87 -8.01 -4.69 -17.57
C THR A 87 -6.70 -5.43 -17.32
N ILE A 88 -6.32 -5.69 -16.07
CA ILE A 88 -5.06 -6.36 -15.69
C ILE A 88 -5.31 -7.44 -14.63
N LYS A 89 -4.85 -8.67 -14.89
CA LYS A 89 -4.82 -9.77 -13.92
C LYS A 89 -3.44 -9.89 -13.25
N ASP A 90 -3.43 -9.97 -11.91
CA ASP A 90 -2.24 -10.23 -11.07
C ASP A 90 -1.14 -9.17 -11.24
N LYS A 91 -1.54 -7.90 -11.40
CA LYS A 91 -0.66 -6.73 -11.35
C LYS A 91 0.12 -6.70 -10.01
N PRO A 92 1.47 -6.62 -10.01
CA PRO A 92 2.25 -6.37 -8.80
C PRO A 92 2.15 -4.89 -8.43
N VAL A 93 2.12 -4.60 -7.13
CA VAL A 93 1.94 -3.24 -6.58
C VAL A 93 2.91 -3.00 -5.43
N GLN A 94 3.55 -1.83 -5.41
CA GLN A 94 4.52 -1.44 -4.40
C GLN A 94 3.79 -1.01 -3.11
N ILE A 95 4.24 -1.50 -1.97
CA ILE A 95 3.61 -1.28 -0.65
C ILE A 95 4.61 -0.50 0.22
N ARG A 96 4.13 0.57 0.87
CA ARG A 96 4.94 1.49 1.67
C ARG A 96 4.19 1.85 2.98
N PRO A 97 4.39 1.08 4.07
CA PRO A 97 3.86 1.39 5.39
C PRO A 97 4.34 2.77 5.86
N TRP A 98 3.43 3.60 6.37
CA TRP A 98 3.72 4.99 6.72
C TRP A 98 4.56 5.11 8.00
N ASN A 99 5.57 5.97 7.94
CA ASN A 99 6.52 6.27 9.02
C ASN A 99 7.28 7.57 8.71
N LEU A 100 7.67 8.32 9.74
CA LEU A 100 8.34 9.62 9.64
C LEU A 100 9.56 9.67 10.60
N SER A 101 10.69 10.17 10.10
CA SER A 101 11.99 10.19 10.79
C SER A 101 12.98 11.14 10.10
N ASP A 102 14.16 11.36 10.71
CA ASP A 102 15.23 12.25 10.22
C ASP A 102 16.16 11.57 9.18
N SER A 103 15.95 10.29 8.90
CA SER A 103 16.75 9.48 7.95
C SER A 103 15.98 8.24 7.44
N ASP A 104 16.49 7.62 6.36
CA ASP A 104 15.88 6.50 5.64
C ASP A 104 16.96 5.81 4.77
N PHE A 105 16.83 4.50 4.55
CA PHE A 105 17.81 3.68 3.84
C PHE A 105 17.96 4.07 2.35
N VAL A 106 19.17 3.90 1.81
CA VAL A 106 19.58 4.32 0.45
C VAL A 106 20.90 3.61 0.07
N MET A 107 21.05 3.26 -1.21
CA MET A 107 22.23 2.58 -1.78
C MET A 107 22.31 2.76 -3.30
N ASP A 108 23.51 2.61 -3.86
CA ASP A 108 23.81 2.75 -5.30
C ASP A 108 25.15 2.10 -5.69
N SER A 109 26.17 2.20 -4.84
CA SER A 109 27.53 1.67 -5.10
C SER A 109 27.65 0.14 -4.97
N GLY A 110 26.58 -0.56 -4.56
CA GLY A 110 26.55 -2.00 -4.30
C GLY A 110 26.90 -2.38 -2.85
N PRO A 111 27.00 -3.69 -2.55
CA PRO A 111 27.20 -4.20 -1.18
C PRO A 111 28.66 -4.14 -0.69
N SER A 112 29.62 -3.86 -1.57
CA SER A 112 31.07 -3.88 -1.27
C SER A 112 31.89 -3.14 -2.34
N SER A 113 33.16 -2.82 -2.04
CA SER A 113 34.11 -2.10 -2.90
C SER A 113 35.56 -2.26 -2.39
N GLY A 114 36.55 -2.14 -3.28
CA GLY A 114 37.98 -2.28 -2.98
C GLY A 114 38.88 -2.00 -4.18
N GLY A 1 7.85 -13.91 14.56
CA GLY A 1 8.61 -12.64 14.58
C GLY A 1 8.81 -12.12 15.99
N SER A 2 9.89 -11.36 16.22
CA SER A 2 10.29 -10.88 17.56
C SER A 2 9.52 -9.63 18.05
N SER A 3 8.73 -8.99 17.18
CA SER A 3 7.93 -7.79 17.47
C SER A 3 6.85 -7.57 16.38
N GLY A 4 5.92 -6.65 16.63
CA GLY A 4 4.83 -6.26 15.71
C GLY A 4 5.14 -5.00 14.90
N SER A 5 4.10 -4.41 14.32
CA SER A 5 4.16 -3.14 13.58
C SER A 5 4.35 -1.93 14.51
N SER A 6 5.16 -0.95 14.08
CA SER A 6 5.57 0.22 14.90
C SER A 6 5.28 1.59 14.24
N GLY A 7 4.76 1.61 13.00
CA GLY A 7 4.39 2.81 12.26
C GLY A 7 2.92 3.21 12.44
N SER A 8 2.41 3.99 11.50
CA SER A 8 1.00 4.37 11.41
C SER A 8 0.12 3.28 10.77
N ARG A 9 -1.19 3.34 10.97
CA ARG A 9 -2.16 2.50 10.25
C ARG A 9 -2.40 2.96 8.80
N LYS A 10 -1.82 4.10 8.39
CA LYS A 10 -1.78 4.52 6.99
C LYS A 10 -0.71 3.72 6.21
N VAL A 11 -1.05 3.23 5.02
CA VAL A 11 -0.14 2.49 4.13
C VAL A 11 -0.34 2.94 2.68
N PHE A 12 0.68 3.53 2.07
CA PHE A 12 0.69 3.87 0.64
C PHE A 12 0.84 2.60 -0.21
N VAL A 13 0.13 2.56 -1.35
CA VAL A 13 0.17 1.48 -2.34
C VAL A 13 0.29 2.09 -3.73
N GLY A 14 1.37 1.76 -4.45
CA GLY A 14 1.69 2.30 -5.79
C GLY A 14 1.68 1.25 -6.89
N GLY A 15 1.25 1.63 -8.09
CA GLY A 15 1.16 0.76 -9.28
C GLY A 15 -0.24 0.19 -9.54
N LEU A 16 -1.28 0.78 -8.94
CA LEU A 16 -2.67 0.33 -9.07
C LEU A 16 -3.15 0.41 -10.55
N PRO A 17 -3.94 -0.57 -11.04
CA PRO A 17 -4.51 -0.55 -12.40
C PRO A 17 -5.32 0.73 -12.72
N PRO A 18 -5.48 1.08 -14.01
CA PRO A 18 -6.24 2.25 -14.45
C PRO A 18 -7.77 2.05 -14.41
N ASP A 19 -8.24 0.88 -13.95
CA ASP A 19 -9.65 0.47 -13.97
C ASP A 19 -10.04 -0.27 -12.66
N ILE A 20 -9.56 0.24 -11.52
CA ILE A 20 -9.85 -0.26 -10.17
C ILE A 20 -10.42 0.87 -9.30
N ASP A 21 -11.38 0.55 -8.43
CA ASP A 21 -12.14 1.49 -7.59
C ASP A 21 -11.98 1.24 -6.09
N GLU A 22 -12.50 2.16 -5.27
CA GLU A 22 -12.41 2.14 -3.80
C GLU A 22 -12.72 0.77 -3.18
N ASP A 23 -13.79 0.10 -3.60
CA ASP A 23 -14.26 -1.15 -2.99
C ASP A 23 -13.42 -2.37 -3.43
N GLU A 24 -12.81 -2.29 -4.61
CA GLU A 24 -11.85 -3.29 -5.09
C GLU A 24 -10.46 -3.11 -4.46
N ILE A 25 -10.02 -1.87 -4.25
CA ILE A 25 -8.79 -1.57 -3.47
C ILE A 25 -8.99 -2.00 -2.01
N THR A 26 -10.21 -1.82 -1.46
CA THR A 26 -10.58 -2.32 -0.13
C THR A 26 -10.56 -3.85 -0.12
N ALA A 27 -11.24 -4.53 -1.04
CA ALA A 27 -11.24 -5.99 -1.11
C ALA A 27 -9.84 -6.59 -1.34
N SER A 28 -8.95 -5.87 -2.03
CA SER A 28 -7.55 -6.25 -2.25
C SER A 28 -6.69 -6.24 -0.98
N PHE A 29 -7.16 -5.61 0.12
CA PHE A 29 -6.43 -5.57 1.40
C PHE A 29 -7.30 -5.94 2.61
N ARG A 30 -8.60 -6.21 2.42
CA ARG A 30 -9.54 -6.69 3.45
C ARG A 30 -9.13 -8.04 4.07
N ARG A 31 -8.32 -8.82 3.34
CA ARG A 31 -7.63 -10.05 3.80
C ARG A 31 -6.72 -9.86 5.02
N PHE A 32 -6.40 -8.62 5.40
CA PHE A 32 -5.60 -8.27 6.59
C PHE A 32 -6.42 -7.74 7.77
N GLY A 33 -7.72 -7.50 7.57
CA GLY A 33 -8.65 -6.87 8.53
C GLY A 33 -9.36 -5.64 7.93
N PRO A 34 -10.31 -5.02 8.66
CA PRO A 34 -11.08 -3.88 8.18
C PRO A 34 -10.20 -2.65 7.88
N LEU A 35 -10.62 -1.85 6.91
CA LEU A 35 -9.90 -0.66 6.42
C LEU A 35 -10.82 0.32 5.65
N VAL A 36 -10.28 1.49 5.32
CA VAL A 36 -10.87 2.46 4.37
C VAL A 36 -9.77 2.98 3.42
N VAL A 37 -10.14 3.49 2.25
CA VAL A 37 -9.21 3.85 1.15
C VAL A 37 -9.42 5.31 0.72
N ASP A 38 -8.31 6.02 0.49
CA ASP A 38 -8.25 7.44 0.12
C ASP A 38 -7.10 7.71 -0.89
N TRP A 39 -7.16 8.83 -1.63
CA TRP A 39 -6.15 9.22 -2.62
C TRP A 39 -6.22 10.74 -2.95
N PRO A 40 -5.18 11.33 -3.58
CA PRO A 40 -5.16 12.75 -3.96
C PRO A 40 -6.31 13.13 -4.89
N HIS A 41 -6.96 14.28 -4.62
CA HIS A 41 -8.08 14.85 -5.41
C HIS A 41 -9.39 14.04 -5.36
N LYS A 42 -9.52 13.06 -4.45
CA LYS A 42 -10.74 12.23 -4.28
C LYS A 42 -11.97 13.06 -3.87
N ALA A 43 -11.72 14.22 -3.25
CA ALA A 43 -12.70 15.20 -2.78
C ALA A 43 -13.15 16.21 -3.85
N GLU A 44 -12.50 16.24 -5.03
CA GLU A 44 -12.69 17.30 -6.05
C GLU A 44 -12.77 16.78 -7.50
N SER A 45 -12.26 15.58 -7.81
CA SER A 45 -12.33 14.98 -9.15
C SER A 45 -13.65 14.23 -9.39
N LYS A 46 -14.21 14.34 -10.60
CA LYS A 46 -15.51 13.76 -10.98
C LYS A 46 -15.40 12.26 -11.34
N SER A 47 -14.89 11.45 -10.41
CA SER A 47 -14.61 10.02 -10.59
C SER A 47 -14.50 9.26 -9.25
N TYR A 48 -14.33 7.94 -9.31
CA TYR A 48 -14.26 7.02 -8.15
C TYR A 48 -13.11 6.00 -8.24
N PHE A 49 -12.05 6.40 -8.96
CA PHE A 49 -10.80 5.66 -9.18
C PHE A 49 -9.59 6.55 -8.77
N PRO A 50 -8.45 5.99 -8.32
CA PRO A 50 -7.26 6.78 -8.00
C PRO A 50 -6.65 7.39 -9.28
N PRO A 51 -6.57 8.72 -9.41
CA PRO A 51 -6.18 9.39 -10.66
C PRO A 51 -4.66 9.56 -10.83
N LYS A 52 -3.89 8.90 -9.96
CA LYS A 52 -2.43 9.02 -9.86
C LYS A 52 -1.67 7.67 -9.99
N GLY A 53 -2.40 6.54 -10.08
CA GLY A 53 -1.83 5.19 -10.06
C GLY A 53 -1.45 4.70 -8.67
N TYR A 54 -1.89 5.39 -7.60
CA TYR A 54 -1.57 5.06 -6.20
C TYR A 54 -2.68 5.52 -5.23
N ALA A 55 -2.72 4.91 -4.04
CA ALA A 55 -3.68 5.22 -2.99
C ALA A 55 -3.09 4.96 -1.59
N PHE A 56 -3.79 5.44 -0.58
CA PHE A 56 -3.49 5.27 0.85
C PHE A 56 -4.60 4.43 1.50
N LEU A 57 -4.20 3.28 2.03
CA LEU A 57 -5.01 2.43 2.89
C LEU A 57 -4.94 2.96 4.32
N LEU A 58 -6.04 2.94 5.05
CA LEU A 58 -6.14 3.21 6.48
C LEU A 58 -6.76 1.98 7.16
N PHE A 59 -5.96 1.19 7.87
CA PHE A 59 -6.43 -0.01 8.57
C PHE A 59 -7.07 0.32 9.92
N GLN A 60 -7.94 -0.57 10.41
CA GLN A 60 -8.66 -0.40 11.69
C GLN A 60 -7.81 -0.78 12.91
N GLU A 61 -6.80 -1.64 12.74
CA GLU A 61 -5.90 -2.11 13.79
C GLU A 61 -4.46 -2.24 13.26
N GLU A 62 -3.48 -1.88 14.07
CA GLU A 62 -2.05 -1.89 13.68
C GLU A 62 -1.59 -3.29 13.25
N SER A 63 -2.12 -4.34 13.86
CA SER A 63 -1.85 -5.75 13.52
C SER A 63 -2.18 -6.08 12.05
N SER A 64 -3.10 -5.34 11.40
CA SER A 64 -3.38 -5.49 9.97
C SER A 64 -2.21 -5.02 9.09
N VAL A 65 -1.42 -4.05 9.57
CA VAL A 65 -0.22 -3.58 8.87
C VAL A 65 0.90 -4.63 8.97
N GLN A 66 1.03 -5.30 10.12
CA GLN A 66 1.98 -6.41 10.28
C GLN A 66 1.56 -7.64 9.49
N ALA A 67 0.25 -7.94 9.41
CA ALA A 67 -0.28 -9.01 8.57
C ALA A 67 0.00 -8.76 7.07
N LEU A 68 -0.09 -7.50 6.64
CA LEU A 68 0.33 -7.08 5.30
C LEU A 68 1.84 -7.27 5.10
N ILE A 69 2.67 -6.79 6.03
CA ILE A 69 4.14 -6.95 6.00
C ILE A 69 4.54 -8.44 5.91
N ASP A 70 3.87 -9.31 6.65
CA ASP A 70 4.10 -10.77 6.66
C ASP A 70 3.68 -11.47 5.36
N ALA A 71 2.83 -10.82 4.54
CA ALA A 71 2.41 -11.30 3.22
C ALA A 71 3.18 -10.64 2.06
N CYS A 72 3.92 -9.56 2.32
CA CYS A 72 4.66 -8.83 1.29
C CYS A 72 5.92 -9.58 0.79
N LEU A 73 6.17 -9.44 -0.52
CA LEU A 73 7.42 -9.78 -1.19
C LEU A 73 8.39 -8.60 -1.00
N GLU A 74 9.63 -8.74 -1.46
CA GLU A 74 10.67 -7.72 -1.30
C GLU A 74 11.62 -7.67 -2.50
N GLU A 75 11.91 -6.46 -2.98
CA GLU A 75 12.77 -6.17 -4.13
C GLU A 75 13.59 -4.89 -3.86
N ASP A 76 14.91 -5.06 -3.71
CA ASP A 76 15.90 -4.02 -3.36
C ASP A 76 15.70 -3.43 -1.93
N GLY A 77 14.84 -4.04 -1.11
CA GLY A 77 14.40 -3.55 0.20
C GLY A 77 13.01 -2.88 0.17
N LYS A 78 12.43 -2.68 -1.02
CA LYS A 78 11.06 -2.18 -1.21
C LYS A 78 10.06 -3.35 -1.12
N LEU A 79 8.93 -3.18 -0.43
CA LEU A 79 7.92 -4.24 -0.28
C LEU A 79 6.91 -4.23 -1.45
N TYR A 80 6.35 -5.40 -1.76
CA TYR A 80 5.38 -5.60 -2.85
C TYR A 80 4.28 -6.61 -2.49
N LEU A 81 3.11 -6.48 -3.13
CA LEU A 81 1.96 -7.37 -3.00
C LEU A 81 1.29 -7.56 -4.37
N CYS A 82 0.51 -8.63 -4.57
CA CYS A 82 -0.20 -8.91 -5.82
C CYS A 82 -1.69 -8.52 -5.74
N VAL A 83 -2.20 -7.88 -6.80
CA VAL A 83 -3.61 -7.43 -6.96
C VAL A 83 -4.06 -7.58 -8.42
N SER A 84 -5.32 -7.26 -8.75
CA SER A 84 -5.90 -7.44 -10.10
C SER A 84 -7.15 -6.57 -10.35
N SER A 85 -7.63 -6.56 -11.59
CA SER A 85 -8.72 -5.70 -12.10
C SER A 85 -9.40 -6.36 -13.33
N PRO A 86 -10.43 -5.75 -13.96
CA PRO A 86 -11.07 -6.30 -15.14
C PRO A 86 -10.16 -6.41 -16.37
N THR A 87 -9.11 -5.57 -16.45
CA THR A 87 -8.21 -5.46 -17.62
C THR A 87 -6.77 -5.84 -17.31
N ILE A 88 -6.28 -5.58 -16.10
CA ILE A 88 -4.89 -5.86 -15.67
C ILE A 88 -4.88 -6.98 -14.62
N LYS A 89 -4.07 -8.00 -14.86
CA LYS A 89 -4.07 -9.28 -14.12
C LYS A 89 -2.70 -9.55 -13.45
N ASP A 90 -2.75 -10.13 -12.23
CA ASP A 90 -1.55 -10.56 -11.46
C ASP A 90 -0.53 -9.41 -11.24
N LYS A 91 -1.03 -8.18 -11.10
CA LYS A 91 -0.22 -6.96 -10.99
C LYS A 91 0.52 -6.90 -9.62
N PRO A 92 1.84 -6.67 -9.60
CA PRO A 92 2.58 -6.38 -8.38
C PRO A 92 2.46 -4.87 -8.08
N VAL A 93 2.11 -4.55 -6.84
CA VAL A 93 1.98 -3.17 -6.32
C VAL A 93 2.94 -2.95 -5.16
N GLN A 94 3.63 -1.80 -5.17
CA GLN A 94 4.64 -1.46 -4.17
C GLN A 94 3.97 -0.96 -2.89
N ILE A 95 4.38 -1.49 -1.74
CA ILE A 95 3.76 -1.24 -0.43
C ILE A 95 4.71 -0.40 0.43
N ARG A 96 4.19 0.66 1.05
CA ARG A 96 4.94 1.63 1.85
C ARG A 96 4.17 1.99 3.13
N PRO A 97 4.39 1.26 4.25
CA PRO A 97 3.82 1.61 5.55
C PRO A 97 4.32 2.98 6.00
N TRP A 98 3.40 3.85 6.46
CA TRP A 98 3.70 5.24 6.81
C TRP A 98 4.29 5.38 8.23
N ASN A 99 5.16 6.38 8.41
CA ASN A 99 5.75 6.73 9.71
C ASN A 99 6.23 8.20 9.72
N LEU A 100 6.35 8.78 10.93
CA LEU A 100 6.93 10.10 11.16
C LEU A 100 8.46 10.10 10.96
N SER A 101 9.08 11.28 10.99
CA SER A 101 10.53 11.49 10.74
C SER A 101 11.48 10.89 11.79
N ASP A 102 10.95 10.22 12.83
CA ASP A 102 11.72 9.55 13.89
C ASP A 102 12.41 8.24 13.44
N SER A 103 11.96 7.64 12.34
CA SER A 103 12.55 6.43 11.75
C SER A 103 12.09 6.22 10.29
N ASP A 104 13.03 5.80 9.41
CA ASP A 104 12.89 5.67 7.97
C ASP A 104 14.04 4.82 7.40
N PHE A 105 13.91 4.43 6.13
CA PHE A 105 14.83 3.54 5.40
C PHE A 105 15.24 4.17 4.06
N VAL A 106 16.49 3.91 3.65
CA VAL A 106 17.12 4.45 2.43
C VAL A 106 18.34 3.59 2.04
N MET A 107 18.49 3.30 0.75
CA MET A 107 19.50 2.40 0.19
C MET A 107 20.58 3.14 -0.64
N ASP A 108 20.47 4.46 -0.77
CA ASP A 108 21.38 5.33 -1.56
C ASP A 108 22.77 5.51 -0.90
N SER A 109 22.94 5.06 0.35
CA SER A 109 24.21 5.07 1.10
C SER A 109 25.22 3.99 0.63
N GLY A 110 24.80 3.05 -0.23
CA GLY A 110 25.67 2.03 -0.84
C GLY A 110 26.00 0.85 0.11
N PRO A 111 27.11 0.12 -0.16
CA PRO A 111 27.50 -1.06 0.61
C PRO A 111 28.09 -0.69 1.99
N SER A 112 28.12 -1.65 2.91
CA SER A 112 28.58 -1.47 4.30
C SER A 112 30.12 -1.51 4.45
N SER A 113 30.87 -1.67 3.35
CA SER A 113 32.35 -1.71 3.28
C SER A 113 32.83 -1.49 1.84
N GLY A 114 34.05 -0.94 1.68
CA GLY A 114 34.68 -0.66 0.37
C GLY A 114 36.06 -0.02 0.52
N GLY A 1 15.98 -8.26 17.21
CA GLY A 1 14.83 -7.68 16.48
C GLY A 1 13.49 -8.24 16.98
N SER A 2 12.39 -7.71 16.46
CA SER A 2 11.00 -8.10 16.81
C SER A 2 10.00 -7.61 15.74
N SER A 3 8.71 -7.89 15.95
CA SER A 3 7.61 -7.52 15.04
C SER A 3 7.36 -6.00 14.96
N GLY A 4 6.96 -5.52 13.79
CA GLY A 4 6.57 -4.13 13.51
C GLY A 4 5.13 -3.85 13.96
N SER A 5 4.84 -4.09 15.24
CA SER A 5 3.50 -4.07 15.83
C SER A 5 2.91 -2.65 16.01
N SER A 6 3.68 -1.59 15.76
CA SER A 6 3.27 -0.19 15.92
C SER A 6 4.13 0.79 15.09
N GLY A 7 3.56 1.97 14.81
CA GLY A 7 4.15 3.06 14.02
C GLY A 7 3.05 3.92 13.40
N SER A 8 2.31 3.35 12.45
CA SER A 8 1.12 3.94 11.83
C SER A 8 0.14 2.87 11.32
N ARG A 9 -1.11 3.28 11.06
CA ARG A 9 -2.15 2.48 10.38
C ARG A 9 -2.31 2.85 8.91
N LYS A 10 -1.59 3.86 8.41
CA LYS A 10 -1.59 4.25 6.99
C LYS A 10 -0.56 3.44 6.18
N VAL A 11 -0.90 3.02 4.97
CA VAL A 11 -0.01 2.31 4.03
C VAL A 11 -0.23 2.80 2.60
N PHE A 12 0.82 3.32 1.96
CA PHE A 12 0.84 3.66 0.54
C PHE A 12 0.87 2.40 -0.33
N VAL A 13 0.11 2.42 -1.44
CA VAL A 13 0.10 1.36 -2.48
C VAL A 13 0.20 2.00 -3.86
N GLY A 14 1.29 1.72 -4.57
CA GLY A 14 1.59 2.29 -5.90
C GLY A 14 1.61 1.24 -7.01
N GLY A 15 1.15 1.60 -8.21
CA GLY A 15 1.06 0.73 -9.38
C GLY A 15 -0.32 0.13 -9.61
N LEU A 16 -1.38 0.69 -9.00
CA LEU A 16 -2.77 0.23 -9.12
C LEU A 16 -3.25 0.32 -10.58
N PRO A 17 -4.05 -0.65 -11.07
CA PRO A 17 -4.67 -0.62 -12.40
C PRO A 17 -5.47 0.68 -12.67
N PRO A 18 -5.63 1.08 -13.95
CA PRO A 18 -6.36 2.29 -14.34
C PRO A 18 -7.90 2.13 -14.28
N ASP A 19 -8.41 0.97 -13.82
CA ASP A 19 -9.84 0.61 -13.85
C ASP A 19 -10.27 -0.13 -12.57
N ILE A 20 -9.52 0.06 -11.47
CA ILE A 20 -9.84 -0.51 -10.15
C ILE A 20 -10.51 0.53 -9.24
N ASP A 21 -11.66 0.17 -8.67
CA ASP A 21 -12.48 1.05 -7.82
C ASP A 21 -12.16 0.90 -6.32
N GLU A 22 -12.65 1.87 -5.52
CA GLU A 22 -12.49 1.93 -4.06
C GLU A 22 -12.78 0.59 -3.36
N ASP A 23 -13.86 -0.10 -3.72
CA ASP A 23 -14.31 -1.33 -3.07
C ASP A 23 -13.47 -2.56 -3.48
N GLU A 24 -12.93 -2.57 -4.69
CA GLU A 24 -11.94 -3.56 -5.13
C GLU A 24 -10.57 -3.34 -4.47
N ILE A 25 -10.12 -2.09 -4.29
CA ILE A 25 -8.90 -1.79 -3.52
C ILE A 25 -9.11 -2.20 -2.06
N THR A 26 -10.29 -1.96 -1.50
CA THR A 26 -10.66 -2.41 -0.14
C THR A 26 -10.65 -3.93 -0.06
N ALA A 27 -11.33 -4.64 -0.96
CA ALA A 27 -11.37 -6.09 -0.97
C ALA A 27 -9.99 -6.74 -1.20
N SER A 28 -9.09 -6.06 -1.90
CA SER A 28 -7.71 -6.52 -2.11
C SER A 28 -6.86 -6.53 -0.83
N PHE A 29 -7.23 -5.74 0.20
CA PHE A 29 -6.50 -5.64 1.47
C PHE A 29 -7.36 -5.96 2.71
N ARG A 30 -8.67 -6.20 2.54
CA ARG A 30 -9.61 -6.60 3.61
C ARG A 30 -9.23 -7.92 4.30
N ARG A 31 -8.44 -8.77 3.63
CA ARG A 31 -7.82 -10.00 4.16
C ARG A 31 -6.93 -9.78 5.41
N PHE A 32 -6.51 -8.54 5.67
CA PHE A 32 -5.67 -8.15 6.82
C PHE A 32 -6.47 -7.55 7.98
N GLY A 33 -7.79 -7.37 7.82
CA GLY A 33 -8.69 -6.64 8.73
C GLY A 33 -9.39 -5.47 8.04
N PRO A 34 -10.38 -4.84 8.69
CA PRO A 34 -11.16 -3.74 8.12
C PRO A 34 -10.31 -2.47 7.93
N LEU A 35 -10.69 -1.67 6.92
CA LEU A 35 -9.93 -0.52 6.44
C LEU A 35 -10.80 0.46 5.63
N VAL A 36 -10.24 1.62 5.29
CA VAL A 36 -10.78 2.59 4.32
C VAL A 36 -9.67 3.03 3.36
N VAL A 37 -10.03 3.50 2.16
CA VAL A 37 -9.09 3.82 1.07
C VAL A 37 -9.27 5.28 0.61
N ASP A 38 -8.16 5.99 0.41
CA ASP A 38 -8.09 7.42 0.09
C ASP A 38 -6.95 7.73 -0.89
N TRP A 39 -6.99 8.88 -1.56
CA TRP A 39 -5.97 9.35 -2.50
C TRP A 39 -5.98 10.90 -2.66
N PRO A 40 -4.89 11.54 -3.12
CA PRO A 40 -4.79 12.99 -3.24
C PRO A 40 -5.86 13.59 -4.15
N HIS A 41 -6.43 14.72 -3.72
CA HIS A 41 -7.47 15.52 -4.43
C HIS A 41 -8.84 14.79 -4.57
N LYS A 42 -9.10 13.71 -3.81
CA LYS A 42 -10.39 13.00 -3.76
C LYS A 42 -11.53 13.87 -3.19
N ALA A 43 -11.16 14.93 -2.46
CA ALA A 43 -12.04 16.00 -2.00
C ALA A 43 -12.62 16.84 -3.16
N GLU A 44 -11.85 17.02 -4.24
CA GLU A 44 -12.25 17.78 -5.43
C GLU A 44 -12.80 16.84 -6.53
N SER A 45 -12.06 15.78 -6.88
CA SER A 45 -12.44 14.80 -7.90
C SER A 45 -13.42 13.76 -7.34
N LYS A 46 -14.67 13.75 -7.84
CA LYS A 46 -15.76 12.88 -7.38
C LYS A 46 -15.66 11.41 -7.87
N SER A 47 -14.61 11.06 -8.62
CA SER A 47 -14.36 9.71 -9.13
C SER A 47 -14.00 8.71 -8.01
N TYR A 48 -14.63 7.54 -8.00
CA TYR A 48 -14.42 6.46 -7.03
C TYR A 48 -13.30 5.47 -7.47
N PHE A 49 -12.39 5.94 -8.31
CA PHE A 49 -11.16 5.30 -8.79
C PHE A 49 -9.99 6.26 -8.53
N PRO A 50 -8.78 5.79 -8.12
CA PRO A 50 -7.62 6.65 -7.93
C PRO A 50 -7.12 7.17 -9.29
N PRO A 51 -7.12 8.49 -9.55
CA PRO A 51 -6.79 9.07 -10.85
C PRO A 51 -5.28 9.29 -11.05
N LYS A 52 -4.45 8.62 -10.25
CA LYS A 52 -2.99 8.81 -10.17
C LYS A 52 -2.17 7.49 -10.20
N GLY A 53 -2.84 6.32 -10.20
CA GLY A 53 -2.19 5.00 -10.17
C GLY A 53 -1.70 4.57 -8.79
N TYR A 54 -2.13 5.24 -7.72
CA TYR A 54 -1.74 4.95 -6.33
C TYR A 54 -2.80 5.41 -5.31
N ALA A 55 -2.77 4.83 -4.11
CA ALA A 55 -3.69 5.13 -3.03
C ALA A 55 -3.03 4.89 -1.65
N PHE A 56 -3.70 5.39 -0.61
CA PHE A 56 -3.36 5.19 0.79
C PHE A 56 -4.47 4.38 1.48
N LEU A 57 -4.10 3.20 1.98
CA LEU A 57 -4.92 2.37 2.85
C LEU A 57 -4.81 2.91 4.28
N LEU A 58 -5.94 2.93 5.00
CA LEU A 58 -6.04 3.24 6.42
C LEU A 58 -6.71 2.05 7.12
N PHE A 59 -5.94 1.23 7.83
CA PHE A 59 -6.45 0.07 8.55
C PHE A 59 -7.06 0.46 9.92
N GLN A 60 -7.94 -0.39 10.46
CA GLN A 60 -8.55 -0.16 11.78
C GLN A 60 -7.55 -0.41 12.93
N GLU A 61 -6.55 -1.28 12.74
CA GLU A 61 -5.57 -1.67 13.75
C GLU A 61 -4.16 -1.76 13.15
N GLU A 62 -3.14 -1.40 13.93
CA GLU A 62 -1.74 -1.44 13.49
C GLU A 62 -1.29 -2.88 13.16
N SER A 63 -1.83 -3.89 13.86
CA SER A 63 -1.60 -5.31 13.58
C SER A 63 -1.96 -5.71 12.14
N SER A 64 -2.89 -5.02 11.49
CA SER A 64 -3.23 -5.25 10.07
C SER A 64 -2.09 -4.83 9.13
N VAL A 65 -1.24 -3.88 9.53
CA VAL A 65 -0.08 -3.45 8.75
C VAL A 65 1.04 -4.49 8.84
N GLN A 66 1.25 -5.10 10.02
CA GLN A 66 2.15 -6.25 10.16
C GLN A 66 1.63 -7.48 9.40
N ALA A 67 0.31 -7.73 9.43
CA ALA A 67 -0.30 -8.81 8.65
C ALA A 67 -0.07 -8.64 7.14
N LEU A 68 -0.13 -7.40 6.63
CA LEU A 68 0.24 -7.07 5.25
C LEU A 68 1.74 -7.30 5.00
N ILE A 69 2.61 -6.81 5.88
CA ILE A 69 4.08 -7.02 5.79
C ILE A 69 4.43 -8.52 5.73
N ASP A 70 3.73 -9.35 6.52
CA ASP A 70 3.93 -10.80 6.57
C ASP A 70 3.45 -11.54 5.30
N ALA A 71 2.61 -10.90 4.47
CA ALA A 71 2.15 -11.41 3.17
C ALA A 71 2.92 -10.80 1.98
N CYS A 72 3.68 -9.72 2.19
CA CYS A 72 4.43 -9.04 1.14
C CYS A 72 5.70 -9.80 0.70
N LEU A 73 6.01 -9.66 -0.59
CA LEU A 73 7.29 -10.00 -1.20
C LEU A 73 8.26 -8.85 -0.93
N GLU A 74 9.52 -9.01 -1.30
CA GLU A 74 10.57 -8.01 -1.07
C GLU A 74 11.54 -7.94 -2.26
N GLU A 75 11.80 -6.72 -2.75
CA GLU A 75 12.65 -6.42 -3.89
C GLU A 75 13.37 -5.08 -3.66
N ASP A 76 14.72 -5.11 -3.70
CA ASP A 76 15.62 -3.95 -3.56
C ASP A 76 15.54 -3.22 -2.19
N GLY A 77 14.82 -3.81 -1.22
CA GLY A 77 14.54 -3.24 0.11
C GLY A 77 13.10 -2.74 0.28
N LYS A 78 12.33 -2.63 -0.81
CA LYS A 78 10.90 -2.30 -0.81
C LYS A 78 10.01 -3.56 -0.76
N LEU A 79 8.78 -3.41 -0.25
CA LEU A 79 7.78 -4.48 -0.16
C LEU A 79 6.78 -4.43 -1.32
N TYR A 80 6.25 -5.59 -1.69
CA TYR A 80 5.33 -5.74 -2.84
C TYR A 80 4.20 -6.76 -2.57
N LEU A 81 3.00 -6.45 -3.08
CA LEU A 81 1.85 -7.36 -3.12
C LEU A 81 1.32 -7.44 -4.57
N CYS A 82 0.25 -8.20 -4.84
CA CYS A 82 -0.30 -8.41 -6.18
C CYS A 82 -1.81 -8.13 -6.25
N VAL A 83 -2.28 -7.54 -7.36
CA VAL A 83 -3.67 -7.08 -7.59
C VAL A 83 -4.08 -7.17 -9.07
N SER A 84 -5.35 -6.93 -9.38
CA SER A 84 -5.94 -7.10 -10.73
C SER A 84 -7.25 -6.30 -10.91
N SER A 85 -7.76 -6.25 -12.14
CA SER A 85 -8.95 -5.49 -12.57
C SER A 85 -9.62 -6.16 -13.79
N PRO A 86 -10.68 -5.58 -14.39
CA PRO A 86 -11.23 -6.04 -15.67
C PRO A 86 -10.26 -5.90 -16.86
N THR A 87 -9.17 -5.13 -16.72
CA THR A 87 -8.23 -4.79 -17.81
C THR A 87 -6.78 -5.20 -17.52
N ILE A 88 -6.42 -5.47 -16.27
CA ILE A 88 -5.05 -5.76 -15.81
C ILE A 88 -5.03 -6.99 -14.91
N LYS A 89 -4.08 -7.89 -15.13
CA LYS A 89 -4.00 -9.22 -14.49
C LYS A 89 -2.62 -9.46 -13.86
N ASP A 90 -2.60 -10.00 -12.62
CA ASP A 90 -1.38 -10.45 -11.90
C ASP A 90 -0.34 -9.31 -11.68
N LYS A 91 -0.80 -8.07 -11.58
CA LYS A 91 0.07 -6.88 -11.45
C LYS A 91 0.69 -6.79 -10.03
N PRO A 92 2.02 -6.62 -9.90
CA PRO A 92 2.65 -6.33 -8.62
C PRO A 92 2.51 -4.85 -8.28
N VAL A 93 2.31 -4.55 -7.00
CA VAL A 93 2.11 -3.20 -6.46
C VAL A 93 3.05 -2.93 -5.29
N GLN A 94 3.66 -1.75 -5.30
CA GLN A 94 4.67 -1.30 -4.34
C GLN A 94 4.00 -0.87 -3.05
N ILE A 95 4.32 -1.54 -1.94
CA ILE A 95 3.70 -1.33 -0.62
C ILE A 95 4.70 -0.57 0.27
N ARG A 96 4.27 0.58 0.82
CA ARG A 96 5.09 1.44 1.67
C ARG A 96 4.32 1.84 2.94
N PRO A 97 4.46 1.08 4.04
CA PRO A 97 3.89 1.42 5.34
C PRO A 97 4.40 2.78 5.85
N TRP A 98 3.52 3.57 6.46
CA TRP A 98 3.84 4.90 6.97
C TRP A 98 4.55 4.86 8.34
N ASN A 99 5.15 3.72 8.70
CA ASN A 99 5.99 3.54 9.89
C ASN A 99 7.32 4.32 9.81
N LEU A 100 7.73 4.74 8.60
CA LEU A 100 8.85 5.65 8.35
C LEU A 100 8.34 7.11 8.39
N SER A 101 8.91 7.94 9.25
CA SER A 101 8.38 9.29 9.56
C SER A 101 9.42 10.43 9.45
N ASP A 102 10.64 10.12 8.99
CA ASP A 102 11.81 11.03 9.03
C ASP A 102 12.71 10.94 7.78
N SER A 103 12.27 10.23 6.73
CA SER A 103 13.00 10.01 5.48
C SER A 103 12.07 9.46 4.37
N ASP A 104 12.60 9.32 3.15
CA ASP A 104 11.95 8.71 1.99
C ASP A 104 12.83 7.59 1.35
N PHE A 105 14.04 7.38 1.87
CA PHE A 105 14.97 6.36 1.42
C PHE A 105 14.68 5.02 2.14
N VAL A 106 14.42 3.97 1.36
CA VAL A 106 13.95 2.65 1.83
C VAL A 106 14.40 1.52 0.88
N MET A 107 15.62 1.66 0.33
CA MET A 107 16.23 0.75 -0.65
C MET A 107 17.73 0.57 -0.37
N ASP A 108 18.23 -0.66 -0.53
CA ASP A 108 19.61 -1.07 -0.23
C ASP A 108 19.94 -2.45 -0.84
N SER A 109 21.22 -2.67 -1.14
CA SER A 109 21.78 -3.93 -1.68
C SER A 109 23.17 -4.28 -1.10
N GLY A 110 23.68 -3.51 -0.13
CA GLY A 110 25.03 -3.70 0.44
C GLY A 110 25.11 -4.84 1.47
N PRO A 111 26.29 -5.48 1.62
CA PRO A 111 26.51 -6.56 2.58
C PRO A 111 26.67 -6.02 4.02
N SER A 112 26.47 -6.88 5.02
CA SER A 112 26.55 -6.53 6.45
C SER A 112 28.00 -6.35 6.98
N SER A 113 29.01 -6.63 6.16
CA SER A 113 30.45 -6.55 6.46
C SER A 113 31.28 -6.67 5.16
N GLY A 114 32.51 -6.12 5.17
CA GLY A 114 33.45 -6.14 4.03
C GLY A 114 34.78 -5.46 4.34
N GLY A 1 15.51 -9.77 18.66
CA GLY A 1 14.18 -9.74 18.02
C GLY A 1 13.06 -10.03 19.01
N SER A 2 11.84 -9.58 18.71
CA SER A 2 10.66 -9.68 19.59
C SER A 2 9.35 -9.39 18.82
N SER A 3 8.21 -9.85 19.33
CA SER A 3 6.89 -9.68 18.71
C SER A 3 6.39 -8.22 18.74
N GLY A 4 5.72 -7.79 17.67
CA GLY A 4 5.17 -6.43 17.52
C GLY A 4 4.59 -6.17 16.12
N SER A 5 4.27 -4.91 15.83
CA SER A 5 3.74 -4.46 14.53
C SER A 5 4.45 -3.19 14.05
N SER A 6 5.00 -3.20 12.84
CA SER A 6 5.80 -2.10 12.27
C SER A 6 4.97 -1.11 11.43
N GLY A 7 5.25 0.19 11.57
CA GLY A 7 4.57 1.28 10.83
C GLY A 7 3.25 1.73 11.46
N SER A 8 2.76 2.88 11.03
CA SER A 8 1.42 3.38 11.35
C SER A 8 0.32 2.59 10.61
N ARG A 9 -0.96 2.78 11.01
CA ARG A 9 -2.11 2.15 10.34
C ARG A 9 -2.36 2.67 8.92
N LYS A 10 -1.75 3.80 8.55
CA LYS A 10 -1.73 4.32 7.18
C LYS A 10 -0.69 3.54 6.33
N VAL A 11 -1.04 3.14 5.11
CA VAL A 11 -0.14 2.42 4.19
C VAL A 11 -0.34 2.92 2.76
N PHE A 12 0.70 3.48 2.15
CA PHE A 12 0.72 3.85 0.74
C PHE A 12 0.84 2.59 -0.14
N VAL A 13 0.09 2.56 -1.25
CA VAL A 13 0.13 1.50 -2.28
C VAL A 13 0.24 2.15 -3.65
N GLY A 14 1.34 1.86 -4.37
CA GLY A 14 1.65 2.44 -5.69
C GLY A 14 1.67 1.40 -6.82
N GLY A 15 1.35 1.85 -8.04
CA GLY A 15 1.31 1.02 -9.24
C GLY A 15 -0.06 0.38 -9.51
N LEU A 16 -1.13 0.95 -8.93
CA LEU A 16 -2.51 0.45 -9.05
C LEU A 16 -2.96 0.37 -10.53
N PRO A 17 -3.78 -0.65 -10.91
CA PRO A 17 -4.36 -0.74 -12.25
C PRO A 17 -5.16 0.53 -12.61
N PRO A 18 -5.18 0.96 -13.89
CA PRO A 18 -5.92 2.14 -14.35
C PRO A 18 -7.45 1.91 -14.40
N ASP A 19 -7.92 0.72 -14.02
CA ASP A 19 -9.30 0.25 -14.09
C ASP A 19 -9.82 -0.31 -12.75
N ILE A 20 -9.15 0.05 -11.64
CA ILE A 20 -9.55 -0.30 -10.27
C ILE A 20 -10.27 0.87 -9.55
N ASP A 21 -11.08 0.56 -8.55
CA ASP A 21 -11.88 1.53 -7.78
C ASP A 21 -11.80 1.29 -6.26
N GLU A 22 -12.33 2.23 -5.48
CA GLU A 22 -12.24 2.27 -4.01
C GLU A 22 -12.63 0.94 -3.33
N ASP A 23 -13.71 0.29 -3.78
CA ASP A 23 -14.22 -0.95 -3.17
C ASP A 23 -13.41 -2.18 -3.59
N GLU A 24 -12.79 -2.14 -4.77
CA GLU A 24 -11.83 -3.16 -5.22
C GLU A 24 -10.49 -3.02 -4.51
N ILE A 25 -10.00 -1.79 -4.27
CA ILE A 25 -8.79 -1.54 -3.45
C ILE A 25 -9.06 -1.99 -2.01
N THR A 26 -10.27 -1.74 -1.48
CA THR A 26 -10.67 -2.24 -0.15
C THR A 26 -10.69 -3.75 -0.13
N ALA A 27 -11.36 -4.42 -1.07
CA ALA A 27 -11.40 -5.88 -1.13
C ALA A 27 -10.01 -6.51 -1.36
N SER A 28 -9.11 -5.81 -2.07
CA SER A 28 -7.72 -6.24 -2.29
C SER A 28 -6.85 -6.21 -1.02
N PHE A 29 -7.28 -5.56 0.06
CA PHE A 29 -6.54 -5.53 1.34
C PHE A 29 -7.41 -5.90 2.56
N ARG A 30 -8.72 -6.15 2.37
CA ARG A 30 -9.64 -6.64 3.41
C ARG A 30 -9.24 -8.01 3.99
N ARG A 31 -8.44 -8.79 3.24
CA ARG A 31 -7.77 -10.03 3.66
C ARG A 31 -6.84 -9.88 4.88
N PHE A 32 -6.51 -8.65 5.31
CA PHE A 32 -5.69 -8.34 6.48
C PHE A 32 -6.48 -7.79 7.68
N GLY A 33 -7.80 -7.59 7.52
CA GLY A 33 -8.67 -6.90 8.48
C GLY A 33 -9.37 -5.68 7.86
N PRO A 34 -10.33 -5.06 8.56
CA PRO A 34 -11.13 -3.95 8.04
C PRO A 34 -10.32 -2.65 7.92
N LEU A 35 -10.71 -1.81 6.96
CA LEU A 35 -9.97 -0.63 6.51
C LEU A 35 -10.86 0.36 5.74
N VAL A 36 -10.31 1.54 5.43
CA VAL A 36 -10.87 2.53 4.49
C VAL A 36 -9.76 3.01 3.53
N VAL A 37 -10.12 3.57 2.37
CA VAL A 37 -9.18 3.91 1.28
C VAL A 37 -9.39 5.37 0.83
N ASP A 38 -8.29 6.08 0.59
CA ASP A 38 -8.23 7.52 0.27
C ASP A 38 -7.05 7.84 -0.66
N TRP A 39 -7.06 9.02 -1.31
CA TRP A 39 -6.00 9.48 -2.24
C TRP A 39 -6.04 11.01 -2.44
N PRO A 40 -4.95 11.63 -2.96
CA PRO A 40 -4.90 13.07 -3.23
C PRO A 40 -5.99 13.57 -4.19
N HIS A 41 -6.45 14.80 -3.95
CA HIS A 41 -7.44 15.53 -4.81
C HIS A 41 -8.87 14.95 -4.78
N LYS A 42 -9.15 13.93 -3.96
CA LYS A 42 -10.43 13.18 -3.94
C LYS A 42 -11.61 14.03 -3.47
N ALA A 43 -11.31 15.12 -2.74
CA ALA A 43 -12.22 16.14 -2.25
C ALA A 43 -12.70 17.15 -3.32
N GLU A 44 -12.03 17.20 -4.48
CA GLU A 44 -12.32 18.14 -5.59
C GLU A 44 -12.57 17.36 -6.90
N SER A 45 -11.63 16.50 -7.29
CA SER A 45 -11.75 15.52 -8.38
C SER A 45 -12.57 14.29 -7.91
N LYS A 46 -13.77 14.55 -7.41
CA LYS A 46 -14.67 13.60 -6.75
C LYS A 46 -15.02 12.41 -7.68
N SER A 47 -14.57 11.22 -7.31
CA SER A 47 -14.66 10.00 -8.13
C SER A 47 -14.33 8.76 -7.30
N TYR A 48 -14.79 7.59 -7.78
CA TYR A 48 -14.57 6.29 -7.16
C TYR A 48 -13.22 5.64 -7.53
N PHE A 49 -12.44 6.26 -8.42
CA PHE A 49 -11.22 5.72 -9.02
C PHE A 49 -10.01 6.62 -8.69
N PRO A 50 -8.82 6.08 -8.37
CA PRO A 50 -7.63 6.86 -8.03
C PRO A 50 -7.06 7.58 -9.28
N PRO A 51 -6.96 8.92 -9.29
CA PRO A 51 -6.51 9.70 -10.44
C PRO A 51 -4.98 9.88 -10.49
N LYS A 52 -4.24 9.03 -9.77
CA LYS A 52 -2.79 9.17 -9.52
C LYS A 52 -1.98 7.86 -9.69
N GLY A 53 -2.64 6.70 -9.86
CA GLY A 53 -1.99 5.38 -9.91
C GLY A 53 -1.53 4.86 -8.53
N TYR A 54 -1.98 5.50 -7.45
CA TYR A 54 -1.65 5.14 -6.07
C TYR A 54 -2.75 5.57 -5.07
N ALA A 55 -2.75 4.97 -3.88
CA ALA A 55 -3.71 5.24 -2.81
C ALA A 55 -3.10 5.00 -1.42
N PHE A 56 -3.78 5.52 -0.40
CA PHE A 56 -3.49 5.31 1.02
C PHE A 56 -4.60 4.46 1.65
N LEU A 57 -4.20 3.28 2.14
CA LEU A 57 -5.02 2.42 2.99
C LEU A 57 -4.92 2.91 4.44
N LEU A 58 -6.03 2.88 5.15
CA LEU A 58 -6.13 3.15 6.59
C LEU A 58 -6.79 1.94 7.27
N PHE A 59 -6.01 1.11 7.96
CA PHE A 59 -6.52 -0.07 8.67
C PHE A 59 -7.07 0.31 10.06
N GLN A 60 -7.95 -0.54 10.61
CA GLN A 60 -8.52 -0.33 11.96
C GLN A 60 -7.61 -0.84 13.09
N GLU A 61 -6.59 -1.65 12.79
CA GLU A 61 -5.60 -2.18 13.73
C GLU A 61 -4.19 -2.20 13.10
N GLU A 62 -3.17 -1.87 13.89
CA GLU A 62 -1.76 -1.93 13.43
C GLU A 62 -1.35 -3.35 13.04
N SER A 63 -1.89 -4.36 13.71
CA SER A 63 -1.68 -5.79 13.40
C SER A 63 -2.12 -6.16 11.97
N SER A 64 -3.04 -5.41 11.36
CA SER A 64 -3.42 -5.60 9.95
C SER A 64 -2.30 -5.13 9.00
N VAL A 65 -1.50 -4.14 9.40
CA VAL A 65 -0.33 -3.70 8.63
C VAL A 65 0.81 -4.70 8.77
N GLN A 66 0.96 -5.33 9.94
CA GLN A 66 1.93 -6.41 10.12
C GLN A 66 1.51 -7.68 9.37
N ALA A 67 0.21 -8.00 9.30
CA ALA A 67 -0.30 -9.09 8.47
C ALA A 67 -0.06 -8.85 6.97
N LEU A 68 -0.17 -7.59 6.52
CA LEU A 68 0.23 -7.19 5.18
C LEU A 68 1.74 -7.37 4.97
N ILE A 69 2.58 -6.89 5.89
CA ILE A 69 4.05 -7.06 5.83
C ILE A 69 4.44 -8.55 5.75
N ASP A 70 3.78 -9.43 6.52
CA ASP A 70 4.00 -10.87 6.53
C ASP A 70 3.56 -11.58 5.23
N ALA A 71 2.72 -10.93 4.41
CA ALA A 71 2.28 -11.42 3.09
C ALA A 71 3.05 -10.75 1.92
N CYS A 72 3.77 -9.65 2.17
CA CYS A 72 4.52 -8.93 1.14
C CYS A 72 5.78 -9.68 0.68
N LEU A 73 6.08 -9.53 -0.61
CA LEU A 73 7.35 -9.87 -1.23
C LEU A 73 8.32 -8.69 -1.00
N GLU A 74 9.59 -8.85 -1.35
CA GLU A 74 10.61 -7.81 -1.16
C GLU A 74 11.60 -7.80 -2.35
N GLU A 75 11.78 -6.62 -2.94
CA GLU A 75 12.58 -6.39 -4.15
C GLU A 75 13.19 -4.97 -4.09
N ASP A 76 14.51 -4.87 -4.31
CA ASP A 76 15.27 -3.60 -4.34
C ASP A 76 15.12 -2.74 -3.06
N GLY A 77 14.94 -3.41 -1.91
CA GLY A 77 14.75 -2.78 -0.59
C GLY A 77 13.32 -2.38 -0.27
N LYS A 78 12.35 -2.70 -1.14
CA LYS A 78 10.96 -2.24 -1.10
C LYS A 78 9.99 -3.43 -1.07
N LEU A 79 8.84 -3.27 -0.41
CA LEU A 79 7.81 -4.33 -0.30
C LEU A 79 6.83 -4.28 -1.48
N TYR A 80 6.28 -5.44 -1.82
CA TYR A 80 5.30 -5.61 -2.91
C TYR A 80 4.21 -6.63 -2.57
N LEU A 81 3.00 -6.42 -3.12
CA LEU A 81 1.86 -7.33 -3.09
C LEU A 81 1.27 -7.46 -4.49
N CYS A 82 0.34 -8.38 -4.73
CA CYS A 82 -0.31 -8.59 -6.03
C CYS A 82 -1.84 -8.34 -5.96
N VAL A 83 -2.38 -7.75 -7.04
CA VAL A 83 -3.80 -7.36 -7.21
C VAL A 83 -4.24 -7.52 -8.68
N SER A 84 -5.53 -7.36 -8.99
CA SER A 84 -6.13 -7.54 -10.32
C SER A 84 -7.35 -6.63 -10.56
N SER A 85 -7.80 -6.51 -11.81
CA SER A 85 -8.92 -5.69 -12.29
C SER A 85 -9.40 -6.18 -13.69
N PRO A 86 -10.58 -5.75 -14.21
CA PRO A 86 -11.22 -6.32 -15.41
C PRO A 86 -10.38 -6.43 -16.68
N THR A 87 -9.30 -5.66 -16.83
CA THR A 87 -8.37 -5.70 -17.98
C THR A 87 -6.91 -5.95 -17.60
N ILE A 88 -6.63 -6.16 -16.31
CA ILE A 88 -5.27 -6.22 -15.73
C ILE A 88 -5.19 -7.35 -14.68
N LYS A 89 -4.33 -8.35 -14.93
CA LYS A 89 -4.20 -9.55 -14.10
C LYS A 89 -2.80 -9.71 -13.48
N ASP A 90 -2.78 -10.11 -12.20
CA ASP A 90 -1.55 -10.44 -11.43
C ASP A 90 -0.57 -9.25 -11.32
N LYS A 91 -1.11 -8.03 -11.30
CA LYS A 91 -0.36 -6.78 -11.19
C LYS A 91 0.39 -6.69 -9.85
N PRO A 92 1.72 -6.46 -9.83
CA PRO A 92 2.47 -6.18 -8.63
C PRO A 92 2.29 -4.70 -8.25
N VAL A 93 2.11 -4.44 -6.96
CA VAL A 93 1.90 -3.11 -6.39
C VAL A 93 2.83 -2.89 -5.20
N GLN A 94 3.51 -1.74 -5.18
CA GLN A 94 4.54 -1.42 -4.20
C GLN A 94 3.90 -0.94 -2.90
N ILE A 95 4.31 -1.50 -1.76
CA ILE A 95 3.70 -1.28 -0.44
C ILE A 95 4.66 -0.48 0.44
N ARG A 96 4.16 0.56 1.09
CA ARG A 96 4.94 1.51 1.91
C ARG A 96 4.17 1.83 3.21
N PRO A 97 4.40 1.09 4.31
CA PRO A 97 3.85 1.42 5.63
C PRO A 97 4.32 2.81 6.07
N TRP A 98 3.40 3.64 6.57
CA TRP A 98 3.66 5.05 6.87
C TRP A 98 4.45 5.26 8.16
N ASN A 99 5.30 6.30 8.16
CA ASN A 99 6.07 6.76 9.31
C ASN A 99 6.44 8.25 9.12
N LEU A 100 6.10 9.10 10.11
CA LEU A 100 6.33 10.54 10.10
C LEU A 100 7.56 10.97 10.93
N SER A 101 8.12 10.06 11.74
CA SER A 101 9.24 10.32 12.65
C SER A 101 10.61 9.83 12.12
N ASP A 102 10.61 9.03 11.05
CA ASP A 102 11.79 8.48 10.38
C ASP A 102 11.46 8.04 8.95
N SER A 103 12.48 8.00 8.08
CA SER A 103 12.40 7.77 6.64
C SER A 103 13.71 7.23 6.01
N ASP A 104 14.69 6.84 6.83
CA ASP A 104 16.01 6.36 6.39
C ASP A 104 15.93 4.97 5.75
N PHE A 105 16.06 4.97 4.42
CA PHE A 105 16.00 3.81 3.54
C PHE A 105 17.24 2.87 3.68
N VAL A 106 17.13 1.65 3.15
CA VAL A 106 18.14 0.58 3.26
C VAL A 106 18.02 -0.39 2.08
N MET A 107 19.17 -0.88 1.59
CA MET A 107 19.32 -1.79 0.46
C MET A 107 20.67 -2.51 0.51
N ASP A 108 20.71 -3.77 0.09
CA ASP A 108 21.89 -4.64 0.10
C ASP A 108 22.87 -4.31 -1.04
N SER A 109 24.17 -4.36 -0.75
CA SER A 109 25.27 -4.10 -1.70
C SER A 109 26.62 -4.59 -1.14
N GLY A 110 27.53 -5.02 -2.01
CA GLY A 110 28.86 -5.54 -1.65
C GLY A 110 28.87 -7.00 -1.19
N PRO A 111 30.05 -7.53 -0.79
CA PRO A 111 30.23 -8.90 -0.34
C PRO A 111 29.72 -9.11 1.10
N SER A 112 29.49 -10.36 1.48
CA SER A 112 29.02 -10.78 2.81
C SER A 112 29.29 -12.28 3.06
N SER A 113 29.40 -12.68 4.33
CA SER A 113 29.63 -14.07 4.76
C SER A 113 28.32 -14.86 5.00
N GLY A 114 27.15 -14.21 4.93
CA GLY A 114 25.83 -14.81 5.13
C GLY A 114 24.68 -13.81 5.02
N GLY A 1 22.19 -9.64 12.46
CA GLY A 1 21.23 -8.53 12.68
C GLY A 1 19.82 -9.05 12.99
N SER A 2 18.80 -8.25 12.68
CA SER A 2 17.38 -8.57 12.89
C SER A 2 16.47 -7.65 12.04
N SER A 3 15.16 -7.85 12.08
CA SER A 3 14.18 -7.20 11.18
C SER A 3 12.78 -7.10 11.81
N GLY A 4 11.98 -6.14 11.33
CA GLY A 4 10.70 -5.71 11.90
C GLY A 4 10.20 -4.42 11.23
N SER A 5 9.46 -3.59 11.96
CA SER A 5 8.87 -2.34 11.45
C SER A 5 8.49 -1.33 12.55
N SER A 6 8.07 -0.14 12.14
CA SER A 6 7.71 1.01 12.99
C SER A 6 6.64 1.93 12.33
N GLY A 7 6.01 1.47 11.24
CA GLY A 7 5.04 2.25 10.45
C GLY A 7 3.66 2.38 11.11
N SER A 8 2.92 3.40 10.68
CA SER A 8 1.54 3.70 11.13
C SER A 8 0.48 2.76 10.51
N ARG A 9 -0.79 2.93 10.89
CA ARG A 9 -1.95 2.28 10.26
C ARG A 9 -2.22 2.74 8.81
N LYS A 10 -1.61 3.86 8.40
CA LYS A 10 -1.57 4.32 7.01
C LYS A 10 -0.52 3.53 6.20
N VAL A 11 -0.85 3.10 4.98
CA VAL A 11 0.06 2.35 4.10
C VAL A 11 -0.10 2.82 2.64
N PHE A 12 0.98 3.29 2.02
CA PHE A 12 1.04 3.61 0.60
C PHE A 12 0.96 2.35 -0.27
N VAL A 13 0.22 2.44 -1.39
CA VAL A 13 0.16 1.42 -2.45
C VAL A 13 0.31 2.09 -3.81
N GLY A 14 1.31 1.67 -4.59
CA GLY A 14 1.60 2.16 -5.94
C GLY A 14 1.59 1.05 -7.01
N GLY A 15 1.22 1.40 -8.24
CA GLY A 15 1.13 0.48 -9.38
C GLY A 15 -0.26 -0.12 -9.62
N LEU A 16 -1.30 0.43 -9.00
CA LEU A 16 -2.70 -0.01 -9.13
C LEU A 16 -3.17 0.08 -10.60
N PRO A 17 -3.98 -0.88 -11.09
CA PRO A 17 -4.56 -0.86 -12.44
C PRO A 17 -5.32 0.45 -12.75
N PRO A 18 -5.43 0.85 -14.04
CA PRO A 18 -6.17 2.04 -14.47
C PRO A 18 -7.70 1.83 -14.50
N ASP A 19 -8.20 0.68 -14.03
CA ASP A 19 -9.61 0.28 -14.09
C ASP A 19 -10.07 -0.43 -12.79
N ILE A 20 -9.43 -0.09 -11.67
CA ILE A 20 -9.81 -0.52 -10.31
C ILE A 20 -10.42 0.66 -9.54
N ASP A 21 -11.32 0.38 -8.60
CA ASP A 21 -12.06 1.38 -7.82
C ASP A 21 -11.90 1.17 -6.30
N GLU A 22 -12.36 2.16 -5.52
CA GLU A 22 -12.27 2.22 -4.06
C GLU A 22 -12.63 0.90 -3.35
N ASP A 23 -13.73 0.25 -3.74
CA ASP A 23 -14.25 -0.96 -3.08
C ASP A 23 -13.47 -2.22 -3.49
N GLU A 24 -12.87 -2.22 -4.68
CA GLU A 24 -11.96 -3.27 -5.14
C GLU A 24 -10.57 -3.12 -4.49
N ILE A 25 -10.08 -1.88 -4.28
CA ILE A 25 -8.85 -1.64 -3.50
C ILE A 25 -9.08 -2.05 -2.03
N THR A 26 -10.27 -1.79 -1.49
CA THR A 26 -10.67 -2.24 -0.15
C THR A 26 -10.69 -3.76 -0.10
N ALA A 27 -11.38 -4.44 -1.01
CA ALA A 27 -11.42 -5.90 -1.06
C ALA A 27 -10.02 -6.53 -1.29
N SER A 28 -9.14 -5.84 -2.01
CA SER A 28 -7.75 -6.26 -2.25
C SER A 28 -6.87 -6.24 -1.00
N PHE A 29 -7.29 -5.58 0.10
CA PHE A 29 -6.54 -5.56 1.38
C PHE A 29 -7.41 -5.92 2.60
N ARG A 30 -8.71 -6.16 2.42
CA ARG A 30 -9.63 -6.63 3.47
C ARG A 30 -9.24 -8.00 4.05
N ARG A 31 -8.47 -8.79 3.30
CA ARG A 31 -7.79 -10.04 3.73
C ARG A 31 -6.85 -9.89 4.94
N PHE A 32 -6.50 -8.66 5.35
CA PHE A 32 -5.67 -8.35 6.53
C PHE A 32 -6.46 -7.79 7.72
N GLY A 33 -7.77 -7.55 7.56
CA GLY A 33 -8.64 -6.86 8.52
C GLY A 33 -9.32 -5.62 7.91
N PRO A 34 -10.26 -4.98 8.63
CA PRO A 34 -11.05 -3.87 8.11
C PRO A 34 -10.21 -2.58 7.95
N LEU A 35 -10.61 -1.75 6.98
CA LEU A 35 -9.87 -0.59 6.49
C LEU A 35 -10.76 0.40 5.71
N VAL A 36 -10.20 1.56 5.38
CA VAL A 36 -10.74 2.54 4.41
C VAL A 36 -9.61 2.97 3.46
N VAL A 37 -9.94 3.54 2.30
CA VAL A 37 -8.97 3.88 1.23
C VAL A 37 -9.13 5.35 0.82
N ASP A 38 -8.01 6.05 0.68
CA ASP A 38 -7.90 7.51 0.50
C ASP A 38 -6.73 7.88 -0.44
N TRP A 39 -6.71 9.12 -0.94
CA TRP A 39 -5.67 9.65 -1.83
C TRP A 39 -5.70 11.19 -1.90
N PRO A 40 -4.61 11.85 -2.35
CA PRO A 40 -4.55 13.31 -2.50
C PRO A 40 -5.64 13.85 -3.43
N HIS A 41 -6.08 15.08 -3.15
CA HIS A 41 -7.09 15.85 -3.94
C HIS A 41 -8.54 15.34 -3.78
N LYS A 42 -8.77 14.21 -3.07
CA LYS A 42 -10.09 13.60 -2.86
C LYS A 42 -11.03 14.47 -2.00
N ALA A 43 -10.42 15.36 -1.22
CA ALA A 43 -11.05 16.39 -0.39
C ALA A 43 -11.41 17.69 -1.17
N GLU A 44 -10.96 17.83 -2.42
CA GLU A 44 -11.14 19.01 -3.27
C GLU A 44 -11.90 18.69 -4.58
N SER A 45 -11.87 17.44 -5.04
CA SER A 45 -12.65 16.91 -6.18
C SER A 45 -13.10 15.47 -5.88
N LYS A 46 -14.40 15.20 -6.01
CA LYS A 46 -14.98 13.88 -5.74
C LYS A 46 -14.45 12.81 -6.71
N SER A 47 -14.04 11.66 -6.19
CA SER A 47 -13.45 10.55 -6.94
C SER A 47 -13.54 9.22 -6.18
N TYR A 48 -13.55 8.10 -6.91
CA TYR A 48 -13.58 6.73 -6.38
C TYR A 48 -12.65 5.76 -7.15
N PHE A 49 -11.67 6.33 -7.87
CA PHE A 49 -10.60 5.63 -8.61
C PHE A 49 -9.23 6.19 -8.17
N PRO A 50 -8.15 5.37 -8.13
CA PRO A 50 -6.85 5.79 -7.64
C PRO A 50 -6.17 6.75 -8.64
N PRO A 51 -5.76 7.97 -8.23
CA PRO A 51 -5.11 8.94 -9.12
C PRO A 51 -3.71 8.45 -9.50
N LYS A 52 -3.40 8.46 -10.80
CA LYS A 52 -2.10 8.09 -11.37
C LYS A 52 -1.63 6.64 -11.05
N GLY A 53 -2.54 5.79 -10.54
CA GLY A 53 -2.26 4.41 -10.15
C GLY A 53 -1.71 4.23 -8.73
N TYR A 54 -2.04 5.13 -7.78
CA TYR A 54 -1.64 5.00 -6.37
C TYR A 54 -2.74 5.42 -5.38
N ALA A 55 -2.65 4.91 -4.15
CA ALA A 55 -3.56 5.18 -3.04
C ALA A 55 -2.90 4.94 -1.67
N PHE A 56 -3.60 5.34 -0.61
CA PHE A 56 -3.26 5.10 0.79
C PHE A 56 -4.36 4.31 1.47
N LEU A 57 -4.00 3.12 1.98
CA LEU A 57 -4.83 2.30 2.86
C LEU A 57 -4.73 2.84 4.28
N LEU A 58 -5.84 2.85 4.99
CA LEU A 58 -5.94 3.16 6.42
C LEU A 58 -6.63 1.97 7.11
N PHE A 59 -5.86 1.12 7.78
CA PHE A 59 -6.38 -0.03 8.52
C PHE A 59 -6.92 0.41 9.89
N GLN A 60 -7.86 -0.35 10.46
CA GLN A 60 -8.40 -0.06 11.79
C GLN A 60 -7.45 -0.48 12.93
N GLU A 61 -6.49 -1.38 12.67
CA GLU A 61 -5.53 -1.89 13.66
C GLU A 61 -4.14 -2.05 13.04
N GLU A 62 -3.08 -1.74 13.80
CA GLU A 62 -1.69 -1.88 13.37
C GLU A 62 -1.34 -3.35 13.04
N SER A 63 -1.97 -4.30 13.71
CA SER A 63 -1.84 -5.74 13.44
C SER A 63 -2.20 -6.11 12.00
N SER A 64 -3.09 -5.35 11.34
CA SER A 64 -3.41 -5.54 9.92
C SER A 64 -2.27 -5.09 8.99
N VAL A 65 -1.46 -4.11 9.42
CA VAL A 65 -0.28 -3.66 8.67
C VAL A 65 0.86 -4.67 8.85
N GLN A 66 1.01 -5.26 10.04
CA GLN A 66 1.96 -6.36 10.25
C GLN A 66 1.55 -7.62 9.48
N ALA A 67 0.25 -7.93 9.40
CA ALA A 67 -0.27 -9.02 8.58
C ALA A 67 0.01 -8.80 7.07
N LEU A 68 -0.11 -7.55 6.59
CA LEU A 68 0.28 -7.18 5.24
C LEU A 68 1.79 -7.35 5.03
N ILE A 69 2.63 -6.87 5.95
CA ILE A 69 4.09 -7.03 5.92
C ILE A 69 4.48 -8.53 5.86
N ASP A 70 3.83 -9.37 6.64
CA ASP A 70 4.07 -10.82 6.70
C ASP A 70 3.66 -11.57 5.41
N ALA A 71 2.80 -10.95 4.58
CA ALA A 71 2.36 -11.47 3.28
C ALA A 71 3.11 -10.85 2.09
N CYS A 72 3.85 -9.75 2.30
CA CYS A 72 4.58 -9.04 1.24
C CYS A 72 5.88 -9.74 0.81
N LEU A 73 6.23 -9.55 -0.46
CA LEU A 73 7.54 -9.83 -1.05
C LEU A 73 8.43 -8.59 -0.82
N GLU A 74 9.69 -8.65 -1.24
CA GLU A 74 10.68 -7.59 -0.99
C GLU A 74 11.66 -7.44 -2.16
N GLU A 75 11.91 -6.20 -2.60
CA GLU A 75 12.78 -5.84 -3.71
C GLU A 75 13.12 -4.34 -3.68
N ASP A 76 14.37 -3.96 -3.98
CA ASP A 76 14.81 -2.56 -4.15
C ASP A 76 14.61 -1.69 -2.88
N GLY A 77 14.66 -2.33 -1.70
CA GLY A 77 14.45 -1.68 -0.39
C GLY A 77 12.98 -1.52 -0.01
N LYS A 78 12.06 -2.02 -0.82
CA LYS A 78 10.60 -1.82 -0.73
C LYS A 78 9.85 -3.16 -0.65
N LEU A 79 8.58 -3.13 -0.21
CA LEU A 79 7.71 -4.30 -0.15
C LEU A 79 6.78 -4.36 -1.37
N TYR A 80 6.27 -5.55 -1.71
CA TYR A 80 5.32 -5.76 -2.81
C TYR A 80 4.23 -6.80 -2.48
N LEU A 81 3.02 -6.56 -3.00
CA LEU A 81 1.88 -7.49 -2.98
C LEU A 81 1.31 -7.62 -4.41
N CYS A 82 0.19 -8.32 -4.61
CA CYS A 82 -0.44 -8.51 -5.91
C CYS A 82 -1.97 -8.31 -5.89
N VAL A 83 -2.51 -7.79 -7.00
CA VAL A 83 -3.92 -7.36 -7.20
C VAL A 83 -4.33 -7.51 -8.68
N SER A 84 -5.57 -7.14 -9.04
CA SER A 84 -6.12 -7.29 -10.40
C SER A 84 -7.35 -6.40 -10.66
N SER A 85 -7.80 -6.34 -11.91
CA SER A 85 -8.96 -5.57 -12.39
C SER A 85 -9.72 -6.36 -13.49
N PRO A 86 -10.79 -5.81 -14.11
CA PRO A 86 -11.46 -6.43 -15.24
C PRO A 86 -10.55 -6.65 -16.47
N THR A 87 -9.44 -5.90 -16.60
CA THR A 87 -8.56 -5.91 -17.77
C THR A 87 -7.10 -6.24 -17.44
N ILE A 88 -6.65 -6.03 -16.21
CA ILE A 88 -5.25 -6.24 -15.77
C ILE A 88 -5.20 -7.37 -14.74
N LYS A 89 -4.34 -8.36 -14.98
CA LYS A 89 -4.30 -9.63 -14.24
C LYS A 89 -2.93 -9.89 -13.60
N ASP A 90 -2.93 -10.40 -12.36
CA ASP A 90 -1.72 -10.78 -11.59
C ASP A 90 -0.71 -9.62 -11.41
N LYS A 91 -1.23 -8.39 -11.29
CA LYS A 91 -0.42 -7.16 -11.20
C LYS A 91 0.32 -7.09 -9.84
N PRO A 92 1.65 -6.89 -9.81
CA PRO A 92 2.39 -6.61 -8.59
C PRO A 92 2.25 -5.11 -8.26
N VAL A 93 2.16 -4.81 -6.97
CA VAL A 93 1.95 -3.45 -6.45
C VAL A 93 2.90 -3.17 -5.28
N GLN A 94 3.52 -2.00 -5.31
CA GLN A 94 4.53 -1.54 -4.37
C GLN A 94 3.87 -1.06 -3.08
N ILE A 95 4.28 -1.60 -1.93
CA ILE A 95 3.69 -1.34 -0.60
C ILE A 95 4.73 -0.62 0.25
N ARG A 96 4.33 0.47 0.93
CA ARG A 96 5.21 1.24 1.83
C ARG A 96 4.42 1.70 3.07
N PRO A 97 4.54 1.00 4.23
CA PRO A 97 3.97 1.43 5.50
C PRO A 97 4.46 2.85 5.87
N TRP A 98 3.54 3.71 6.31
CA TRP A 98 3.79 5.14 6.48
C TRP A 98 4.66 5.46 7.70
N ASN A 99 5.78 6.16 7.50
CA ASN A 99 6.60 6.71 8.57
C ASN A 99 5.95 7.98 9.16
N LEU A 100 5.53 7.92 10.42
CA LEU A 100 4.85 9.01 11.13
C LEU A 100 5.88 10.00 11.74
N SER A 101 6.71 10.59 10.88
CA SER A 101 7.80 11.51 11.22
C SER A 101 8.30 12.27 9.97
N ASP A 102 9.26 13.19 10.14
CA ASP A 102 9.78 14.10 9.12
C ASP A 102 10.83 13.43 8.20
N SER A 103 10.48 12.26 7.63
CA SER A 103 11.32 11.47 6.74
C SER A 103 10.49 10.44 5.93
N ASP A 104 11.06 9.91 4.85
CA ASP A 104 10.40 9.04 3.86
C ASP A 104 11.43 8.12 3.15
N PHE A 105 12.41 7.64 3.92
CA PHE A 105 13.58 6.90 3.46
C PHE A 105 13.26 5.46 2.98
N VAL A 106 14.29 4.77 2.47
CA VAL A 106 14.22 3.47 1.79
C VAL A 106 15.63 2.83 1.74
N MET A 107 15.71 1.50 1.60
CA MET A 107 16.95 0.71 1.50
C MET A 107 17.66 0.53 2.86
N ASP A 108 16.93 0.67 3.97
CA ASP A 108 17.40 0.52 5.35
C ASP A 108 16.25 0.14 6.29
N SER A 109 16.52 -0.72 7.27
CA SER A 109 15.52 -1.32 8.18
C SER A 109 16.17 -1.97 9.42
N GLY A 110 15.35 -2.32 10.41
CA GLY A 110 15.77 -2.97 11.67
C GLY A 110 14.58 -3.58 12.45
N PRO A 111 14.83 -4.17 13.64
CA PRO A 111 13.80 -4.78 14.47
C PRO A 111 12.82 -3.75 15.05
N SER A 112 11.63 -4.22 15.42
CA SER A 112 10.53 -3.38 15.95
C SER A 112 10.76 -2.87 17.39
N SER A 113 11.83 -3.32 18.06
CA SER A 113 12.17 -3.03 19.46
C SER A 113 13.62 -3.43 19.79
N GLY A 114 14.15 -2.94 20.93
CA GLY A 114 15.51 -3.22 21.40
C GLY A 114 15.85 -2.51 22.71
N GLY A 1 12.45 -7.78 25.12
CA GLY A 1 11.25 -6.94 25.35
C GLY A 1 10.55 -6.60 24.04
N SER A 2 9.22 -6.65 24.03
CA SER A 2 8.38 -6.48 22.82
C SER A 2 7.03 -5.82 23.16
N SER A 3 6.40 -5.14 22.19
CA SER A 3 5.11 -4.45 22.32
C SER A 3 4.48 -4.19 20.94
N GLY A 4 3.14 -4.15 20.87
CA GLY A 4 2.36 -3.86 19.66
C GLY A 4 2.00 -2.38 19.50
N SER A 5 1.43 -2.04 18.35
CA SER A 5 0.83 -0.72 18.03
C SER A 5 1.84 0.46 17.91
N SER A 6 3.13 0.18 17.82
CA SER A 6 4.19 1.21 17.72
C SER A 6 4.33 1.87 16.33
N GLY A 7 3.71 1.28 15.28
CA GLY A 7 3.74 1.77 13.90
C GLY A 7 2.51 2.60 13.49
N SER A 8 2.55 3.15 12.28
CA SER A 8 1.40 3.84 11.66
C SER A 8 0.47 2.86 10.93
N ARG A 9 -0.81 3.22 10.82
CA ARG A 9 -1.84 2.44 10.09
C ARG A 9 -2.06 2.91 8.65
N LYS A 10 -1.39 3.98 8.21
CA LYS A 10 -1.39 4.43 6.81
C LYS A 10 -0.40 3.60 5.98
N VAL A 11 -0.82 3.12 4.81
CA VAL A 11 0.01 2.35 3.87
C VAL A 11 -0.24 2.83 2.44
N PHE A 12 0.78 3.41 1.80
CA PHE A 12 0.77 3.75 0.38
C PHE A 12 0.85 2.48 -0.49
N VAL A 13 0.09 2.45 -1.58
CA VAL A 13 0.10 1.37 -2.58
C VAL A 13 0.21 1.97 -3.98
N GLY A 14 1.29 1.65 -4.70
CA GLY A 14 1.60 2.17 -6.04
C GLY A 14 1.62 1.09 -7.12
N GLY A 15 1.16 1.44 -8.33
CA GLY A 15 1.02 0.55 -9.48
C GLY A 15 -0.41 0.01 -9.70
N LEU A 16 -1.41 0.56 -8.99
CA LEU A 16 -2.82 0.17 -9.08
C LEU A 16 -3.36 0.32 -10.52
N PRO A 17 -4.23 -0.59 -11.00
CA PRO A 17 -4.91 -0.47 -12.30
C PRO A 17 -5.67 0.85 -12.48
N PRO A 18 -5.88 1.31 -13.72
CA PRO A 18 -6.62 2.54 -14.03
C PRO A 18 -8.15 2.36 -13.96
N ASP A 19 -8.64 1.17 -13.56
CA ASP A 19 -10.05 0.76 -13.64
C ASP A 19 -10.53 0.06 -12.35
N ILE A 20 -9.83 0.27 -11.22
CA ILE A 20 -10.10 -0.36 -9.93
C ILE A 20 -10.80 0.61 -8.94
N ASP A 21 -11.97 0.22 -8.44
CA ASP A 21 -12.79 1.01 -7.52
C ASP A 21 -12.29 0.94 -6.06
N GLU A 22 -12.72 1.91 -5.25
CA GLU A 22 -12.47 1.97 -3.80
C GLU A 22 -12.78 0.64 -3.09
N ASP A 23 -13.91 0.00 -3.42
CA ASP A 23 -14.35 -1.25 -2.79
C ASP A 23 -13.55 -2.48 -3.26
N GLU A 24 -12.95 -2.41 -4.46
CA GLU A 24 -12.04 -3.44 -4.98
C GLU A 24 -10.65 -3.30 -4.35
N ILE A 25 -10.14 -2.07 -4.18
CA ILE A 25 -8.91 -1.82 -3.41
C ILE A 25 -9.12 -2.26 -1.95
N THR A 26 -10.29 -1.97 -1.37
CA THR A 26 -10.66 -2.40 -0.02
C THR A 26 -10.68 -3.93 0.06
N ALA A 27 -11.40 -4.61 -0.83
CA ALA A 27 -11.46 -6.07 -0.85
C ALA A 27 -10.09 -6.75 -1.10
N SER A 28 -9.19 -6.08 -1.84
CA SER A 28 -7.82 -6.57 -2.07
C SER A 28 -6.94 -6.58 -0.81
N PHE A 29 -7.27 -5.76 0.21
CA PHE A 29 -6.52 -5.67 1.47
C PHE A 29 -7.36 -6.01 2.72
N ARG A 30 -8.67 -6.24 2.58
CA ARG A 30 -9.59 -6.65 3.65
C ARG A 30 -9.22 -8.00 4.28
N ARG A 31 -8.49 -8.85 3.53
CA ARG A 31 -7.85 -10.10 3.98
C ARG A 31 -6.94 -9.94 5.23
N PHE A 32 -6.48 -8.73 5.52
CA PHE A 32 -5.60 -8.40 6.65
C PHE A 32 -6.35 -7.83 7.88
N GLY A 33 -7.64 -7.52 7.73
CA GLY A 33 -8.46 -6.79 8.72
C GLY A 33 -9.14 -5.57 8.08
N PRO A 34 -10.08 -4.91 8.80
CA PRO A 34 -10.88 -3.81 8.26
C PRO A 34 -10.06 -2.52 8.08
N LEU A 35 -10.48 -1.71 7.09
CA LEU A 35 -9.76 -0.55 6.57
C LEU A 35 -10.67 0.42 5.80
N VAL A 36 -10.12 1.58 5.42
CA VAL A 36 -10.72 2.54 4.47
C VAL A 36 -9.63 2.99 3.46
N VAL A 37 -10.04 3.50 2.29
CA VAL A 37 -9.14 3.79 1.15
C VAL A 37 -9.40 5.21 0.61
N ASP A 38 -8.31 5.93 0.31
CA ASP A 38 -8.30 7.33 -0.14
C ASP A 38 -7.13 7.61 -1.11
N TRP A 39 -7.24 8.66 -1.93
CA TRP A 39 -6.22 9.05 -2.92
C TRP A 39 -6.32 10.55 -3.31
N PRO A 40 -5.27 11.16 -3.91
CA PRO A 40 -5.27 12.56 -4.32
C PRO A 40 -6.38 12.88 -5.34
N HIS A 41 -7.01 14.05 -5.17
CA HIS A 41 -8.11 14.58 -6.04
C HIS A 41 -9.42 13.76 -6.01
N LYS A 42 -9.57 12.81 -5.08
CA LYS A 42 -10.80 12.00 -4.91
C LYS A 42 -12.02 12.86 -4.51
N ALA A 43 -11.74 14.02 -3.92
CA ALA A 43 -12.69 15.04 -3.48
C ALA A 43 -12.82 16.25 -4.45
N GLU A 44 -12.08 16.25 -5.56
CA GLU A 44 -11.91 17.39 -6.47
C GLU A 44 -12.03 17.04 -7.96
N SER A 45 -12.30 15.78 -8.30
CA SER A 45 -12.39 15.26 -9.67
C SER A 45 -13.37 14.07 -9.76
N LYS A 46 -14.04 13.93 -10.90
CA LYS A 46 -15.14 12.96 -11.12
C LYS A 46 -14.63 11.53 -11.41
N SER A 47 -13.79 11.00 -10.53
CA SER A 47 -13.08 9.72 -10.70
C SER A 47 -13.19 8.83 -9.45
N TYR A 48 -13.91 7.71 -9.57
CA TYR A 48 -14.03 6.66 -8.55
C TYR A 48 -12.91 5.58 -8.64
N PHE A 49 -11.94 5.81 -9.53
CA PHE A 49 -10.67 5.08 -9.65
C PHE A 49 -9.51 6.02 -9.24
N PRO A 50 -8.37 5.50 -8.75
CA PRO A 50 -7.19 6.32 -8.43
C PRO A 50 -6.63 6.95 -9.72
N PRO A 51 -6.62 8.29 -9.86
CA PRO A 51 -6.31 8.98 -11.12
C PRO A 51 -4.81 9.18 -11.38
N LYS A 52 -3.97 8.52 -10.60
CA LYS A 52 -2.51 8.62 -10.61
C LYS A 52 -1.79 7.25 -10.53
N GLY A 53 -2.56 6.14 -10.47
CA GLY A 53 -2.03 4.78 -10.33
C GLY A 53 -1.60 4.41 -8.90
N TYR A 54 -2.05 5.16 -7.88
CA TYR A 54 -1.71 4.91 -6.48
C TYR A 54 -2.79 5.38 -5.49
N ALA A 55 -2.78 4.83 -4.28
CA ALA A 55 -3.71 5.15 -3.20
C ALA A 55 -3.08 4.89 -1.82
N PHE A 56 -3.78 5.34 -0.77
CA PHE A 56 -3.44 5.16 0.64
C PHE A 56 -4.52 4.34 1.34
N LEU A 57 -4.10 3.21 1.92
CA LEU A 57 -4.90 2.38 2.81
C LEU A 57 -4.76 2.92 4.24
N LEU A 58 -5.85 2.92 4.99
CA LEU A 58 -5.90 3.23 6.42
C LEU A 58 -6.56 2.04 7.14
N PHE A 59 -5.77 1.24 7.85
CA PHE A 59 -6.27 0.09 8.61
C PHE A 59 -6.80 0.52 10.00
N GLN A 60 -7.64 -0.31 10.62
CA GLN A 60 -8.21 -0.02 11.95
C GLN A 60 -7.32 -0.52 13.11
N GLU A 61 -6.44 -1.50 12.87
CA GLU A 61 -5.43 -2.00 13.81
C GLU A 61 -4.06 -2.05 13.13
N GLU A 62 -2.98 -1.78 13.87
CA GLU A 62 -1.60 -1.84 13.35
C GLU A 62 -1.21 -3.28 12.99
N SER A 63 -1.77 -4.28 13.70
CA SER A 63 -1.61 -5.70 13.42
C SER A 63 -2.03 -6.06 11.98
N SER A 64 -2.95 -5.31 11.37
CA SER A 64 -3.35 -5.50 9.97
C SER A 64 -2.25 -5.05 8.98
N VAL A 65 -1.42 -4.07 9.37
CA VAL A 65 -0.26 -3.63 8.58
C VAL A 65 0.87 -4.64 8.72
N GLN A 66 1.08 -5.23 9.90
CA GLN A 66 2.03 -6.32 10.09
C GLN A 66 1.61 -7.58 9.34
N ALA A 67 0.31 -7.91 9.31
CA ALA A 67 -0.22 -9.01 8.51
C ALA A 67 0.00 -8.80 6.99
N LEU A 68 -0.12 -7.56 6.51
CA LEU A 68 0.24 -7.18 5.14
C LEU A 68 1.75 -7.37 4.90
N ILE A 69 2.60 -6.86 5.80
CA ILE A 69 4.07 -7.02 5.73
C ILE A 69 4.47 -8.51 5.67
N ASP A 70 3.80 -9.37 6.45
CA ASP A 70 4.03 -10.82 6.48
C ASP A 70 3.59 -11.55 5.19
N ALA A 71 2.74 -10.93 4.36
CA ALA A 71 2.31 -11.44 3.06
C ALA A 71 3.07 -10.80 1.88
N CYS A 72 3.81 -9.70 2.11
CA CYS A 72 4.55 -8.99 1.07
C CYS A 72 5.85 -9.70 0.66
N LEU A 73 6.22 -9.49 -0.61
CA LEU A 73 7.54 -9.78 -1.16
C LEU A 73 8.45 -8.57 -0.87
N GLU A 74 9.74 -8.66 -1.16
CA GLU A 74 10.73 -7.63 -0.83
C GLU A 74 11.82 -7.52 -1.91
N GLU A 75 12.21 -6.29 -2.25
CA GLU A 75 13.29 -5.98 -3.18
C GLU A 75 13.88 -4.59 -2.86
N ASP A 76 15.18 -4.53 -2.58
CA ASP A 76 15.93 -3.36 -2.10
C ASP A 76 15.48 -2.84 -0.71
N GLY A 77 14.61 -3.60 -0.01
CA GLY A 77 13.92 -3.21 1.22
C GLY A 77 12.51 -2.63 0.98
N LYS A 78 12.17 -2.30 -0.27
CA LYS A 78 10.80 -1.96 -0.68
C LYS A 78 9.93 -3.23 -0.69
N LEU A 79 8.66 -3.12 -0.27
CA LEU A 79 7.74 -4.27 -0.22
C LEU A 79 6.80 -4.28 -1.43
N TYR A 80 6.26 -5.46 -1.77
CA TYR A 80 5.36 -5.65 -2.91
C TYR A 80 4.27 -6.71 -2.64
N LEU A 81 3.08 -6.49 -3.21
CA LEU A 81 1.93 -7.41 -3.22
C LEU A 81 1.40 -7.51 -4.66
N CYS A 82 0.30 -8.24 -4.91
CA CYS A 82 -0.32 -8.37 -6.24
C CYS A 82 -1.84 -8.11 -6.22
N VAL A 83 -2.37 -7.53 -7.30
CA VAL A 83 -3.78 -7.12 -7.48
C VAL A 83 -4.22 -7.22 -8.95
N SER A 84 -5.50 -6.92 -9.26
CA SER A 84 -6.11 -7.07 -10.58
C SER A 84 -7.41 -6.24 -10.75
N SER A 85 -7.92 -6.16 -11.98
CA SER A 85 -9.12 -5.41 -12.38
C SER A 85 -9.77 -6.04 -13.63
N PRO A 86 -10.87 -5.50 -14.18
CA PRO A 86 -11.41 -5.93 -15.47
C PRO A 86 -10.45 -5.74 -16.65
N THR A 87 -9.43 -4.88 -16.53
CA THR A 87 -8.49 -4.53 -17.61
C THR A 87 -7.05 -5.00 -17.36
N ILE A 88 -6.67 -5.29 -16.12
CA ILE A 88 -5.29 -5.59 -15.69
C ILE A 88 -5.28 -6.86 -14.82
N LYS A 89 -4.32 -7.77 -15.05
CA LYS A 89 -4.27 -9.11 -14.45
C LYS A 89 -2.87 -9.41 -13.85
N ASP A 90 -2.85 -10.03 -12.66
CA ASP A 90 -1.63 -10.53 -11.97
C ASP A 90 -0.57 -9.43 -11.72
N LYS A 91 -1.03 -8.18 -11.54
CA LYS A 91 -0.17 -7.00 -11.45
C LYS A 91 0.54 -6.92 -10.08
N PRO A 92 1.88 -6.79 -10.03
CA PRO A 92 2.62 -6.50 -8.82
C PRO A 92 2.50 -5.01 -8.49
N VAL A 93 2.38 -4.70 -7.20
CA VAL A 93 2.16 -3.34 -6.68
C VAL A 93 3.05 -3.08 -5.48
N GLN A 94 3.69 -1.91 -5.45
CA GLN A 94 4.63 -1.51 -4.42
C GLN A 94 3.85 -1.11 -3.16
N ILE A 95 4.24 -1.66 -2.00
CA ILE A 95 3.62 -1.42 -0.70
C ILE A 95 4.60 -0.62 0.16
N ARG A 96 4.13 0.45 0.78
CA ARG A 96 4.93 1.38 1.57
C ARG A 96 4.18 1.75 2.87
N PRO A 97 4.37 0.99 3.96
CA PRO A 97 3.89 1.37 5.28
C PRO A 97 4.52 2.71 5.67
N TRP A 98 3.73 3.64 6.23
CA TRP A 98 4.18 5.01 6.46
C TRP A 98 5.32 5.12 7.50
N ASN A 99 6.30 5.96 7.21
CA ASN A 99 7.54 6.14 7.99
C ASN A 99 7.86 7.63 8.25
N LEU A 100 8.72 7.90 9.24
CA LEU A 100 9.27 9.23 9.52
C LEU A 100 10.40 9.59 8.54
N SER A 101 10.76 10.86 8.47
CA SER A 101 11.64 11.44 7.44
C SER A 101 13.12 11.00 7.51
N ASP A 102 13.56 10.30 8.56
CA ASP A 102 14.94 9.87 8.76
C ASP A 102 15.33 8.57 8.02
N SER A 103 14.34 7.76 7.59
CA SER A 103 14.53 6.50 6.86
C SER A 103 13.20 5.97 6.31
N ASP A 104 13.12 5.73 4.99
CA ASP A 104 11.89 5.39 4.27
C ASP A 104 12.18 4.67 2.94
N PHE A 105 11.53 3.54 2.70
CA PHE A 105 11.80 2.65 1.56
C PHE A 105 11.10 3.13 0.28
N VAL A 106 11.80 3.96 -0.49
CA VAL A 106 11.39 4.50 -1.80
C VAL A 106 12.65 4.95 -2.58
N MET A 107 12.67 4.67 -3.88
CA MET A 107 13.85 4.81 -4.76
C MET A 107 13.47 5.25 -6.18
N ASP A 108 14.46 5.66 -6.97
CA ASP A 108 14.33 6.13 -8.35
C ASP A 108 15.64 5.88 -9.15
N SER A 109 15.56 5.94 -10.48
CA SER A 109 16.64 5.57 -11.41
C SER A 109 17.84 6.54 -11.45
N GLY A 110 17.78 7.67 -10.72
CA GLY A 110 18.87 8.64 -10.58
C GLY A 110 18.77 9.47 -9.28
N PRO A 111 19.86 10.17 -8.89
CA PRO A 111 19.91 11.01 -7.69
C PRO A 111 19.19 12.35 -7.92
N SER A 112 18.88 13.05 -6.82
CA SER A 112 18.20 14.36 -6.83
C SER A 112 19.15 15.55 -7.13
N SER A 113 20.45 15.32 -7.25
CA SER A 113 21.52 16.30 -7.53
C SER A 113 22.84 15.59 -7.90
N GLY A 114 23.70 16.25 -8.68
CA GLY A 114 25.00 15.71 -9.13
C GLY A 114 25.80 16.73 -9.96
N GLY A 1 17.49 -6.34 15.95
CA GLY A 1 16.70 -6.18 14.72
C GLY A 1 15.58 -7.21 14.66
N SER A 2 14.37 -6.79 14.24
CA SER A 2 13.15 -7.61 14.26
C SER A 2 12.21 -7.24 13.10
N SER A 3 11.34 -8.16 12.67
CA SER A 3 10.42 -7.97 11.53
C SER A 3 9.14 -7.16 11.84
N GLY A 4 8.98 -6.72 13.10
CA GLY A 4 7.83 -5.94 13.57
C GLY A 4 7.93 -4.46 13.22
N SER A 5 6.80 -3.83 12.91
CA SER A 5 6.69 -2.40 12.58
C SER A 5 5.41 -1.77 13.16
N SER A 6 5.51 -0.53 13.66
CA SER A 6 4.49 0.17 14.45
C SER A 6 4.62 1.70 14.30
N GLY A 7 3.55 2.44 14.61
CA GLY A 7 3.50 3.91 14.65
C GLY A 7 2.37 4.54 13.82
N SER A 8 1.77 3.78 12.90
CA SER A 8 0.65 4.20 12.05
C SER A 8 -0.11 3.02 11.43
N ARG A 9 -1.39 3.26 11.11
CA ARG A 9 -2.25 2.34 10.35
C ARG A 9 -2.38 2.72 8.87
N LYS A 10 -1.72 3.80 8.43
CA LYS A 10 -1.67 4.24 7.04
C LYS A 10 -0.63 3.44 6.23
N VAL A 11 -0.96 3.05 5.00
CA VAL A 11 -0.05 2.36 4.06
C VAL A 11 -0.29 2.87 2.64
N PHE A 12 0.74 3.43 2.01
CA PHE A 12 0.71 3.81 0.59
C PHE A 12 0.89 2.58 -0.31
N VAL A 13 0.18 2.56 -1.45
CA VAL A 13 0.25 1.51 -2.48
C VAL A 13 0.40 2.16 -3.86
N GLY A 14 1.45 1.79 -4.60
CA GLY A 14 1.76 2.31 -5.94
C GLY A 14 1.79 1.22 -7.02
N GLY A 15 1.46 1.61 -8.25
CA GLY A 15 1.44 0.72 -9.42
C GLY A 15 0.10 0.02 -9.67
N LEU A 16 -1.00 0.56 -9.12
CA LEU A 16 -2.36 0.04 -9.26
C LEU A 16 -2.79 -0.02 -10.74
N PRO A 17 -3.61 -1.01 -11.16
CA PRO A 17 -4.21 -1.06 -12.50
C PRO A 17 -4.99 0.22 -12.85
N PRO A 18 -5.11 0.57 -14.15
CA PRO A 18 -5.66 1.85 -14.61
C PRO A 18 -7.18 1.96 -14.52
N ASP A 19 -7.89 0.94 -14.03
CA ASP A 19 -9.36 0.89 -13.97
C ASP A 19 -9.90 0.23 -12.68
N ILE A 20 -9.06 0.11 -11.65
CA ILE A 20 -9.42 -0.48 -10.35
C ILE A 20 -10.18 0.53 -9.47
N ASP A 21 -11.31 0.14 -8.89
CA ASP A 21 -12.14 1.02 -8.06
C ASP A 21 -11.84 0.95 -6.56
N GLU A 22 -12.44 1.88 -5.81
CA GLU A 22 -12.37 1.98 -4.35
C GLU A 22 -12.69 0.64 -3.64
N ASP A 23 -13.75 -0.07 -4.06
CA ASP A 23 -14.19 -1.33 -3.45
C ASP A 23 -13.29 -2.51 -3.84
N GLU A 24 -12.71 -2.52 -5.05
CA GLU A 24 -11.68 -3.47 -5.46
C GLU A 24 -10.36 -3.26 -4.69
N ILE A 25 -9.92 -2.01 -4.48
CA ILE A 25 -8.73 -1.72 -3.66
C ILE A 25 -8.99 -2.14 -2.20
N THR A 26 -10.21 -1.94 -1.69
CA THR A 26 -10.62 -2.39 -0.35
C THR A 26 -10.60 -3.91 -0.28
N ALA A 27 -11.25 -4.62 -1.19
CA ALA A 27 -11.25 -6.09 -1.23
C ALA A 27 -9.83 -6.68 -1.42
N SER A 28 -8.96 -5.97 -2.13
CA SER A 28 -7.56 -6.36 -2.34
C SER A 28 -6.69 -6.29 -1.07
N PHE A 29 -7.15 -5.63 0.01
CA PHE A 29 -6.44 -5.59 1.29
C PHE A 29 -7.32 -5.96 2.51
N ARG A 30 -8.62 -6.22 2.29
CA ARG A 30 -9.56 -6.71 3.32
C ARG A 30 -9.14 -8.06 3.93
N ARG A 31 -8.33 -8.85 3.21
CA ARG A 31 -7.66 -10.08 3.65
C ARG A 31 -6.73 -9.91 4.89
N PHE A 32 -6.41 -8.67 5.27
CA PHE A 32 -5.61 -8.33 6.45
C PHE A 32 -6.44 -7.78 7.64
N GLY A 33 -7.75 -7.60 7.45
CA GLY A 33 -8.66 -6.92 8.39
C GLY A 33 -9.37 -5.72 7.73
N PRO A 34 -10.37 -5.12 8.39
CA PRO A 34 -11.15 -4.01 7.84
C PRO A 34 -10.31 -2.72 7.72
N LEU A 35 -10.70 -1.87 6.77
CA LEU A 35 -9.96 -0.69 6.33
C LEU A 35 -10.85 0.31 5.56
N VAL A 36 -10.30 1.49 5.27
CA VAL A 36 -10.84 2.49 4.33
C VAL A 36 -9.73 2.93 3.36
N VAL A 37 -10.11 3.44 2.18
CA VAL A 37 -9.19 3.75 1.07
C VAL A 37 -9.42 5.18 0.57
N ASP A 38 -8.32 5.89 0.30
CA ASP A 38 -8.29 7.31 -0.08
C ASP A 38 -7.08 7.62 -0.99
N TRP A 39 -7.09 8.79 -1.65
CA TRP A 39 -5.99 9.26 -2.50
C TRP A 39 -5.99 10.80 -2.67
N PRO A 40 -4.84 11.44 -2.97
CA PRO A 40 -4.66 12.91 -2.99
C PRO A 40 -5.45 13.71 -4.03
N HIS A 41 -6.43 13.10 -4.69
CA HIS A 41 -7.19 13.64 -5.82
C HIS A 41 -8.72 13.45 -5.65
N LYS A 42 -9.17 12.74 -4.60
CA LYS A 42 -10.59 12.50 -4.31
C LYS A 42 -11.32 13.77 -3.84
N ALA A 43 -10.56 14.77 -3.37
CA ALA A 43 -11.02 16.11 -3.02
C ALA A 43 -11.27 17.03 -4.24
N GLU A 44 -10.87 16.60 -5.45
CA GLU A 44 -10.88 17.41 -6.68
C GLU A 44 -11.47 16.66 -7.90
N SER A 45 -12.11 15.51 -7.67
CA SER A 45 -12.69 14.64 -8.69
C SER A 45 -13.86 13.81 -8.16
N LYS A 46 -14.89 13.61 -8.98
CA LYS A 46 -16.04 12.75 -8.68
C LYS A 46 -15.76 11.23 -8.81
N SER A 47 -14.59 10.84 -9.32
CA SER A 47 -14.29 9.45 -9.70
C SER A 47 -13.85 8.61 -8.50
N TYR A 48 -14.52 7.46 -8.29
CA TYR A 48 -14.20 6.47 -7.24
C TYR A 48 -13.09 5.48 -7.67
N PHE A 49 -12.14 5.97 -8.45
CA PHE A 49 -10.95 5.30 -8.98
C PHE A 49 -9.74 6.25 -8.81
N PRO A 50 -8.56 5.80 -8.34
CA PRO A 50 -7.38 6.67 -8.20
C PRO A 50 -6.87 7.08 -9.59
N PRO A 51 -6.81 8.40 -9.92
CA PRO A 51 -6.55 8.87 -11.28
C PRO A 51 -5.08 8.93 -11.67
N LYS A 52 -4.20 8.34 -10.85
CA LYS A 52 -2.74 8.41 -10.98
C LYS A 52 -2.01 7.05 -10.75
N GLY A 53 -2.75 5.97 -10.47
CA GLY A 53 -2.19 4.62 -10.26
C GLY A 53 -1.63 4.37 -8.85
N TYR A 54 -2.07 5.13 -7.85
CA TYR A 54 -1.64 4.99 -6.45
C TYR A 54 -2.72 5.44 -5.44
N ALA A 55 -2.66 4.90 -4.21
CA ALA A 55 -3.62 5.17 -3.14
C ALA A 55 -3.02 4.94 -1.75
N PHE A 56 -3.75 5.40 -0.73
CA PHE A 56 -3.48 5.19 0.69
C PHE A 56 -4.58 4.30 1.30
N LEU A 57 -4.15 3.23 1.97
CA LEU A 57 -4.96 2.37 2.81
C LEU A 57 -4.86 2.86 4.26
N LEU A 58 -5.98 2.85 4.98
CA LEU A 58 -6.07 3.12 6.42
C LEU A 58 -6.75 1.92 7.07
N PHE A 59 -5.99 1.10 7.81
CA PHE A 59 -6.51 -0.10 8.46
C PHE A 59 -7.15 0.21 9.83
N GLN A 60 -7.99 -0.70 10.33
CA GLN A 60 -8.64 -0.59 11.64
C GLN A 60 -7.69 -0.90 12.81
N GLU A 61 -6.64 -1.70 12.58
CA GLU A 61 -5.64 -2.10 13.58
C GLU A 61 -4.24 -2.13 12.96
N GLU A 62 -3.22 -1.76 13.73
CA GLU A 62 -1.80 -1.85 13.30
C GLU A 62 -1.41 -3.30 12.97
N SER A 63 -2.01 -4.28 13.64
CA SER A 63 -1.86 -5.71 13.35
C SER A 63 -2.21 -6.07 11.89
N SER A 64 -3.09 -5.31 11.23
CA SER A 64 -3.40 -5.48 9.80
C SER A 64 -2.25 -4.99 8.90
N VAL A 65 -1.49 -3.98 9.33
CA VAL A 65 -0.30 -3.52 8.62
C VAL A 65 0.83 -4.53 8.78
N GLN A 66 0.97 -5.14 9.96
CA GLN A 66 1.94 -6.22 10.17
C GLN A 66 1.55 -7.50 9.40
N ALA A 67 0.26 -7.84 9.32
CA ALA A 67 -0.23 -8.95 8.50
C ALA A 67 0.05 -8.72 7.00
N LEU A 68 -0.07 -7.48 6.53
CA LEU A 68 0.35 -7.10 5.17
C LEU A 68 1.86 -7.29 4.99
N ILE A 69 2.69 -6.79 5.92
CA ILE A 69 4.15 -6.96 5.90
C ILE A 69 4.54 -8.45 5.85
N ASP A 70 3.87 -9.30 6.63
CA ASP A 70 4.10 -10.75 6.68
C ASP A 70 3.69 -11.49 5.38
N ALA A 71 2.85 -10.86 4.54
CA ALA A 71 2.43 -11.39 3.24
C ALA A 71 3.19 -10.76 2.05
N CYS A 72 3.92 -9.66 2.27
CA CYS A 72 4.66 -8.95 1.22
C CYS A 72 5.93 -9.70 0.77
N LEU A 73 6.21 -9.58 -0.54
CA LEU A 73 7.49 -9.91 -1.15
C LEU A 73 8.45 -8.73 -0.93
N GLU A 74 9.72 -8.89 -1.29
CA GLU A 74 10.76 -7.88 -1.05
C GLU A 74 11.76 -7.82 -2.21
N GLU A 75 12.11 -6.60 -2.64
CA GLU A 75 13.03 -6.33 -3.74
C GLU A 75 13.59 -4.90 -3.65
N ASP A 76 14.91 -4.75 -3.85
CA ASP A 76 15.66 -3.49 -3.84
C ASP A 76 15.51 -2.65 -2.53
N GLY A 77 15.13 -3.31 -1.42
CA GLY A 77 14.88 -2.70 -0.12
C GLY A 77 13.42 -2.30 0.13
N LYS A 78 12.52 -2.53 -0.83
CA LYS A 78 11.09 -2.20 -0.76
C LYS A 78 10.20 -3.46 -0.76
N LEU A 79 8.94 -3.30 -0.32
CA LEU A 79 7.94 -4.38 -0.23
C LEU A 79 6.95 -4.35 -1.41
N TYR A 80 6.40 -5.52 -1.76
CA TYR A 80 5.44 -5.68 -2.86
C TYR A 80 4.34 -6.71 -2.55
N LEU A 81 3.15 -6.50 -3.12
CA LEU A 81 2.00 -7.41 -3.09
C LEU A 81 1.41 -7.51 -4.52
N CYS A 82 0.24 -8.14 -4.70
CA CYS A 82 -0.41 -8.33 -6.00
C CYS A 82 -1.95 -8.15 -5.92
N VAL A 83 -2.55 -7.59 -6.97
CA VAL A 83 -3.95 -7.12 -7.03
C VAL A 83 -4.53 -7.28 -8.46
N SER A 84 -5.85 -7.06 -8.63
CA SER A 84 -6.58 -7.31 -9.88
C SER A 84 -7.75 -6.32 -10.09
N SER A 85 -8.12 -6.07 -11.35
CA SER A 85 -9.13 -5.09 -11.78
C SER A 85 -10.00 -5.63 -12.95
N PRO A 86 -10.90 -4.83 -13.56
CA PRO A 86 -11.63 -5.22 -14.78
C PRO A 86 -10.73 -5.30 -16.03
N THR A 87 -9.48 -4.81 -15.96
CA THR A 87 -8.56 -4.66 -17.10
C THR A 87 -7.26 -5.44 -16.95
N ILE A 88 -6.75 -5.61 -15.73
CA ILE A 88 -5.47 -6.29 -15.44
C ILE A 88 -5.66 -7.28 -14.29
N LYS A 89 -5.05 -8.45 -14.42
CA LYS A 89 -5.12 -9.54 -13.44
C LYS A 89 -3.72 -9.91 -12.93
N ASP A 90 -3.56 -10.08 -11.61
CA ASP A 90 -2.30 -10.46 -10.92
C ASP A 90 -1.20 -9.38 -11.06
N LYS A 91 -1.58 -8.11 -11.22
CA LYS A 91 -0.67 -6.96 -11.24
C LYS A 91 0.12 -6.89 -9.90
N PRO A 92 1.47 -6.84 -9.91
CA PRO A 92 2.25 -6.58 -8.72
C PRO A 92 2.23 -5.08 -8.39
N VAL A 93 2.26 -4.76 -7.10
CA VAL A 93 2.12 -3.38 -6.57
C VAL A 93 3.10 -3.14 -5.43
N GLN A 94 3.68 -1.94 -5.38
CA GLN A 94 4.67 -1.52 -4.39
C GLN A 94 3.97 -1.06 -3.10
N ILE A 95 4.42 -1.54 -1.95
CA ILE A 95 3.79 -1.29 -0.64
C ILE A 95 4.74 -0.47 0.24
N ARG A 96 4.23 0.60 0.86
CA ARG A 96 4.99 1.57 1.65
C ARG A 96 4.24 1.90 2.96
N PRO A 97 4.48 1.16 4.05
CA PRO A 97 3.93 1.48 5.37
C PRO A 97 4.39 2.88 5.82
N TRP A 98 3.47 3.67 6.39
CA TRP A 98 3.73 5.06 6.76
C TRP A 98 4.69 5.19 7.95
N ASN A 99 5.65 6.10 7.82
CA ASN A 99 6.74 6.36 8.77
C ASN A 99 7.13 7.85 8.77
N LEU A 100 7.60 8.34 9.92
CA LEU A 100 8.01 9.73 10.17
C LEU A 100 9.34 9.77 10.94
N SER A 101 10.07 10.88 10.83
CA SER A 101 11.41 11.09 11.42
C SER A 101 12.51 10.21 10.76
N ASP A 102 12.23 9.64 9.58
CA ASP A 102 13.09 8.72 8.82
C ASP A 102 12.69 8.73 7.32
N SER A 103 13.59 8.24 6.46
CA SER A 103 13.46 8.24 4.99
C SER A 103 12.95 6.89 4.42
N ASP A 104 12.82 6.80 3.09
CA ASP A 104 12.28 5.66 2.34
C ASP A 104 12.78 5.69 0.88
N PHE A 105 13.18 4.53 0.35
CA PHE A 105 13.80 4.37 -0.97
C PHE A 105 12.87 4.77 -2.12
N VAL A 106 13.44 5.21 -3.25
CA VAL A 106 12.69 5.67 -4.44
C VAL A 106 13.57 5.56 -5.69
N MET A 107 12.97 5.11 -6.80
CA MET A 107 13.65 4.81 -8.08
C MET A 107 13.64 5.98 -9.08
N ASP A 108 13.38 7.21 -8.61
CA ASP A 108 13.19 8.41 -9.41
C ASP A 108 13.63 9.68 -8.65
N SER A 109 14.05 10.72 -9.40
CA SER A 109 14.62 11.97 -8.86
C SER A 109 13.70 13.20 -9.06
N GLY A 110 12.43 12.99 -9.44
CA GLY A 110 11.43 14.06 -9.64
C GLY A 110 10.81 14.58 -8.33
N PRO A 111 9.86 15.53 -8.42
CA PRO A 111 9.20 16.15 -7.27
C PRO A 111 8.55 15.13 -6.34
N SER A 112 8.78 15.29 -5.03
CA SER A 112 8.36 14.34 -3.97
C SER A 112 7.65 15.03 -2.79
N SER A 113 7.27 16.30 -2.94
CA SER A 113 6.71 17.17 -1.89
C SER A 113 5.67 18.15 -2.46
N GLY A 114 4.68 18.55 -1.65
CA GLY A 114 3.60 19.46 -2.02
C GLY A 114 2.69 19.83 -0.84
N GLY A 1 13.83 -3.52 24.92
CA GLY A 1 14.46 -3.60 23.59
C GLY A 1 13.55 -3.05 22.50
N SER A 2 13.83 -3.39 21.24
CA SER A 2 13.06 -2.95 20.07
C SER A 2 11.63 -3.52 20.04
N SER A 3 10.66 -2.74 19.54
CA SER A 3 9.23 -3.10 19.47
C SER A 3 8.47 -2.20 18.49
N GLY A 4 7.20 -2.54 18.20
CA GLY A 4 6.30 -1.79 17.32
C GLY A 4 5.71 -0.57 18.03
N SER A 5 6.48 0.52 18.04
CA SER A 5 6.20 1.71 18.86
C SER A 5 6.29 3.04 18.07
N SER A 6 6.22 2.98 16.73
CA SER A 6 6.33 4.15 15.83
C SER A 6 5.71 3.90 14.44
N GLY A 7 5.45 4.99 13.69
CA GLY A 7 4.81 4.97 12.37
C GLY A 7 3.29 5.20 12.45
N SER A 8 2.54 4.60 11.53
CA SER A 8 1.09 4.82 11.37
C SER A 8 0.36 3.61 10.76
N ARG A 9 -0.98 3.59 10.88
CA ARG A 9 -1.87 2.63 10.19
C ARG A 9 -2.07 2.98 8.70
N LYS A 10 -1.54 4.12 8.24
CA LYS A 10 -1.45 4.47 6.82
C LYS A 10 -0.52 3.49 6.08
N VAL A 11 -0.90 3.03 4.89
CA VAL A 11 -0.02 2.28 3.98
C VAL A 11 -0.24 2.78 2.55
N PHE A 12 0.80 3.35 1.94
CA PHE A 12 0.81 3.74 0.53
C PHE A 12 0.90 2.49 -0.37
N VAL A 13 0.12 2.47 -1.44
CA VAL A 13 0.09 1.40 -2.45
C VAL A 13 0.15 2.03 -3.84
N GLY A 14 1.27 1.80 -4.55
CA GLY A 14 1.55 2.35 -5.88
C GLY A 14 1.54 1.30 -6.99
N GLY A 15 1.19 1.71 -8.20
CA GLY A 15 1.16 0.84 -9.39
C GLY A 15 -0.19 0.16 -9.63
N LEU A 16 -1.28 0.75 -9.15
CA LEU A 16 -2.65 0.22 -9.31
C LEU A 16 -3.05 0.11 -10.80
N PRO A 17 -3.81 -0.93 -11.21
CA PRO A 17 -4.35 -1.04 -12.57
C PRO A 17 -5.21 0.17 -12.99
N PRO A 18 -5.33 0.46 -14.30
CA PRO A 18 -6.02 1.65 -14.81
C PRO A 18 -7.56 1.55 -14.79
N ASP A 19 -8.14 0.47 -14.26
CA ASP A 19 -9.60 0.22 -14.22
C ASP A 19 -10.05 -0.42 -12.90
N ILE A 20 -9.29 -0.20 -11.81
CA ILE A 20 -9.67 -0.59 -10.44
C ILE A 20 -10.35 0.59 -9.71
N ASP A 21 -11.07 0.31 -8.63
CA ASP A 21 -11.86 1.28 -7.85
C ASP A 21 -11.77 1.03 -6.34
N GLU A 22 -12.26 2.00 -5.55
CA GLU A 22 -12.18 2.05 -4.09
C GLU A 22 -12.59 0.73 -3.40
N ASP A 23 -13.67 0.08 -3.85
CA ASP A 23 -14.20 -1.13 -3.22
C ASP A 23 -13.41 -2.39 -3.62
N GLU A 24 -12.78 -2.38 -4.79
CA GLU A 24 -11.83 -3.42 -5.23
C GLU A 24 -10.47 -3.26 -4.56
N ILE A 25 -10.01 -2.02 -4.32
CA ILE A 25 -8.81 -1.74 -3.52
C ILE A 25 -9.05 -2.16 -2.06
N THR A 26 -10.27 -1.95 -1.55
CA THR A 26 -10.67 -2.44 -0.22
C THR A 26 -10.67 -3.97 -0.19
N ALA A 27 -11.33 -4.64 -1.15
CA ALA A 27 -11.34 -6.10 -1.24
C ALA A 27 -9.93 -6.70 -1.43
N SER A 28 -9.03 -5.98 -2.09
CA SER A 28 -7.63 -6.36 -2.29
C SER A 28 -6.78 -6.35 -1.00
N PHE A 29 -7.25 -5.73 0.08
CA PHE A 29 -6.52 -5.66 1.36
C PHE A 29 -7.38 -6.01 2.59
N ARG A 30 -8.69 -6.28 2.42
CA ARG A 30 -9.59 -6.77 3.49
C ARG A 30 -9.15 -8.12 4.08
N ARG A 31 -8.35 -8.90 3.33
CA ARG A 31 -7.65 -10.12 3.76
C ARG A 31 -6.69 -9.93 4.96
N PHE A 32 -6.39 -8.68 5.36
CA PHE A 32 -5.55 -8.34 6.51
C PHE A 32 -6.35 -7.78 7.71
N GLY A 33 -7.66 -7.54 7.55
CA GLY A 33 -8.56 -6.93 8.52
C GLY A 33 -9.29 -5.69 7.97
N PRO A 34 -10.15 -5.03 8.77
CA PRO A 34 -10.93 -3.88 8.34
C PRO A 34 -10.06 -2.68 7.97
N LEU A 35 -10.49 -1.91 6.97
CA LEU A 35 -9.80 -0.74 6.43
C LEU A 35 -10.74 0.20 5.66
N VAL A 36 -10.23 1.38 5.31
CA VAL A 36 -10.84 2.32 4.34
C VAL A 36 -9.75 2.84 3.40
N VAL A 37 -10.13 3.35 2.22
CA VAL A 37 -9.20 3.71 1.12
C VAL A 37 -9.41 5.16 0.69
N ASP A 38 -8.30 5.88 0.48
CA ASP A 38 -8.24 7.33 0.19
C ASP A 38 -7.06 7.68 -0.73
N TRP A 39 -7.04 8.89 -1.30
CA TRP A 39 -5.96 9.42 -2.14
C TRP A 39 -6.02 10.97 -2.25
N PRO A 40 -4.91 11.65 -2.63
CA PRO A 40 -4.87 13.11 -2.75
C PRO A 40 -5.92 13.65 -3.73
N HIS A 41 -6.56 14.76 -3.32
CA HIS A 41 -7.57 15.55 -4.08
C HIS A 41 -8.98 14.89 -4.12
N LYS A 42 -9.19 13.73 -3.50
CA LYS A 42 -10.48 13.01 -3.46
C LYS A 42 -11.57 13.81 -2.71
N ALA A 43 -11.13 14.69 -1.81
CA ALA A 43 -11.93 15.62 -1.02
C ALA A 43 -12.22 16.97 -1.73
N GLU A 44 -11.54 17.25 -2.86
CA GLU A 44 -11.68 18.49 -3.65
C GLU A 44 -12.31 18.22 -5.03
N SER A 45 -12.25 16.99 -5.52
CA SER A 45 -12.96 16.49 -6.70
C SER A 45 -13.42 15.05 -6.42
N LYS A 46 -14.74 14.86 -6.26
CA LYS A 46 -15.32 13.60 -5.77
C LYS A 46 -15.20 12.46 -6.81
N SER A 47 -14.69 11.32 -6.38
CA SER A 47 -14.48 10.12 -7.20
C SER A 47 -14.24 8.88 -6.32
N TYR A 48 -14.41 7.69 -6.90
CA TYR A 48 -14.08 6.39 -6.30
C TYR A 48 -13.12 5.56 -7.19
N PHE A 49 -12.49 6.18 -8.19
CA PHE A 49 -11.40 5.64 -9.00
C PHE A 49 -10.10 6.45 -8.73
N PRO A 50 -8.94 5.82 -8.49
CA PRO A 50 -7.69 6.52 -8.18
C PRO A 50 -7.16 7.24 -9.43
N PRO A 51 -7.05 8.59 -9.44
CA PRO A 51 -6.70 9.36 -10.63
C PRO A 51 -5.18 9.58 -10.79
N LYS A 52 -4.38 8.80 -10.07
CA LYS A 52 -2.91 8.96 -9.96
C LYS A 52 -2.11 7.63 -10.04
N GLY A 53 -2.80 6.48 -10.13
CA GLY A 53 -2.17 5.14 -10.12
C GLY A 53 -1.73 4.65 -8.74
N TYR A 54 -2.17 5.31 -7.66
CA TYR A 54 -1.83 4.97 -6.27
C TYR A 54 -2.94 5.33 -5.28
N ALA A 55 -2.87 4.74 -4.07
CA ALA A 55 -3.80 4.99 -2.97
C ALA A 55 -3.12 4.83 -1.61
N PHE A 56 -3.76 5.39 -0.58
CA PHE A 56 -3.44 5.20 0.83
C PHE A 56 -4.52 4.35 1.50
N LEU A 57 -4.11 3.20 2.01
CA LEU A 57 -4.93 2.34 2.86
C LEU A 57 -4.84 2.86 4.30
N LEU A 58 -5.98 2.90 4.99
CA LEU A 58 -6.10 3.19 6.41
C LEU A 58 -6.69 1.95 7.09
N PHE A 59 -5.85 1.16 7.77
CA PHE A 59 -6.28 -0.03 8.50
C PHE A 59 -6.86 0.32 9.88
N GLN A 60 -7.72 -0.56 10.41
CA GLN A 60 -8.34 -0.39 11.73
C GLN A 60 -7.38 -0.71 12.89
N GLU A 61 -6.37 -1.55 12.67
CA GLU A 61 -5.38 -1.98 13.67
C GLU A 61 -3.98 -2.12 13.04
N GLU A 62 -2.94 -1.81 13.81
CA GLU A 62 -1.54 -1.94 13.36
C GLU A 62 -1.16 -3.39 13.04
N SER A 63 -1.80 -4.37 13.69
CA SER A 63 -1.65 -5.79 13.38
C SER A 63 -2.09 -6.14 11.95
N SER A 64 -2.99 -5.37 11.32
CA SER A 64 -3.34 -5.53 9.91
C SER A 64 -2.21 -5.04 8.98
N VAL A 65 -1.44 -4.03 9.41
CA VAL A 65 -0.26 -3.56 8.65
C VAL A 65 0.87 -4.58 8.77
N GLN A 66 1.06 -5.19 9.94
CA GLN A 66 2.02 -6.28 10.12
C GLN A 66 1.62 -7.55 9.36
N ALA A 67 0.33 -7.88 9.30
CA ALA A 67 -0.18 -8.98 8.49
C ALA A 67 0.06 -8.77 6.99
N LEU A 68 -0.07 -7.53 6.51
CA LEU A 68 0.31 -7.14 5.15
C LEU A 68 1.81 -7.32 4.93
N ILE A 69 2.66 -6.81 5.84
CA ILE A 69 4.13 -6.96 5.79
C ILE A 69 4.53 -8.45 5.74
N ASP A 70 3.87 -9.30 6.52
CA ASP A 70 4.13 -10.75 6.58
C ASP A 70 3.69 -11.50 5.31
N ALA A 71 2.83 -10.90 4.47
CA ALA A 71 2.40 -11.44 3.19
C ALA A 71 3.13 -10.82 1.98
N CYS A 72 3.87 -9.71 2.17
CA CYS A 72 4.58 -9.01 1.12
C CYS A 72 5.86 -9.73 0.65
N LEU A 73 6.16 -9.58 -0.64
CA LEU A 73 7.44 -9.88 -1.27
C LEU A 73 8.36 -8.67 -1.04
N GLU A 74 9.62 -8.75 -1.50
CA GLU A 74 10.61 -7.69 -1.31
C GLU A 74 11.56 -7.59 -2.52
N GLU A 75 11.81 -6.36 -2.99
CA GLU A 75 12.63 -6.05 -4.15
C GLU A 75 13.12 -4.59 -4.11
N ASP A 76 14.42 -4.35 -4.35
CA ASP A 76 15.05 -3.02 -4.41
C ASP A 76 14.77 -2.15 -3.18
N GLY A 77 14.73 -2.77 -1.98
CA GLY A 77 14.51 -2.10 -0.70
C GLY A 77 13.04 -1.80 -0.37
N LYS A 78 12.10 -2.21 -1.22
CA LYS A 78 10.65 -1.98 -1.07
C LYS A 78 9.87 -3.30 -0.98
N LEU A 79 8.66 -3.25 -0.41
CA LEU A 79 7.73 -4.38 -0.32
C LEU A 79 6.76 -4.38 -1.51
N TYR A 80 6.25 -5.57 -1.87
CA TYR A 80 5.29 -5.75 -2.98
C TYR A 80 4.20 -6.78 -2.66
N LEU A 81 3.01 -6.57 -3.21
CA LEU A 81 1.85 -7.48 -3.16
C LEU A 81 1.22 -7.60 -4.55
N CYS A 82 0.24 -8.50 -4.73
CA CYS A 82 -0.45 -8.75 -6.00
C CYS A 82 -1.96 -8.39 -5.94
N VAL A 83 -2.48 -7.80 -7.02
CA VAL A 83 -3.88 -7.36 -7.20
C VAL A 83 -4.32 -7.50 -8.67
N SER A 84 -5.56 -7.17 -9.02
CA SER A 84 -6.07 -7.25 -10.40
C SER A 84 -7.34 -6.42 -10.68
N SER A 85 -7.72 -6.32 -11.94
CA SER A 85 -8.85 -5.54 -12.47
C SER A 85 -9.46 -6.22 -13.72
N PRO A 86 -10.52 -5.65 -14.35
CA PRO A 86 -11.02 -6.11 -15.64
C PRO A 86 -10.03 -5.91 -16.81
N THR A 87 -8.95 -5.15 -16.61
CA THR A 87 -7.95 -4.82 -17.65
C THR A 87 -6.61 -5.49 -17.42
N ILE A 88 -6.18 -5.70 -16.17
CA ILE A 88 -4.89 -6.32 -15.82
C ILE A 88 -5.05 -7.40 -14.76
N LYS A 89 -4.46 -8.56 -15.01
CA LYS A 89 -4.44 -9.72 -14.11
C LYS A 89 -3.03 -9.98 -13.56
N ASP A 90 -2.95 -10.36 -12.27
CA ASP A 90 -1.69 -10.64 -11.53
C ASP A 90 -0.73 -9.42 -11.49
N LYS A 91 -1.28 -8.21 -11.38
CA LYS A 91 -0.50 -6.97 -11.27
C LYS A 91 0.26 -6.91 -9.92
N PRO A 92 1.58 -6.68 -9.90
CA PRO A 92 2.34 -6.39 -8.69
C PRO A 92 2.17 -4.91 -8.33
N VAL A 93 2.04 -4.63 -7.04
CA VAL A 93 1.86 -3.28 -6.49
C VAL A 93 2.84 -3.02 -5.34
N GLN A 94 3.41 -1.82 -5.33
CA GLN A 94 4.50 -1.39 -4.45
C GLN A 94 3.90 -0.90 -3.12
N ILE A 95 4.30 -1.53 -2.00
CA ILE A 95 3.72 -1.33 -0.66
C ILE A 95 4.71 -0.56 0.21
N ARG A 96 4.25 0.52 0.85
CA ARG A 96 5.05 1.40 1.72
C ARG A 96 4.26 1.72 3.01
N PRO A 97 4.48 0.94 4.10
CA PRO A 97 3.97 1.28 5.43
C PRO A 97 4.48 2.66 5.84
N TRP A 98 3.56 3.54 6.25
CA TRP A 98 3.87 4.96 6.42
C TRP A 98 4.67 5.27 7.70
N ASN A 99 5.50 6.31 7.62
CA ASN A 99 6.48 6.70 8.62
C ASN A 99 6.61 8.23 8.70
N LEU A 100 6.71 8.76 9.93
CA LEU A 100 6.69 10.18 10.28
C LEU A 100 8.01 10.55 10.99
N SER A 101 8.07 11.72 11.65
CA SER A 101 9.25 12.18 12.41
C SER A 101 9.60 11.31 13.64
N ASP A 102 8.78 10.32 13.98
CA ASP A 102 9.01 9.30 15.02
C ASP A 102 9.67 8.02 14.48
N SER A 103 9.92 7.94 13.18
CA SER A 103 10.34 6.73 12.44
C SER A 103 11.18 7.08 11.19
N ASP A 104 11.53 6.09 10.35
CA ASP A 104 12.50 6.24 9.27
C ASP A 104 12.38 5.10 8.23
N PHE A 105 12.61 5.46 6.97
CA PHE A 105 12.76 4.58 5.82
C PHE A 105 13.74 5.22 4.82
N VAL A 106 14.58 4.40 4.17
CA VAL A 106 15.72 4.83 3.35
C VAL A 106 16.21 3.68 2.45
N MET A 107 16.74 4.02 1.28
CA MET A 107 17.28 3.09 0.26
C MET A 107 18.26 3.81 -0.67
N ASP A 108 19.13 3.05 -1.33
CA ASP A 108 20.11 3.43 -2.37
C ASP A 108 21.43 4.01 -1.82
N SER A 109 21.55 4.18 -0.51
CA SER A 109 22.78 4.64 0.18
C SER A 109 23.92 3.60 0.18
N GLY A 110 23.63 2.34 -0.19
CA GLY A 110 24.58 1.22 -0.27
C GLY A 110 23.87 -0.16 -0.29
N PRO A 111 24.60 -1.24 -0.63
CA PRO A 111 24.07 -2.60 -0.67
C PRO A 111 23.91 -3.18 0.74
N SER A 112 22.97 -4.12 0.91
CA SER A 112 22.68 -4.78 2.20
C SER A 112 23.81 -5.70 2.71
N SER A 113 24.84 -5.95 1.89
CA SER A 113 26.03 -6.75 2.21
C SER A 113 27.21 -5.93 2.76
N GLY A 114 27.11 -4.60 2.81
CA GLY A 114 28.15 -3.69 3.31
C GLY A 114 27.73 -2.22 3.34
N GLY A 1 18.94 -4.09 12.95
CA GLY A 1 17.76 -4.44 13.77
C GLY A 1 17.33 -5.89 13.56
N SER A 2 16.65 -6.48 14.55
CA SER A 2 16.22 -7.89 14.53
C SER A 2 14.82 -8.12 13.92
N SER A 3 14.07 -7.07 13.60
CA SER A 3 12.72 -7.12 13.02
C SER A 3 12.30 -5.77 12.38
N GLY A 4 11.31 -5.81 11.49
CA GLY A 4 10.72 -4.63 10.82
C GLY A 4 9.25 -4.44 11.18
N SER A 5 8.81 -3.19 11.32
CA SER A 5 7.46 -2.81 11.76
C SER A 5 7.02 -1.45 11.16
N SER A 6 5.71 -1.25 11.02
CA SER A 6 5.12 0.01 10.55
C SER A 6 5.05 1.11 11.63
N GLY A 7 5.05 2.38 11.21
CA GLY A 7 4.94 3.56 12.08
C GLY A 7 3.52 4.12 12.22
N SER A 8 2.54 3.56 11.49
CA SER A 8 1.16 4.06 11.39
C SER A 8 0.21 2.99 10.83
N ARG A 9 -1.11 3.22 10.98
CA ARG A 9 -2.17 2.43 10.32
C ARG A 9 -2.40 2.82 8.86
N LYS A 10 -1.80 3.92 8.38
CA LYS A 10 -1.81 4.31 6.97
C LYS A 10 -0.74 3.52 6.17
N VAL A 11 -1.07 3.10 4.95
CA VAL A 11 -0.15 2.40 4.03
C VAL A 11 -0.36 2.93 2.60
N PHE A 12 0.68 3.50 2.00
CA PHE A 12 0.70 3.86 0.59
C PHE A 12 0.84 2.61 -0.28
N VAL A 13 0.12 2.55 -1.41
CA VAL A 13 0.19 1.48 -2.42
C VAL A 13 0.34 2.10 -3.79
N GLY A 14 1.41 1.74 -4.51
CA GLY A 14 1.72 2.23 -5.86
C GLY A 14 1.72 1.12 -6.92
N GLY A 15 1.31 1.46 -8.14
CA GLY A 15 1.21 0.55 -9.29
C GLY A 15 -0.19 -0.05 -9.50
N LEU A 16 -1.23 0.51 -8.85
CA LEU A 16 -2.63 0.11 -8.99
C LEU A 16 -3.09 0.23 -10.46
N PRO A 17 -3.88 -0.75 -10.99
CA PRO A 17 -4.45 -0.67 -12.34
C PRO A 17 -5.28 0.61 -12.58
N PRO A 18 -5.38 1.10 -13.83
CA PRO A 18 -6.07 2.34 -14.17
C PRO A 18 -7.62 2.22 -14.17
N ASP A 19 -8.18 1.07 -13.78
CA ASP A 19 -9.61 0.75 -13.82
C ASP A 19 -10.12 0.11 -12.51
N ILE A 20 -9.37 0.26 -11.41
CA ILE A 20 -9.73 -0.31 -10.09
C ILE A 20 -10.36 0.74 -9.16
N ASP A 21 -11.50 0.41 -8.56
CA ASP A 21 -12.28 1.31 -7.70
C ASP A 21 -12.02 1.08 -6.19
N GLU A 22 -12.53 1.99 -5.37
CA GLU A 22 -12.33 2.03 -3.91
C GLU A 22 -12.67 0.69 -3.21
N ASP A 23 -13.75 0.02 -3.61
CA ASP A 23 -14.22 -1.21 -2.98
C ASP A 23 -13.42 -2.45 -3.43
N GLU A 24 -12.81 -2.39 -4.62
CA GLU A 24 -11.87 -3.41 -5.09
C GLU A 24 -10.48 -3.21 -4.50
N ILE A 25 -10.01 -1.98 -4.29
CA ILE A 25 -8.78 -1.72 -3.53
C ILE A 25 -8.99 -2.14 -2.06
N THR A 26 -10.20 -1.94 -1.50
CA THR A 26 -10.58 -2.44 -0.17
C THR A 26 -10.56 -3.97 -0.16
N ALA A 27 -11.23 -4.65 -1.08
CA ALA A 27 -11.24 -6.11 -1.19
C ALA A 27 -9.83 -6.70 -1.41
N SER A 28 -8.95 -5.96 -2.08
CA SER A 28 -7.54 -6.33 -2.29
C SER A 28 -6.69 -6.32 -1.01
N PHE A 29 -7.17 -5.74 0.09
CA PHE A 29 -6.45 -5.70 1.37
C PHE A 29 -7.31 -6.08 2.60
N ARG A 30 -8.62 -6.36 2.41
CA ARG A 30 -9.54 -6.86 3.45
C ARG A 30 -9.10 -8.20 4.04
N ARG A 31 -8.28 -8.97 3.28
CA ARG A 31 -7.57 -10.19 3.71
C ARG A 31 -6.64 -10.01 4.93
N PHE A 32 -6.36 -8.77 5.36
CA PHE A 32 -5.56 -8.43 6.55
C PHE A 32 -6.38 -7.88 7.72
N GLY A 33 -7.69 -7.68 7.55
CA GLY A 33 -8.62 -7.07 8.51
C GLY A 33 -9.33 -5.83 7.96
N PRO A 34 -10.24 -5.20 8.74
CA PRO A 34 -11.02 -4.04 8.30
C PRO A 34 -10.16 -2.82 7.97
N LEU A 35 -10.59 -2.05 6.97
CA LEU A 35 -9.90 -0.86 6.46
C LEU A 35 -10.85 0.06 5.66
N VAL A 36 -10.36 1.26 5.33
CA VAL A 36 -10.95 2.19 4.36
C VAL A 36 -9.84 2.68 3.42
N VAL A 37 -10.19 3.22 2.25
CA VAL A 37 -9.24 3.56 1.17
C VAL A 37 -9.56 4.94 0.58
N ASP A 38 -8.53 5.74 0.32
CA ASP A 38 -8.63 7.09 -0.25
C ASP A 38 -7.34 7.52 -0.99
N TRP A 39 -7.40 8.58 -1.79
CA TRP A 39 -6.28 9.04 -2.63
C TRP A 39 -6.35 10.55 -2.98
N PRO A 40 -5.20 11.21 -3.29
CA PRO A 40 -5.16 12.61 -3.69
C PRO A 40 -5.89 12.90 -5.00
N HIS A 41 -6.29 14.16 -5.20
CA HIS A 41 -6.90 14.69 -6.45
C HIS A 41 -8.32 14.14 -6.74
N LYS A 42 -8.87 13.32 -5.83
CA LYS A 42 -10.17 12.64 -5.94
C LYS A 42 -11.36 13.63 -5.90
N ALA A 43 -11.12 14.81 -5.33
CA ALA A 43 -12.01 15.97 -5.29
C ALA A 43 -12.13 16.73 -6.62
N GLU A 44 -11.21 16.51 -7.57
CA GLU A 44 -11.15 17.19 -8.88
C GLU A 44 -11.14 16.23 -10.09
N SER A 45 -10.86 14.94 -9.86
CA SER A 45 -10.97 13.87 -10.86
C SER A 45 -12.42 13.61 -11.31
N LYS A 46 -12.58 13.22 -12.58
CA LYS A 46 -13.87 12.89 -13.20
C LYS A 46 -14.16 11.36 -13.18
N SER A 47 -13.30 10.58 -12.52
CA SER A 47 -13.36 9.10 -12.46
C SER A 47 -13.20 8.58 -11.02
N TYR A 48 -13.84 7.44 -10.72
CA TYR A 48 -13.87 6.79 -9.39
C TYR A 48 -12.70 5.80 -9.16
N PHE A 49 -11.58 6.03 -9.87
CA PHE A 49 -10.33 5.28 -9.82
C PHE A 49 -9.18 6.19 -9.32
N PRO A 50 -8.04 5.66 -8.82
CA PRO A 50 -6.86 6.46 -8.52
C PRO A 50 -6.30 7.06 -9.82
N PRO A 51 -6.24 8.40 -9.97
CA PRO A 51 -5.95 9.06 -11.25
C PRO A 51 -4.47 9.11 -11.64
N LYS A 52 -3.63 8.44 -10.85
CA LYS A 52 -2.16 8.38 -10.98
C LYS A 52 -1.57 6.99 -10.66
N GLY A 53 -2.43 5.97 -10.43
CA GLY A 53 -2.02 4.59 -10.17
C GLY A 53 -1.54 4.33 -8.73
N TYR A 54 -1.98 5.14 -7.76
CA TYR A 54 -1.61 4.97 -6.35
C TYR A 54 -2.71 5.46 -5.38
N ALA A 55 -2.72 4.90 -4.15
CA ALA A 55 -3.68 5.23 -3.10
C ALA A 55 -3.12 4.93 -1.69
N PHE A 56 -3.86 5.38 -0.68
CA PHE A 56 -3.59 5.14 0.75
C PHE A 56 -4.68 4.25 1.36
N LEU A 57 -4.24 3.13 1.95
CA LEU A 57 -5.03 2.26 2.80
C LEU A 57 -4.96 2.78 4.25
N LEU A 58 -6.07 2.68 4.97
CA LEU A 58 -6.21 3.03 6.38
C LEU A 58 -6.83 1.84 7.11
N PHE A 59 -6.02 1.07 7.84
CA PHE A 59 -6.49 -0.14 8.55
C PHE A 59 -7.05 0.20 9.94
N GLN A 60 -7.93 -0.66 10.46
CA GLN A 60 -8.56 -0.48 11.77
C GLN A 60 -7.57 -0.71 12.94
N GLU A 61 -6.53 -1.53 12.73
CA GLU A 61 -5.51 -1.87 13.73
C GLU A 61 -4.13 -1.99 13.06
N GLU A 62 -3.06 -1.64 13.79
CA GLU A 62 -1.68 -1.71 13.30
C GLU A 62 -1.26 -3.17 13.01
N SER A 63 -1.82 -4.14 13.72
CA SER A 63 -1.63 -5.57 13.47
C SER A 63 -2.08 -6.01 12.07
N SER A 64 -3.03 -5.30 11.44
CA SER A 64 -3.39 -5.54 10.03
C SER A 64 -2.30 -5.05 9.06
N VAL A 65 -1.55 -4.00 9.43
CA VAL A 65 -0.40 -3.54 8.63
C VAL A 65 0.78 -4.50 8.80
N GLN A 66 1.00 -5.04 10.00
CA GLN A 66 2.01 -6.06 10.24
C GLN A 66 1.67 -7.39 9.54
N ALA A 67 0.39 -7.77 9.46
CA ALA A 67 -0.07 -8.92 8.68
C ALA A 67 0.16 -8.73 7.17
N LEU A 68 -0.03 -7.50 6.67
CA LEU A 68 0.33 -7.15 5.29
C LEU A 68 1.85 -7.27 5.08
N ILE A 69 2.67 -6.72 5.98
CA ILE A 69 4.15 -6.84 5.94
C ILE A 69 4.58 -8.32 5.91
N ASP A 70 3.95 -9.17 6.71
CA ASP A 70 4.23 -10.61 6.77
C ASP A 70 3.82 -11.39 5.50
N ALA A 71 2.95 -10.81 4.65
CA ALA A 71 2.54 -11.38 3.36
C ALA A 71 3.28 -10.75 2.16
N CYS A 72 3.97 -9.63 2.35
CA CYS A 72 4.69 -8.93 1.30
C CYS A 72 5.96 -9.66 0.83
N LEU A 73 6.21 -9.60 -0.47
CA LEU A 73 7.49 -9.95 -1.10
C LEU A 73 8.47 -8.77 -0.88
N GLU A 74 9.74 -8.96 -1.20
CA GLU A 74 10.79 -7.96 -0.97
C GLU A 74 11.81 -7.96 -2.12
N GLU A 75 12.14 -6.76 -2.62
CA GLU A 75 13.06 -6.52 -3.74
C GLU A 75 13.56 -5.07 -3.70
N ASP A 76 14.87 -4.86 -3.86
CA ASP A 76 15.51 -3.52 -3.95
C ASP A 76 15.24 -2.65 -2.70
N GLY A 77 15.11 -3.28 -1.53
CA GLY A 77 14.80 -2.62 -0.24
C GLY A 77 13.32 -2.26 -0.05
N LYS A 78 12.46 -2.63 -0.99
CA LYS A 78 11.04 -2.25 -1.07
C LYS A 78 10.13 -3.49 -0.97
N LEU A 79 8.91 -3.32 -0.45
CA LEU A 79 7.92 -4.40 -0.29
C LEU A 79 6.89 -4.40 -1.43
N TYR A 80 6.34 -5.58 -1.75
CA TYR A 80 5.38 -5.77 -2.83
C TYR A 80 4.28 -6.80 -2.51
N LEU A 81 3.09 -6.60 -3.08
CA LEU A 81 1.94 -7.51 -3.07
C LEU A 81 1.35 -7.58 -4.49
N CYS A 82 0.25 -8.32 -4.72
CA CYS A 82 -0.40 -8.48 -6.04
C CYS A 82 -1.92 -8.26 -5.99
N VAL A 83 -2.48 -7.68 -7.06
CA VAL A 83 -3.89 -7.22 -7.19
C VAL A 83 -4.38 -7.34 -8.66
N SER A 84 -5.68 -7.11 -8.92
CA SER A 84 -6.31 -7.26 -10.25
C SER A 84 -7.49 -6.28 -10.45
N SER A 85 -7.89 -6.06 -11.70
CA SER A 85 -8.97 -5.15 -12.13
C SER A 85 -9.81 -5.78 -13.28
N PRO A 86 -10.76 -5.06 -13.92
CA PRO A 86 -11.48 -5.55 -15.10
C PRO A 86 -10.60 -5.68 -16.35
N THR A 87 -9.38 -5.08 -16.34
CA THR A 87 -8.51 -4.93 -17.52
C THR A 87 -7.09 -5.45 -17.31
N ILE A 88 -6.60 -5.51 -16.07
CA ILE A 88 -5.25 -5.96 -15.70
C ILE A 88 -5.34 -7.06 -14.63
N LYS A 89 -4.58 -8.14 -14.81
CA LYS A 89 -4.65 -9.35 -13.98
C LYS A 89 -3.27 -9.69 -13.37
N ASP A 90 -3.25 -9.97 -12.06
CA ASP A 90 -2.04 -10.39 -11.30
C ASP A 90 -0.95 -9.30 -11.28
N LYS A 91 -1.36 -8.02 -11.32
CA LYS A 91 -0.49 -6.85 -11.24
C LYS A 91 0.26 -6.82 -9.89
N PRO A 92 1.61 -6.74 -9.87
CA PRO A 92 2.37 -6.48 -8.66
C PRO A 92 2.28 -4.99 -8.29
N VAL A 93 2.23 -4.70 -7.00
CA VAL A 93 2.06 -3.35 -6.44
C VAL A 93 3.03 -3.13 -5.28
N GLN A 94 3.69 -1.97 -5.26
CA GLN A 94 4.65 -1.60 -4.21
C GLN A 94 3.90 -1.15 -2.96
N ILE A 95 4.29 -1.70 -1.80
CA ILE A 95 3.64 -1.45 -0.50
C ILE A 95 4.60 -0.62 0.36
N ARG A 96 4.10 0.48 0.91
CA ARG A 96 4.89 1.49 1.63
C ARG A 96 4.16 1.91 2.92
N PRO A 97 4.33 1.16 4.03
CA PRO A 97 3.75 1.50 5.33
C PRO A 97 4.24 2.88 5.81
N TRP A 98 3.32 3.71 6.29
CA TRP A 98 3.61 5.11 6.63
C TRP A 98 4.31 5.26 7.99
N ASN A 99 5.06 6.35 8.13
CA ASN A 99 5.85 6.73 9.31
C ASN A 99 6.29 8.22 9.23
N LEU A 100 6.93 8.72 10.30
CA LEU A 100 7.48 10.07 10.39
C LEU A 100 8.76 10.03 11.25
N SER A 101 9.88 10.45 10.67
CA SER A 101 11.23 10.39 11.27
C SER A 101 12.24 11.19 10.41
N ASP A 102 13.54 11.00 10.63
CA ASP A 102 14.66 11.63 9.90
C ASP A 102 15.89 10.71 9.90
N SER A 103 16.55 10.58 8.74
CA SER A 103 17.61 9.59 8.48
C SER A 103 18.39 9.89 7.19
N ASP A 104 19.62 9.36 7.09
CA ASP A 104 20.55 9.58 5.97
C ASP A 104 20.41 8.57 4.80
N PHE A 105 19.50 7.59 4.93
CA PHE A 105 19.26 6.54 3.94
C PHE A 105 18.71 7.11 2.61
N VAL A 106 19.19 6.57 1.48
CA VAL A 106 18.90 7.04 0.12
C VAL A 106 19.22 5.93 -0.91
N MET A 107 18.43 5.85 -1.97
CA MET A 107 18.65 4.96 -3.13
C MET A 107 18.38 5.73 -4.43
N ASP A 108 19.42 5.95 -5.23
CA ASP A 108 19.44 6.79 -6.43
C ASP A 108 20.72 6.54 -7.25
N SER A 109 20.70 6.82 -8.55
CA SER A 109 21.84 6.61 -9.46
C SER A 109 22.95 7.68 -9.37
N GLY A 110 22.70 8.79 -8.65
CA GLY A 110 23.67 9.87 -8.40
C GLY A 110 24.78 9.48 -7.42
N PRO A 111 24.47 9.15 -6.14
CA PRO A 111 25.48 8.78 -5.15
C PRO A 111 26.05 7.39 -5.45
N SER A 112 27.37 7.30 -5.57
CA SER A 112 28.10 6.07 -5.95
C SER A 112 28.66 5.28 -4.76
N SER A 113 28.61 5.84 -3.54
CA SER A 113 29.10 5.26 -2.27
C SER A 113 30.63 5.05 -2.19
N GLY A 114 31.40 5.52 -3.18
CA GLY A 114 32.87 5.42 -3.25
C GLY A 114 33.47 6.08 -4.49
N GLY A 1 15.95 -6.42 24.20
CA GLY A 1 14.85 -5.45 23.94
C GLY A 1 14.97 -4.82 22.56
N SER A 2 13.85 -4.37 22.00
CA SER A 2 13.76 -3.93 20.59
C SER A 2 13.12 -2.53 20.42
N SER A 3 12.92 -1.78 21.50
CA SER A 3 12.46 -0.37 21.54
C SER A 3 11.00 -0.13 21.08
N GLY A 4 10.21 -1.19 20.88
CA GLY A 4 8.80 -1.13 20.49
C GLY A 4 8.61 -0.98 18.98
N SER A 5 7.81 0.01 18.56
CA SER A 5 7.37 0.22 17.18
C SER A 5 7.16 1.72 16.88
N SER A 6 7.04 2.09 15.59
CA SER A 6 6.84 3.47 15.10
C SER A 6 6.21 3.48 13.70
N GLY A 7 5.61 4.61 13.30
CA GLY A 7 4.88 4.78 12.04
C GLY A 7 3.39 5.01 12.25
N SER A 8 2.57 4.54 11.31
CA SER A 8 1.12 4.77 11.27
C SER A 8 0.35 3.59 10.63
N ARG A 9 -0.97 3.54 10.83
CA ARG A 9 -1.88 2.60 10.14
C ARG A 9 -2.15 2.99 8.68
N LYS A 10 -1.63 4.12 8.21
CA LYS A 10 -1.62 4.49 6.80
C LYS A 10 -0.60 3.63 6.02
N VAL A 11 -0.96 3.12 4.84
CA VAL A 11 -0.09 2.33 3.96
C VAL A 11 -0.28 2.77 2.51
N PHE A 12 0.79 3.29 1.90
CA PHE A 12 0.84 3.62 0.47
C PHE A 12 0.84 2.34 -0.38
N VAL A 13 0.10 2.36 -1.49
CA VAL A 13 0.06 1.30 -2.51
C VAL A 13 0.18 1.94 -3.89
N GLY A 14 1.28 1.63 -4.60
CA GLY A 14 1.62 2.21 -5.91
C GLY A 14 1.66 1.19 -7.04
N GLY A 15 1.23 1.61 -8.24
CA GLY A 15 1.17 0.78 -9.45
C GLY A 15 -0.18 0.11 -9.69
N LEU A 16 -1.27 0.68 -9.12
CA LEU A 16 -2.64 0.19 -9.28
C LEU A 16 -3.07 0.20 -10.77
N PRO A 17 -3.83 -0.81 -11.25
CA PRO A 17 -4.42 -0.81 -12.59
C PRO A 17 -5.25 0.46 -12.89
N PRO A 18 -5.40 0.85 -14.17
CA PRO A 18 -6.09 2.07 -14.57
C PRO A 18 -7.63 1.98 -14.51
N ASP A 19 -8.19 0.85 -14.04
CA ASP A 19 -9.64 0.59 -14.00
C ASP A 19 -10.09 -0.14 -12.70
N ILE A 20 -9.33 0.04 -11.61
CA ILE A 20 -9.66 -0.50 -10.28
C ILE A 20 -10.28 0.61 -9.40
N ASP A 21 -11.33 0.27 -8.66
CA ASP A 21 -12.12 1.21 -7.85
C ASP A 21 -11.97 0.98 -6.34
N GLU A 22 -12.48 1.95 -5.55
CA GLU A 22 -12.45 1.98 -4.09
C GLU A 22 -12.77 0.63 -3.43
N ASP A 23 -13.83 -0.06 -3.86
CA ASP A 23 -14.31 -1.29 -3.21
C ASP A 23 -13.46 -2.51 -3.57
N GLU A 24 -12.79 -2.50 -4.73
CA GLU A 24 -11.82 -3.51 -5.13
C GLU A 24 -10.46 -3.28 -4.46
N ILE A 25 -10.02 -2.02 -4.32
CA ILE A 25 -8.81 -1.67 -3.54
C ILE A 25 -9.03 -2.05 -2.07
N THR A 26 -10.25 -1.89 -1.54
CA THR A 26 -10.62 -2.33 -0.19
C THR A 26 -10.64 -3.85 -0.11
N ALA A 27 -11.36 -4.55 -0.99
CA ALA A 27 -11.44 -6.01 -0.97
C ALA A 27 -10.08 -6.71 -1.17
N SER A 28 -9.16 -6.08 -1.91
CA SER A 28 -7.79 -6.57 -2.10
C SER A 28 -6.96 -6.61 -0.80
N PHE A 29 -7.28 -5.76 0.19
CA PHE A 29 -6.55 -5.67 1.46
C PHE A 29 -7.41 -5.98 2.69
N ARG A 30 -8.73 -6.17 2.52
CA ARG A 30 -9.67 -6.60 3.58
C ARG A 30 -9.31 -7.95 4.21
N ARG A 31 -8.55 -8.79 3.49
CA ARG A 31 -7.91 -10.03 3.95
C ARG A 31 -7.04 -9.87 5.22
N PHE A 32 -6.56 -8.66 5.51
CA PHE A 32 -5.72 -8.34 6.67
C PHE A 32 -6.49 -7.77 7.87
N GLY A 33 -7.79 -7.49 7.70
CA GLY A 33 -8.65 -6.77 8.65
C GLY A 33 -9.34 -5.55 8.01
N PRO A 34 -10.28 -4.91 8.71
CA PRO A 34 -11.06 -3.80 8.18
C PRO A 34 -10.21 -2.53 7.97
N LEU A 35 -10.59 -1.73 6.99
CA LEU A 35 -9.85 -0.56 6.49
C LEU A 35 -10.76 0.42 5.71
N VAL A 36 -10.21 1.58 5.37
CA VAL A 36 -10.77 2.56 4.42
C VAL A 36 -9.69 3.01 3.44
N VAL A 37 -10.05 3.56 2.28
CA VAL A 37 -9.12 3.86 1.16
C VAL A 37 -9.35 5.29 0.64
N ASP A 38 -8.25 6.01 0.40
CA ASP A 38 -8.21 7.42 -0.01
C ASP A 38 -6.98 7.71 -0.91
N TRP A 39 -6.99 8.83 -1.65
CA TRP A 39 -5.93 9.22 -2.59
C TRP A 39 -5.95 10.74 -2.90
N PRO A 40 -4.83 11.32 -3.39
CA PRO A 40 -4.76 12.73 -3.76
C PRO A 40 -5.73 13.09 -4.90
N HIS A 41 -6.26 14.32 -4.86
CA HIS A 41 -7.16 14.89 -5.90
C HIS A 41 -8.51 14.15 -6.04
N LYS A 42 -8.92 13.35 -5.04
CA LYS A 42 -10.21 12.62 -5.05
C LYS A 42 -11.42 13.56 -5.05
N ALA A 43 -11.26 14.71 -4.37
CA ALA A 43 -12.20 15.82 -4.31
C ALA A 43 -12.20 16.71 -5.57
N GLU A 44 -11.12 16.69 -6.36
CA GLU A 44 -10.93 17.51 -7.56
C GLU A 44 -11.37 16.77 -8.83
N SER A 45 -10.99 15.49 -8.96
CA SER A 45 -11.42 14.60 -10.06
C SER A 45 -12.81 13.97 -9.83
N LYS A 46 -13.33 14.04 -8.59
CA LYS A 46 -14.73 13.70 -8.23
C LYS A 46 -15.10 12.26 -8.65
N SER A 47 -14.25 11.29 -8.30
CA SER A 47 -14.31 9.91 -8.80
C SER A 47 -13.92 8.88 -7.73
N TYR A 48 -14.48 7.67 -7.85
CA TYR A 48 -14.23 6.50 -6.99
C TYR A 48 -13.14 5.56 -7.56
N PHE A 49 -12.35 6.06 -8.53
CA PHE A 49 -11.13 5.47 -9.07
C PHE A 49 -9.93 6.42 -8.77
N PRO A 50 -8.72 5.90 -8.45
CA PRO A 50 -7.54 6.73 -8.19
C PRO A 50 -6.99 7.33 -9.50
N PRO A 51 -6.91 8.67 -9.63
CA PRO A 51 -6.46 9.35 -10.85
C PRO A 51 -4.93 9.49 -10.95
N LYS A 52 -4.19 8.76 -10.10
CA LYS A 52 -2.74 8.88 -9.91
C LYS A 52 -1.97 7.55 -10.10
N GLY A 53 -2.67 6.41 -10.21
CA GLY A 53 -2.06 5.07 -10.24
C GLY A 53 -1.59 4.57 -8.86
N TYR A 54 -2.01 5.24 -7.79
CA TYR A 54 -1.63 4.92 -6.40
C TYR A 54 -2.70 5.41 -5.40
N ALA A 55 -2.70 4.83 -4.19
CA ALA A 55 -3.63 5.14 -3.11
C ALA A 55 -3.02 4.87 -1.73
N PHE A 56 -3.73 5.31 -0.69
CA PHE A 56 -3.39 5.13 0.71
C PHE A 56 -4.51 4.35 1.41
N LEU A 57 -4.15 3.16 1.92
CA LEU A 57 -4.98 2.35 2.81
C LEU A 57 -4.85 2.89 4.23
N LEU A 58 -5.94 2.89 4.98
CA LEU A 58 -5.99 3.19 6.41
C LEU A 58 -6.63 2.00 7.13
N PHE A 59 -5.84 1.21 7.85
CA PHE A 59 -6.32 0.03 8.59
C PHE A 59 -6.87 0.41 9.97
N GLN A 60 -7.76 -0.44 10.51
CA GLN A 60 -8.38 -0.22 11.84
C GLN A 60 -7.45 -0.60 13.01
N GLU A 61 -6.48 -1.48 12.80
CA GLU A 61 -5.54 -1.97 13.81
C GLU A 61 -4.14 -2.17 13.21
N GLU A 62 -3.09 -1.85 13.96
CA GLU A 62 -1.69 -1.97 13.52
C GLU A 62 -1.33 -3.41 13.12
N SER A 63 -1.93 -4.40 13.78
CA SER A 63 -1.79 -5.83 13.45
C SER A 63 -2.16 -6.15 11.99
N SER A 64 -3.06 -5.38 11.36
CA SER A 64 -3.41 -5.53 9.95
C SER A 64 -2.29 -5.03 9.01
N VAL A 65 -1.49 -4.05 9.45
CA VAL A 65 -0.32 -3.57 8.70
C VAL A 65 0.81 -4.60 8.81
N GLN A 66 1.01 -5.20 9.99
CA GLN A 66 1.97 -6.28 10.18
C GLN A 66 1.57 -7.55 9.40
N ALA A 67 0.28 -7.87 9.35
CA ALA A 67 -0.24 -8.98 8.54
C ALA A 67 -0.01 -8.77 7.03
N LEU A 68 -0.13 -7.52 6.55
CA LEU A 68 0.24 -7.14 5.19
C LEU A 68 1.76 -7.30 4.97
N ILE A 69 2.60 -6.78 5.87
CA ILE A 69 4.07 -6.93 5.82
C ILE A 69 4.48 -8.41 5.75
N ASP A 70 3.82 -9.28 6.52
CA ASP A 70 4.07 -10.73 6.54
C ASP A 70 3.63 -11.47 5.26
N ALA A 71 2.78 -10.83 4.43
CA ALA A 71 2.34 -11.34 3.14
C ALA A 71 3.09 -10.71 1.94
N CYS A 72 3.84 -9.62 2.16
CA CYS A 72 4.57 -8.92 1.11
C CYS A 72 5.88 -9.63 0.70
N LEU A 73 6.22 -9.45 -0.58
CA LEU A 73 7.54 -9.75 -1.15
C LEU A 73 8.44 -8.52 -0.93
N GLU A 74 9.71 -8.60 -1.34
CA GLU A 74 10.69 -7.52 -1.16
C GLU A 74 11.68 -7.45 -2.33
N GLU A 75 11.85 -6.26 -2.90
CA GLU A 75 12.70 -5.97 -4.06
C GLU A 75 13.24 -4.53 -3.99
N ASP A 76 14.57 -4.37 -4.13
CA ASP A 76 15.28 -3.08 -4.19
C ASP A 76 15.09 -2.19 -2.93
N GLY A 77 14.75 -2.82 -1.79
CA GLY A 77 14.48 -2.15 -0.50
C GLY A 77 13.00 -1.80 -0.26
N LYS A 78 12.12 -2.07 -1.22
CA LYS A 78 10.67 -1.82 -1.17
C LYS A 78 9.87 -3.14 -1.08
N LEU A 79 8.68 -3.09 -0.46
CA LEU A 79 7.78 -4.24 -0.34
C LEU A 79 6.79 -4.29 -1.52
N TYR A 80 6.27 -5.47 -1.84
CA TYR A 80 5.32 -5.68 -2.94
C TYR A 80 4.21 -6.71 -2.62
N LEU A 81 3.01 -6.45 -3.13
CA LEU A 81 1.86 -7.36 -3.17
C LEU A 81 1.31 -7.41 -4.61
N CYS A 82 0.11 -7.96 -4.84
CA CYS A 82 -0.50 -8.04 -6.17
C CYS A 82 -2.04 -7.87 -6.14
N VAL A 83 -2.60 -7.36 -7.25
CA VAL A 83 -4.01 -6.93 -7.42
C VAL A 83 -4.45 -7.06 -8.89
N SER A 84 -5.75 -6.92 -9.18
CA SER A 84 -6.33 -7.09 -10.53
C SER A 84 -7.54 -6.17 -10.78
N SER A 85 -7.92 -6.00 -12.05
CA SER A 85 -9.03 -5.19 -12.54
C SER A 85 -9.70 -5.83 -13.78
N PRO A 86 -10.72 -5.21 -14.40
CA PRO A 86 -11.27 -5.66 -15.68
C PRO A 86 -10.31 -5.48 -16.87
N THR A 87 -9.18 -4.76 -16.68
CA THR A 87 -8.21 -4.43 -17.74
C THR A 87 -6.85 -5.10 -17.54
N ILE A 88 -6.42 -5.34 -16.29
CA ILE A 88 -5.11 -5.92 -15.94
C ILE A 88 -5.28 -7.02 -14.89
N LYS A 89 -4.62 -8.15 -15.10
CA LYS A 89 -4.65 -9.32 -14.22
C LYS A 89 -3.26 -9.60 -13.62
N ASP A 90 -3.22 -9.88 -12.31
CA ASP A 90 -2.00 -10.25 -11.55
C ASP A 90 -0.94 -9.12 -11.54
N LYS A 91 -1.38 -7.86 -11.56
CA LYS A 91 -0.50 -6.68 -11.45
C LYS A 91 0.21 -6.68 -10.08
N PRO A 92 1.56 -6.61 -10.02
CA PRO A 92 2.29 -6.40 -8.78
C PRO A 92 2.20 -4.91 -8.41
N VAL A 93 2.16 -4.63 -7.11
CA VAL A 93 1.98 -3.28 -6.55
C VAL A 93 2.93 -3.04 -5.38
N GLN A 94 3.60 -1.89 -5.39
CA GLN A 94 4.58 -1.50 -4.38
C GLN A 94 3.85 -1.05 -3.11
N ILE A 95 4.27 -1.58 -1.95
CA ILE A 95 3.65 -1.31 -0.64
C ILE A 95 4.66 -0.54 0.21
N ARG A 96 4.20 0.53 0.88
CA ARG A 96 5.02 1.34 1.80
C ARG A 96 4.20 1.71 3.05
N PRO A 97 4.36 0.98 4.17
CA PRO A 97 3.81 1.37 5.47
C PRO A 97 4.34 2.75 5.88
N TRP A 98 3.45 3.66 6.29
CA TRP A 98 3.80 5.07 6.49
C TRP A 98 4.59 5.33 7.78
N ASN A 99 5.56 6.25 7.67
CA ASN A 99 6.36 6.83 8.74
C ASN A 99 6.97 8.16 8.25
N LEU A 100 7.25 9.09 9.16
CA LEU A 100 7.84 10.40 8.87
C LEU A 100 9.36 10.27 8.69
N SER A 101 9.78 9.53 7.67
CA SER A 101 11.19 9.16 7.39
C SER A 101 11.97 10.24 6.60
N ASP A 102 11.32 11.36 6.24
CA ASP A 102 11.87 12.51 5.49
C ASP A 102 12.12 12.21 3.99
N SER A 103 11.65 11.07 3.49
CA SER A 103 11.77 10.61 2.10
C SER A 103 10.69 9.56 1.73
N ASP A 104 10.35 9.47 0.43
CA ASP A 104 9.27 8.64 -0.10
C ASP A 104 9.45 8.44 -1.63
N PHE A 105 9.22 7.21 -2.09
CA PHE A 105 9.57 6.77 -3.45
C PHE A 105 8.52 5.81 -4.05
N VAL A 106 8.45 5.75 -5.38
CA VAL A 106 7.64 4.78 -6.14
C VAL A 106 8.36 4.37 -7.42
N MET A 107 8.54 3.05 -7.60
CA MET A 107 9.31 2.43 -8.69
C MET A 107 8.47 2.11 -9.94
N ASP A 108 7.13 2.16 -9.83
CA ASP A 108 6.18 1.97 -10.93
C ASP A 108 6.03 3.24 -11.78
N SER A 109 5.92 3.09 -13.11
CA SER A 109 5.84 4.20 -14.07
C SER A 109 4.53 5.02 -14.01
N GLY A 110 3.48 4.53 -13.35
CA GLY A 110 2.18 5.20 -13.21
C GLY A 110 1.27 5.06 -14.44
N PRO A 111 0.15 5.83 -14.49
CA PRO A 111 -0.82 5.82 -15.59
C PRO A 111 -0.23 6.25 -16.93
N SER A 112 -0.86 5.81 -18.02
CA SER A 112 -0.49 6.14 -19.40
C SER A 112 -1.65 5.86 -20.38
N SER A 113 -1.52 6.30 -21.63
CA SER A 113 -2.59 6.27 -22.66
C SER A 113 -2.07 6.08 -24.11
N GLY A 114 -0.75 5.86 -24.29
CA GLY A 114 -0.12 5.66 -25.60
C GLY A 114 1.39 5.45 -25.51
N GLY A 1 11.79 -10.22 18.41
CA GLY A 1 12.15 -9.05 17.58
C GLY A 1 11.00 -8.08 17.42
N SER A 2 11.28 -6.87 16.96
CA SER A 2 10.29 -5.79 16.75
C SER A 2 9.20 -6.21 15.74
N SER A 3 7.92 -6.16 16.15
CA SER A 3 6.77 -6.68 15.40
C SER A 3 5.43 -6.18 15.99
N GLY A 4 4.35 -6.32 15.22
CA GLY A 4 2.99 -5.86 15.56
C GLY A 4 2.82 -4.36 15.32
N SER A 5 3.65 -3.56 15.97
CA SER A 5 3.80 -2.12 15.71
C SER A 5 4.37 -1.88 14.30
N SER A 6 3.78 -0.96 13.55
CA SER A 6 4.05 -0.73 12.11
C SER A 6 4.26 0.75 11.75
N GLY A 7 4.49 1.61 12.76
CA GLY A 7 4.67 3.07 12.62
C GLY A 7 3.34 3.82 12.53
N SER A 8 2.38 3.28 11.79
CA SER A 8 1.03 3.80 11.60
C SER A 8 0.08 2.72 11.04
N ARG A 9 -1.22 3.00 11.08
CA ARG A 9 -2.26 2.20 10.38
C ARG A 9 -2.47 2.67 8.93
N LYS A 10 -1.85 3.78 8.54
CA LYS A 10 -1.81 4.27 7.16
C LYS A 10 -0.75 3.51 6.34
N VAL A 11 -1.07 3.12 5.10
CA VAL A 11 -0.14 2.41 4.18
C VAL A 11 -0.33 2.91 2.75
N PHE A 12 0.73 3.44 2.13
CA PHE A 12 0.74 3.82 0.72
C PHE A 12 0.81 2.58 -0.19
N VAL A 13 0.10 2.62 -1.31
CA VAL A 13 0.10 1.59 -2.36
C VAL A 13 0.25 2.25 -3.73
N GLY A 14 1.27 1.85 -4.49
CA GLY A 14 1.59 2.37 -5.83
C GLY A 14 1.62 1.31 -6.92
N GLY A 15 1.27 1.69 -8.16
CA GLY A 15 1.26 0.81 -9.33
C GLY A 15 -0.10 0.14 -9.61
N LEU A 16 -1.19 0.66 -9.03
CA LEU A 16 -2.56 0.13 -9.18
C LEU A 16 -3.01 0.17 -10.66
N PRO A 17 -3.75 -0.85 -11.14
CA PRO A 17 -4.32 -0.88 -12.50
C PRO A 17 -5.17 0.35 -12.84
N PRO A 18 -5.31 0.70 -14.15
CA PRO A 18 -6.02 1.90 -14.60
C PRO A 18 -7.56 1.76 -14.58
N ASP A 19 -8.10 0.63 -14.11
CA ASP A 19 -9.55 0.32 -14.10
C ASP A 19 -9.98 -0.40 -12.81
N ILE A 20 -9.21 -0.22 -11.73
CA ILE A 20 -9.57 -0.63 -10.36
C ILE A 20 -10.19 0.56 -9.60
N ASP A 21 -10.92 0.31 -8.53
CA ASP A 21 -11.68 1.32 -7.77
C ASP A 21 -11.65 1.08 -6.26
N GLU A 22 -12.17 2.06 -5.51
CA GLU A 22 -12.22 2.08 -4.04
C GLU A 22 -12.63 0.74 -3.40
N ASP A 23 -13.69 0.09 -3.90
CA ASP A 23 -14.24 -1.14 -3.30
C ASP A 23 -13.41 -2.38 -3.64
N GLU A 24 -12.71 -2.37 -4.77
CA GLU A 24 -11.77 -3.43 -5.17
C GLU A 24 -10.41 -3.26 -4.46
N ILE A 25 -9.96 -2.03 -4.25
CA ILE A 25 -8.78 -1.73 -3.41
C ILE A 25 -9.07 -2.13 -1.97
N THR A 26 -10.31 -1.95 -1.49
CA THR A 26 -10.76 -2.46 -0.18
C THR A 26 -10.76 -3.98 -0.17
N ALA A 27 -11.43 -4.64 -1.13
CA ALA A 27 -11.49 -6.10 -1.19
C ALA A 27 -10.11 -6.77 -1.33
N SER A 28 -9.16 -6.11 -1.99
CA SER A 28 -7.78 -6.59 -2.15
C SER A 28 -6.98 -6.63 -0.83
N PHE A 29 -7.36 -5.82 0.18
CA PHE A 29 -6.65 -5.72 1.45
C PHE A 29 -7.52 -6.05 2.69
N ARG A 30 -8.82 -6.30 2.51
CA ARG A 30 -9.76 -6.75 3.56
C ARG A 30 -9.33 -8.10 4.19
N ARG A 31 -8.54 -8.90 3.45
CA ARG A 31 -7.87 -10.12 3.90
C ARG A 31 -6.99 -9.96 5.17
N PHE A 32 -6.58 -8.73 5.49
CA PHE A 32 -5.76 -8.40 6.67
C PHE A 32 -6.56 -7.84 7.86
N GLY A 33 -7.87 -7.62 7.68
CA GLY A 33 -8.78 -6.98 8.64
C GLY A 33 -9.48 -5.74 8.05
N PRO A 34 -10.38 -5.08 8.80
CA PRO A 34 -11.14 -3.93 8.32
C PRO A 34 -10.25 -2.73 7.99
N LEU A 35 -10.67 -1.94 7.00
CA LEU A 35 -9.96 -0.76 6.50
C LEU A 35 -10.88 0.20 5.72
N VAL A 36 -10.36 1.39 5.42
CA VAL A 36 -10.94 2.36 4.47
C VAL A 36 -9.85 2.84 3.50
N VAL A 37 -10.23 3.33 2.32
CA VAL A 37 -9.32 3.71 1.22
C VAL A 37 -9.49 5.20 0.89
N ASP A 38 -8.36 5.89 0.70
CA ASP A 38 -8.25 7.34 0.55
C ASP A 38 -7.11 7.72 -0.42
N TRP A 39 -7.10 8.96 -0.93
CA TRP A 39 -6.09 9.51 -1.84
C TRP A 39 -6.15 11.05 -1.94
N PRO A 40 -5.11 11.73 -2.47
CA PRO A 40 -5.10 13.17 -2.67
C PRO A 40 -6.26 13.64 -3.56
N HIS A 41 -6.86 14.78 -3.20
CA HIS A 41 -7.95 15.45 -3.97
C HIS A 41 -9.27 14.66 -4.04
N LYS A 42 -9.48 13.62 -3.20
CA LYS A 42 -10.66 12.75 -3.21
C LYS A 42 -11.97 13.49 -2.87
N ALA A 43 -11.83 14.64 -2.21
CA ALA A 43 -12.88 15.60 -1.89
C ALA A 43 -13.41 16.42 -3.09
N GLU A 44 -12.67 16.48 -4.20
CA GLU A 44 -12.98 17.32 -5.38
C GLU A 44 -12.80 16.61 -6.73
N SER A 45 -12.17 15.44 -6.78
CA SER A 45 -11.98 14.64 -8.00
C SER A 45 -13.30 14.08 -8.57
N LYS A 46 -13.34 13.84 -9.89
CA LYS A 46 -14.56 13.54 -10.66
C LYS A 46 -14.86 12.03 -10.81
N SER A 47 -14.13 11.18 -10.10
CA SER A 47 -14.24 9.70 -10.22
C SER A 47 -13.81 8.97 -8.93
N TYR A 48 -14.06 7.66 -8.88
CA TYR A 48 -13.86 6.77 -7.72
C TYR A 48 -12.69 5.78 -7.93
N PHE A 49 -11.76 6.14 -8.81
CA PHE A 49 -10.56 5.39 -9.20
C PHE A 49 -9.30 6.03 -8.56
N PRO A 50 -8.22 5.26 -8.31
CA PRO A 50 -7.00 5.76 -7.68
C PRO A 50 -6.26 6.73 -8.63
N PRO A 51 -5.94 7.96 -8.19
CA PRO A 51 -5.30 8.98 -9.04
C PRO A 51 -3.83 8.59 -9.31
N LYS A 52 -3.41 8.73 -10.57
CA LYS A 52 -2.02 8.48 -11.03
C LYS A 52 -1.52 7.04 -10.80
N GLY A 53 -2.41 6.10 -10.43
CA GLY A 53 -2.11 4.70 -10.12
C GLY A 53 -1.67 4.46 -8.67
N TYR A 54 -2.08 5.30 -7.71
CA TYR A 54 -1.73 5.14 -6.29
C TYR A 54 -2.84 5.56 -5.30
N ALA A 55 -2.76 5.03 -4.07
CA ALA A 55 -3.72 5.26 -3.00
C ALA A 55 -3.10 5.01 -1.61
N PHE A 56 -3.84 5.38 -0.56
CA PHE A 56 -3.55 5.12 0.84
C PHE A 56 -4.65 4.24 1.46
N LEU A 57 -4.23 3.16 2.11
CA LEU A 57 -5.05 2.30 2.96
C LEU A 57 -4.95 2.79 4.40
N LEU A 58 -6.07 2.76 5.13
CA LEU A 58 -6.18 3.07 6.54
C LEU A 58 -6.83 1.87 7.25
N PHE A 59 -6.06 1.10 8.01
CA PHE A 59 -6.53 -0.12 8.68
C PHE A 59 -7.12 0.16 10.07
N GLN A 60 -7.91 -0.79 10.59
CA GLN A 60 -8.51 -0.71 11.93
C GLN A 60 -7.52 -0.99 13.06
N GLU A 61 -6.46 -1.78 12.80
CA GLU A 61 -5.40 -2.13 13.76
C GLU A 61 -4.04 -2.15 13.06
N GLU A 62 -2.97 -1.76 13.77
CA GLU A 62 -1.60 -1.92 13.27
C GLU A 62 -1.26 -3.39 12.99
N SER A 63 -1.86 -4.32 13.73
CA SER A 63 -1.77 -5.77 13.46
C SER A 63 -2.19 -6.16 12.03
N SER A 64 -3.08 -5.39 11.38
CA SER A 64 -3.44 -5.58 9.98
C SER A 64 -2.34 -5.10 9.03
N VAL A 65 -1.54 -4.11 9.44
CA VAL A 65 -0.38 -3.64 8.66
C VAL A 65 0.79 -4.62 8.84
N GLN A 66 0.98 -5.19 10.02
CA GLN A 66 1.92 -6.29 10.24
C GLN A 66 1.53 -7.53 9.44
N ALA A 67 0.24 -7.87 9.39
CA ALA A 67 -0.27 -8.98 8.56
C ALA A 67 -0.01 -8.75 7.06
N LEU A 68 -0.14 -7.51 6.59
CA LEU A 68 0.24 -7.11 5.24
C LEU A 68 1.75 -7.26 5.03
N ILE A 69 2.58 -6.75 5.95
CA ILE A 69 4.05 -6.89 5.91
C ILE A 69 4.48 -8.36 5.82
N ASP A 70 3.82 -9.24 6.59
CA ASP A 70 4.07 -10.69 6.60
C ASP A 70 3.65 -11.41 5.31
N ALA A 71 2.80 -10.78 4.48
CA ALA A 71 2.37 -11.26 3.17
C ALA A 71 3.12 -10.61 2.00
N CYS A 72 3.84 -9.50 2.23
CA CYS A 72 4.57 -8.78 1.19
C CYS A 72 5.86 -9.50 0.75
N LEU A 73 6.18 -9.35 -0.54
CA LEU A 73 7.49 -9.66 -1.13
C LEU A 73 8.42 -8.46 -0.89
N GLU A 74 9.70 -8.59 -1.24
CA GLU A 74 10.72 -7.56 -0.97
C GLU A 74 11.78 -7.52 -2.09
N GLU A 75 12.14 -6.32 -2.54
CA GLU A 75 13.11 -6.09 -3.61
C GLU A 75 13.70 -4.67 -3.53
N ASP A 76 15.03 -4.57 -3.41
CA ASP A 76 15.85 -3.34 -3.31
C ASP A 76 15.62 -2.52 -2.01
N GLY A 77 14.83 -3.03 -1.07
CA GLY A 77 14.34 -2.34 0.14
C GLY A 77 12.88 -1.89 0.03
N LYS A 78 12.22 -2.12 -1.11
CA LYS A 78 10.79 -1.87 -1.34
C LYS A 78 9.97 -3.14 -1.07
N LEU A 79 8.75 -3.02 -0.53
CA LEU A 79 7.81 -4.13 -0.36
C LEU A 79 6.79 -4.18 -1.51
N TYR A 80 6.23 -5.37 -1.79
CA TYR A 80 5.25 -5.57 -2.87
C TYR A 80 4.15 -6.59 -2.52
N LEU A 81 2.96 -6.38 -3.09
CA LEU A 81 1.83 -7.31 -3.09
C LEU A 81 1.27 -7.42 -4.53
N CYS A 82 0.23 -8.21 -4.77
CA CYS A 82 -0.34 -8.44 -6.12
C CYS A 82 -1.87 -8.25 -6.14
N VAL A 83 -2.41 -7.65 -7.21
CA VAL A 83 -3.83 -7.28 -7.38
C VAL A 83 -4.26 -7.35 -8.86
N SER A 84 -5.55 -7.20 -9.16
CA SER A 84 -6.13 -7.37 -10.51
C SER A 84 -7.35 -6.44 -10.74
N SER A 85 -7.72 -6.26 -12.01
CA SER A 85 -8.85 -5.43 -12.48
C SER A 85 -9.59 -6.15 -13.65
N PRO A 86 -10.60 -5.52 -14.29
CA PRO A 86 -11.23 -6.07 -15.50
C PRO A 86 -10.29 -6.08 -16.72
N THR A 87 -9.15 -5.39 -16.67
CA THR A 87 -8.23 -5.18 -17.80
C THR A 87 -6.82 -5.71 -17.54
N ILE A 88 -6.36 -5.75 -16.30
CA ILE A 88 -5.01 -6.19 -15.91
C ILE A 88 -5.09 -7.29 -14.83
N LYS A 89 -4.29 -8.35 -15.00
CA LYS A 89 -4.32 -9.54 -14.16
C LYS A 89 -2.94 -9.78 -13.50
N ASP A 90 -2.93 -10.00 -12.18
CA ASP A 90 -1.72 -10.35 -11.37
C ASP A 90 -0.68 -9.21 -11.37
N LYS A 91 -1.14 -7.95 -11.45
CA LYS A 91 -0.29 -6.75 -11.35
C LYS A 91 0.42 -6.72 -9.98
N PRO A 92 1.76 -6.54 -9.93
CA PRO A 92 2.49 -6.27 -8.70
C PRO A 92 2.32 -4.79 -8.33
N VAL A 93 2.14 -4.53 -7.04
CA VAL A 93 1.90 -3.19 -6.48
C VAL A 93 2.82 -2.96 -5.29
N GLN A 94 3.49 -1.81 -5.27
CA GLN A 94 4.49 -1.45 -4.27
C GLN A 94 3.81 -0.95 -3.00
N ILE A 95 4.24 -1.43 -1.83
CA ILE A 95 3.63 -1.19 -0.52
C ILE A 95 4.62 -0.41 0.36
N ARG A 96 4.14 0.63 1.05
CA ARG A 96 4.96 1.50 1.92
C ARG A 96 4.17 1.88 3.19
N PRO A 97 4.36 1.16 4.32
CA PRO A 97 3.78 1.49 5.61
C PRO A 97 4.24 2.88 6.07
N TRP A 98 3.29 3.73 6.48
CA TRP A 98 3.55 5.12 6.86
C TRP A 98 4.23 5.23 8.24
N ASN A 99 5.14 6.19 8.38
CA ASN A 99 6.01 6.37 9.56
C ASN A 99 6.61 7.78 9.62
N LEU A 100 7.02 8.21 10.82
CA LEU A 100 7.53 9.56 11.12
C LEU A 100 8.74 9.48 12.08
N SER A 101 9.61 10.49 12.02
CA SER A 101 10.73 10.70 12.97
C SER A 101 11.83 9.61 12.91
N ASP A 102 11.88 8.83 11.82
CA ASP A 102 12.77 7.67 11.61
C ASP A 102 12.93 7.38 10.10
N SER A 103 13.94 6.60 9.73
CA SER A 103 14.28 6.28 8.34
C SER A 103 15.18 5.03 8.23
N ASP A 104 15.25 4.45 7.02
CA ASP A 104 16.00 3.23 6.67
C ASP A 104 16.20 3.18 5.14
N PHE A 105 17.38 2.72 4.70
CA PHE A 105 17.82 2.79 3.31
C PHE A 105 16.95 2.00 2.32
N VAL A 106 16.82 2.54 1.11
CA VAL A 106 16.14 1.99 -0.06
C VAL A 106 16.55 2.84 -1.27
N MET A 107 16.97 2.21 -2.37
CA MET A 107 17.61 2.92 -3.50
C MET A 107 16.68 3.90 -4.25
N ASP A 108 15.36 3.79 -4.04
CA ASP A 108 14.34 4.66 -4.64
C ASP A 108 14.10 5.97 -3.86
N SER A 109 14.79 6.17 -2.73
CA SER A 109 14.64 7.34 -1.84
C SER A 109 15.18 8.67 -2.42
N GLY A 110 15.65 8.66 -3.68
CA GLY A 110 16.03 9.84 -4.46
C GLY A 110 14.81 10.59 -5.05
N PRO A 111 14.94 11.22 -6.24
CA PRO A 111 13.87 11.99 -6.88
C PRO A 111 12.54 11.24 -7.06
N SER A 112 12.56 9.91 -7.16
CA SER A 112 11.35 9.07 -7.24
C SER A 112 10.48 9.07 -5.96
N SER A 113 11.02 9.57 -4.84
CA SER A 113 10.33 9.71 -3.54
C SER A 113 10.26 11.17 -3.04
N GLY A 114 10.71 12.15 -3.84
CA GLY A 114 10.72 13.59 -3.48
C GLY A 114 11.23 14.49 -4.59
N GLY A 1 15.08 5.73 18.58
CA GLY A 1 16.30 4.96 18.91
C GLY A 1 16.03 3.46 18.86
N SER A 2 16.28 2.74 19.94
CA SER A 2 15.89 1.32 20.11
C SER A 2 14.36 1.13 20.33
N SER A 3 13.65 2.22 20.62
CA SER A 3 12.19 2.34 20.68
C SER A 3 11.77 3.80 20.38
N GLY A 4 10.48 4.12 20.48
CA GLY A 4 9.91 5.45 20.26
C GLY A 4 9.42 5.73 18.83
N SER A 5 9.55 4.75 17.93
CA SER A 5 9.15 4.83 16.52
C SER A 5 8.61 3.46 16.03
N SER A 6 7.47 3.43 15.35
CA SER A 6 6.75 2.18 15.02
C SER A 6 5.84 2.25 13.78
N GLY A 7 5.86 3.37 13.03
CA GLY A 7 5.03 3.57 11.84
C GLY A 7 3.61 4.04 12.16
N SER A 8 2.63 3.57 11.38
CA SER A 8 1.24 4.04 11.40
C SER A 8 0.27 3.01 10.80
N ARG A 9 -1.04 3.20 11.03
CA ARG A 9 -2.12 2.45 10.36
C ARG A 9 -2.34 2.87 8.90
N LYS A 10 -1.71 3.97 8.46
CA LYS A 10 -1.69 4.39 7.05
C LYS A 10 -0.64 3.58 6.24
N VAL A 11 -1.00 3.14 5.02
CA VAL A 11 -0.10 2.42 4.09
C VAL A 11 -0.33 2.93 2.67
N PHE A 12 0.70 3.49 2.04
CA PHE A 12 0.69 3.86 0.62
C PHE A 12 0.82 2.61 -0.26
N VAL A 13 0.10 2.60 -1.38
CA VAL A 13 0.14 1.54 -2.41
C VAL A 13 0.27 2.18 -3.79
N GLY A 14 1.33 1.83 -4.53
CA GLY A 14 1.62 2.34 -5.88
C GLY A 14 1.59 1.24 -6.95
N GLY A 15 1.20 1.60 -8.16
CA GLY A 15 1.10 0.69 -9.32
C GLY A 15 -0.28 0.05 -9.52
N LEU A 16 -1.32 0.59 -8.86
CA LEU A 16 -2.72 0.16 -9.01
C LEU A 16 -3.16 0.28 -10.48
N PRO A 17 -3.92 -0.70 -11.03
CA PRO A 17 -4.51 -0.62 -12.37
C PRO A 17 -5.32 0.67 -12.59
N PRO A 18 -5.41 1.17 -13.84
CA PRO A 18 -6.07 2.44 -14.17
C PRO A 18 -7.61 2.33 -14.17
N ASP A 19 -8.17 1.16 -13.83
CA ASP A 19 -9.57 0.78 -13.98
C ASP A 19 -10.11 0.03 -12.74
N ILE A 20 -9.40 0.11 -11.60
CA ILE A 20 -9.79 -0.50 -10.32
C ILE A 20 -10.51 0.49 -9.41
N ASP A 21 -11.63 0.07 -8.82
CA ASP A 21 -12.49 0.91 -7.98
C ASP A 21 -12.19 0.79 -6.47
N GLU A 22 -12.66 1.78 -5.70
CA GLU A 22 -12.49 1.91 -4.25
C GLU A 22 -12.79 0.60 -3.47
N ASP A 23 -13.88 -0.09 -3.81
CA ASP A 23 -14.32 -1.30 -3.11
C ASP A 23 -13.48 -2.53 -3.48
N GLU A 24 -12.91 -2.57 -4.68
CA GLU A 24 -11.91 -3.57 -5.08
C GLU A 24 -10.52 -3.29 -4.50
N ILE A 25 -10.11 -2.02 -4.35
CA ILE A 25 -8.89 -1.69 -3.60
C ILE A 25 -9.07 -2.07 -2.12
N THR A 26 -10.27 -1.89 -1.56
CA THR A 26 -10.64 -2.35 -0.22
C THR A 26 -10.58 -3.86 -0.14
N ALA A 27 -11.27 -4.59 -1.03
CA ALA A 27 -11.25 -6.06 -1.05
C ALA A 27 -9.84 -6.64 -1.28
N SER A 28 -8.98 -5.94 -2.01
CA SER A 28 -7.57 -6.30 -2.23
C SER A 28 -6.71 -6.25 -0.95
N PHE A 29 -7.18 -5.61 0.13
CA PHE A 29 -6.45 -5.56 1.41
C PHE A 29 -7.32 -5.92 2.62
N ARG A 30 -8.62 -6.17 2.43
CA ARG A 30 -9.56 -6.65 3.47
C ARG A 30 -9.16 -8.02 4.05
N ARG A 31 -8.37 -8.80 3.30
CA ARG A 31 -7.70 -10.04 3.74
C ARG A 31 -6.76 -9.89 4.95
N PHE A 32 -6.44 -8.65 5.37
CA PHE A 32 -5.63 -8.33 6.55
C PHE A 32 -6.44 -7.77 7.74
N GLY A 33 -7.75 -7.53 7.54
CA GLY A 33 -8.65 -6.87 8.50
C GLY A 33 -9.34 -5.63 7.90
N PRO A 34 -10.30 -5.01 8.63
CA PRO A 34 -11.06 -3.86 8.15
C PRO A 34 -10.18 -2.62 7.85
N LEU A 35 -10.61 -1.81 6.89
CA LEU A 35 -9.89 -0.63 6.40
C LEU A 35 -10.80 0.35 5.63
N VAL A 36 -10.26 1.52 5.29
CA VAL A 36 -10.83 2.50 4.35
C VAL A 36 -9.74 2.98 3.38
N VAL A 37 -10.11 3.52 2.22
CA VAL A 37 -9.18 3.84 1.11
C VAL A 37 -9.44 5.26 0.59
N ASP A 38 -8.36 6.02 0.37
CA ASP A 38 -8.36 7.43 -0.03
C ASP A 38 -7.13 7.78 -0.90
N TRP A 39 -7.17 8.91 -1.62
CA TRP A 39 -6.09 9.35 -2.52
C TRP A 39 -6.14 10.88 -2.80
N PRO A 40 -5.01 11.52 -3.19
CA PRO A 40 -4.95 12.94 -3.51
C PRO A 40 -5.87 13.37 -4.66
N HIS A 41 -6.23 14.65 -4.69
CA HIS A 41 -7.09 15.33 -5.70
C HIS A 41 -8.58 14.89 -5.65
N LYS A 42 -8.94 13.88 -4.84
CA LYS A 42 -10.30 13.33 -4.72
C LYS A 42 -11.30 14.34 -4.11
N ALA A 43 -10.75 15.30 -3.36
CA ALA A 43 -11.44 16.44 -2.75
C ALA A 43 -11.65 17.64 -3.70
N GLU A 44 -10.96 17.67 -4.86
CA GLU A 44 -11.04 18.72 -5.87
C GLU A 44 -11.69 18.24 -7.19
N SER A 45 -11.69 16.93 -7.43
CA SER A 45 -12.43 16.26 -8.51
C SER A 45 -12.90 14.88 -8.01
N LYS A 46 -14.22 14.72 -7.84
CA LYS A 46 -14.81 13.53 -7.20
C LYS A 46 -14.76 12.30 -8.13
N SER A 47 -14.32 11.16 -7.60
CA SER A 47 -14.19 9.88 -8.30
C SER A 47 -14.01 8.72 -7.31
N TYR A 48 -14.38 7.51 -7.72
CA TYR A 48 -14.17 6.26 -6.98
C TYR A 48 -13.08 5.36 -7.62
N PHE A 49 -12.27 5.93 -8.51
CA PHE A 49 -11.04 5.35 -9.08
C PHE A 49 -9.83 6.27 -8.76
N PRO A 50 -8.64 5.73 -8.44
CA PRO A 50 -7.44 6.53 -8.21
C PRO A 50 -6.93 7.12 -9.54
N PRO A 51 -6.84 8.46 -9.70
CA PRO A 51 -6.58 9.11 -10.98
C PRO A 51 -5.10 9.19 -11.37
N LYS A 52 -4.24 8.51 -10.63
CA LYS A 52 -2.77 8.55 -10.73
C LYS A 52 -2.07 7.18 -10.55
N GLY A 53 -2.84 6.10 -10.35
CA GLY A 53 -2.31 4.73 -10.18
C GLY A 53 -1.76 4.43 -8.79
N TYR A 54 -2.17 5.18 -7.77
CA TYR A 54 -1.76 5.00 -6.37
C TYR A 54 -2.82 5.48 -5.36
N ALA A 55 -2.76 4.95 -4.13
CA ALA A 55 -3.69 5.28 -3.05
C ALA A 55 -3.07 5.03 -1.66
N PHE A 56 -3.77 5.52 -0.63
CA PHE A 56 -3.47 5.31 0.79
C PHE A 56 -4.58 4.47 1.43
N LEU A 57 -4.19 3.33 1.99
CA LEU A 57 -5.00 2.48 2.85
C LEU A 57 -4.89 2.98 4.29
N LEU A 58 -6.00 2.97 5.02
CA LEU A 58 -6.09 3.22 6.46
C LEU A 58 -6.72 1.99 7.11
N PHE A 59 -5.94 1.20 7.84
CA PHE A 59 -6.42 -0.02 8.51
C PHE A 59 -7.02 0.29 9.89
N GLN A 60 -7.93 -0.56 10.36
CA GLN A 60 -8.59 -0.42 11.66
C GLN A 60 -7.65 -0.72 12.84
N GLU A 61 -6.62 -1.53 12.63
CA GLU A 61 -5.63 -1.94 13.64
C GLU A 61 -4.23 -2.04 13.02
N GLU A 62 -3.19 -1.72 13.80
CA GLU A 62 -1.79 -1.81 13.38
C GLU A 62 -1.41 -3.27 13.04
N SER A 63 -2.02 -4.25 13.72
CA SER A 63 -1.86 -5.68 13.44
C SER A 63 -2.21 -6.04 11.98
N SER A 64 -3.10 -5.30 11.33
CA SER A 64 -3.42 -5.49 9.91
C SER A 64 -2.30 -4.99 8.99
N VAL A 65 -1.52 -3.99 9.41
CA VAL A 65 -0.35 -3.51 8.68
C VAL A 65 0.80 -4.51 8.83
N GLN A 66 0.98 -5.09 10.02
CA GLN A 66 1.96 -6.16 10.22
C GLN A 66 1.58 -7.44 9.47
N ALA A 67 0.29 -7.79 9.40
CA ALA A 67 -0.20 -8.91 8.59
C ALA A 67 0.04 -8.70 7.08
N LEU A 68 -0.09 -7.46 6.60
CA LEU A 68 0.29 -7.07 5.23
C LEU A 68 1.81 -7.22 5.03
N ILE A 69 2.64 -6.70 5.94
CA ILE A 69 4.10 -6.83 5.90
C ILE A 69 4.54 -8.30 5.85
N ASP A 70 3.89 -9.17 6.64
CA ASP A 70 4.16 -10.61 6.70
C ASP A 70 3.75 -11.37 5.41
N ALA A 71 2.89 -10.78 4.58
CA ALA A 71 2.47 -11.31 3.28
C ALA A 71 3.22 -10.67 2.08
N CYS A 72 3.93 -9.56 2.30
CA CYS A 72 4.65 -8.85 1.24
C CYS A 72 5.96 -9.54 0.81
N LEU A 73 6.29 -9.39 -0.46
CA LEU A 73 7.62 -9.68 -1.03
C LEU A 73 8.52 -8.46 -0.78
N GLU A 74 9.81 -8.56 -1.09
CA GLU A 74 10.79 -7.51 -0.82
C GLU A 74 11.90 -7.45 -1.88
N GLU A 75 12.29 -6.23 -2.28
CA GLU A 75 13.36 -5.96 -3.25
C GLU A 75 13.93 -4.55 -2.99
N ASP A 76 15.23 -4.47 -2.66
CA ASP A 76 15.99 -3.22 -2.39
C ASP A 76 15.54 -2.44 -1.13
N GLY A 77 14.60 -3.00 -0.35
CA GLY A 77 13.92 -2.35 0.78
C GLY A 77 12.50 -1.89 0.46
N LYS A 78 12.08 -2.01 -0.81
CA LYS A 78 10.69 -1.81 -1.24
C LYS A 78 9.90 -3.11 -1.01
N LEU A 79 8.66 -3.01 -0.51
CA LEU A 79 7.75 -4.15 -0.35
C LEU A 79 6.78 -4.26 -1.53
N TYR A 80 6.25 -5.46 -1.79
CA TYR A 80 5.29 -5.70 -2.88
C TYR A 80 4.20 -6.73 -2.52
N LEU A 81 3.01 -6.54 -3.10
CA LEU A 81 1.86 -7.45 -3.06
C LEU A 81 1.26 -7.55 -4.48
N CYS A 82 0.22 -8.37 -4.68
CA CYS A 82 -0.43 -8.57 -5.99
C CYS A 82 -1.95 -8.34 -5.94
N VAL A 83 -2.51 -7.79 -7.03
CA VAL A 83 -3.93 -7.36 -7.18
C VAL A 83 -4.38 -7.48 -8.65
N SER A 84 -5.68 -7.33 -8.92
CA SER A 84 -6.27 -7.42 -10.28
C SER A 84 -7.51 -6.50 -10.45
N SER A 85 -7.91 -6.24 -11.68
CA SER A 85 -8.98 -5.32 -12.09
C SER A 85 -9.81 -5.89 -13.28
N PRO A 86 -10.76 -5.16 -13.89
CA PRO A 86 -11.53 -5.63 -15.03
C PRO A 86 -10.66 -6.01 -16.25
N THR A 87 -9.56 -5.29 -16.52
CA THR A 87 -8.70 -5.53 -17.69
C THR A 87 -7.25 -5.90 -17.35
N ILE A 88 -6.77 -5.67 -16.12
CA ILE A 88 -5.39 -5.96 -15.71
C ILE A 88 -5.37 -7.08 -14.67
N LYS A 89 -4.55 -8.10 -14.90
CA LYS A 89 -4.56 -9.37 -14.15
C LYS A 89 -3.18 -9.68 -13.55
N ASP A 90 -3.14 -10.11 -12.29
CA ASP A 90 -1.92 -10.54 -11.55
C ASP A 90 -0.88 -9.40 -11.42
N LYS A 91 -1.34 -8.15 -11.35
CA LYS A 91 -0.50 -6.96 -11.24
C LYS A 91 0.24 -6.91 -9.88
N PRO A 92 1.58 -6.72 -9.86
CA PRO A 92 2.32 -6.45 -8.64
C PRO A 92 2.20 -4.96 -8.31
N VAL A 93 2.08 -4.66 -7.02
CA VAL A 93 1.90 -3.31 -6.48
C VAL A 93 2.88 -3.07 -5.33
N GLN A 94 3.51 -1.89 -5.33
CA GLN A 94 4.53 -1.52 -4.35
C GLN A 94 3.85 -1.03 -3.06
N ILE A 95 4.26 -1.56 -1.92
CA ILE A 95 3.65 -1.33 -0.60
C ILE A 95 4.62 -0.51 0.26
N ARG A 96 4.09 0.49 0.96
CA ARG A 96 4.86 1.48 1.73
C ARG A 96 4.13 1.81 3.06
N PRO A 97 4.35 1.03 4.13
CA PRO A 97 3.84 1.36 5.47
C PRO A 97 4.36 2.72 5.91
N TRP A 98 3.48 3.62 6.34
CA TRP A 98 3.83 5.01 6.57
C TRP A 98 4.65 5.21 7.85
N ASN A 99 5.86 5.77 7.68
CA ASN A 99 6.81 6.11 8.75
C ASN A 99 7.77 7.26 8.33
N LEU A 100 7.38 8.04 7.31
CA LEU A 100 8.21 9.05 6.66
C LEU A 100 8.41 10.29 7.55
N SER A 101 9.66 10.65 7.79
CA SER A 101 10.08 11.84 8.55
C SER A 101 11.20 12.57 7.79
N ASP A 102 10.91 12.97 6.54
CA ASP A 102 11.85 13.50 5.52
C ASP A 102 13.03 12.56 5.19
N SER A 103 12.90 11.29 5.58
CA SER A 103 13.88 10.20 5.51
C SER A 103 13.92 9.46 4.15
N ASP A 104 13.23 9.96 3.13
CA ASP A 104 13.11 9.35 1.79
C ASP A 104 14.44 9.24 1.00
N PHE A 105 15.53 9.81 1.53
CA PHE A 105 16.89 9.67 1.01
C PHE A 105 17.62 8.38 1.43
N VAL A 106 16.91 7.50 2.15
CA VAL A 106 17.44 6.30 2.79
C VAL A 106 16.44 5.14 2.71
N MET A 107 16.97 3.98 2.31
CA MET A 107 16.25 2.70 2.15
C MET A 107 17.26 1.56 1.96
N ASP A 108 16.99 0.38 2.54
CA ASP A 108 17.87 -0.78 2.56
C ASP A 108 17.14 -2.09 2.95
N SER A 109 17.82 -3.23 2.78
CA SER A 109 17.35 -4.58 3.13
C SER A 109 18.52 -5.54 3.39
N GLY A 110 18.23 -6.72 3.98
CA GLY A 110 19.21 -7.77 4.29
C GLY A 110 18.59 -9.11 4.68
N PRO A 111 19.41 -10.18 4.84
CA PRO A 111 18.94 -11.52 5.17
C PRO A 111 18.52 -11.63 6.64
N SER A 112 17.61 -12.56 6.94
CA SER A 112 17.06 -12.81 8.28
C SER A 112 17.94 -13.74 9.17
N SER A 113 19.04 -14.26 8.62
CA SER A 113 20.03 -15.14 9.28
C SER A 113 19.50 -16.57 9.58
N GLY A 114 20.31 -17.39 10.26
CA GLY A 114 20.02 -18.79 10.60
C GLY A 114 21.14 -19.45 11.40
N GLY A 1 14.43 -8.27 18.79
CA GLY A 1 13.25 -8.04 17.92
C GLY A 1 12.11 -8.98 18.27
N SER A 2 11.09 -9.03 17.41
CA SER A 2 9.86 -9.84 17.58
C SER A 2 9.09 -9.97 16.25
N SER A 3 7.98 -10.71 16.25
CA SER A 3 7.08 -10.88 15.08
C SER A 3 6.11 -9.70 14.86
N GLY A 4 6.08 -8.70 15.75
CA GLY A 4 5.21 -7.52 15.69
C GLY A 4 5.89 -6.28 15.09
N SER A 5 5.11 -5.23 14.88
CA SER A 5 5.57 -3.89 14.44
C SER A 5 4.49 -2.82 14.70
N SER A 6 4.91 -1.54 14.79
CA SER A 6 4.09 -0.40 15.21
C SER A 6 4.62 0.92 14.61
N GLY A 7 3.76 1.93 14.46
CA GLY A 7 4.11 3.29 14.06
C GLY A 7 3.01 4.06 13.32
N SER A 8 2.17 3.35 12.56
CA SER A 8 1.05 3.90 11.79
C SER A 8 0.09 2.80 11.29
N ARG A 9 -1.17 3.17 11.04
CA ARG A 9 -2.15 2.34 10.34
C ARG A 9 -2.31 2.74 8.85
N LYS A 10 -1.61 3.78 8.40
CA LYS A 10 -1.61 4.22 7.00
C LYS A 10 -0.56 3.45 6.17
N VAL A 11 -0.91 3.05 4.95
CA VAL A 11 -0.01 2.34 4.02
C VAL A 11 -0.22 2.84 2.59
N PHE A 12 0.84 3.37 1.97
CA PHE A 12 0.85 3.72 0.55
C PHE A 12 0.88 2.46 -0.32
N VAL A 13 0.12 2.48 -1.44
CA VAL A 13 0.09 1.42 -2.46
C VAL A 13 0.20 2.07 -3.84
N GLY A 14 1.24 1.72 -4.60
CA GLY A 14 1.53 2.25 -5.94
C GLY A 14 1.55 1.18 -7.03
N GLY A 15 1.13 1.55 -8.24
CA GLY A 15 1.07 0.67 -9.42
C GLY A 15 -0.31 0.05 -9.68
N LEU A 16 -1.37 0.62 -9.09
CA LEU A 16 -2.76 0.15 -9.22
C LEU A 16 -3.24 0.20 -10.70
N PRO A 17 -4.01 -0.79 -11.18
CA PRO A 17 -4.59 -0.80 -12.53
C PRO A 17 -5.42 0.45 -12.87
N PRO A 18 -5.59 0.79 -14.16
CA PRO A 18 -6.32 1.98 -14.61
C PRO A 18 -7.86 1.83 -14.55
N ASP A 19 -8.38 0.70 -14.05
CA ASP A 19 -9.81 0.36 -14.03
C ASP A 19 -10.25 -0.26 -12.67
N ILE A 20 -9.51 0.03 -11.60
CA ILE A 20 -9.81 -0.42 -10.23
C ILE A 20 -10.36 0.75 -9.38
N ASP A 21 -11.33 0.47 -8.52
CA ASP A 21 -12.06 1.45 -7.72
C ASP A 21 -11.83 1.28 -6.20
N GLU A 22 -12.27 2.27 -5.41
CA GLU A 22 -12.11 2.35 -3.96
C GLU A 22 -12.51 1.05 -3.22
N ASP A 23 -13.62 0.41 -3.63
CA ASP A 23 -14.15 -0.80 -2.98
C ASP A 23 -13.42 -2.07 -3.43
N GLU A 24 -12.89 -2.10 -4.65
CA GLU A 24 -12.00 -3.15 -5.12
C GLU A 24 -10.60 -3.05 -4.48
N ILE A 25 -10.08 -1.84 -4.28
CA ILE A 25 -8.82 -1.63 -3.52
C ILE A 25 -9.04 -2.03 -2.05
N THR A 26 -10.21 -1.72 -1.48
CA THR A 26 -10.59 -2.20 -0.13
C THR A 26 -10.63 -3.71 -0.09
N ALA A 27 -11.33 -4.38 -1.00
CA ALA A 27 -11.39 -5.84 -1.07
C ALA A 27 -10.02 -6.49 -1.32
N SER A 28 -9.12 -5.81 -2.04
CA SER A 28 -7.74 -6.24 -2.28
C SER A 28 -6.83 -6.23 -1.03
N PHE A 29 -7.26 -5.58 0.07
CA PHE A 29 -6.52 -5.55 1.33
C PHE A 29 -7.37 -5.92 2.56
N ARG A 30 -8.69 -6.16 2.39
CA ARG A 30 -9.61 -6.63 3.44
C ARG A 30 -9.21 -7.99 4.03
N ARG A 31 -8.43 -8.79 3.29
CA ARG A 31 -7.76 -10.02 3.72
C ARG A 31 -6.82 -9.86 4.94
N PHE A 32 -6.48 -8.63 5.34
CA PHE A 32 -5.66 -8.30 6.51
C PHE A 32 -6.45 -7.75 7.71
N GLY A 33 -7.77 -7.53 7.54
CA GLY A 33 -8.66 -6.91 8.52
C GLY A 33 -9.35 -5.65 7.97
N PRO A 34 -10.27 -5.03 8.73
CA PRO A 34 -11.04 -3.86 8.30
C PRO A 34 -10.16 -2.64 7.99
N LEU A 35 -10.57 -1.85 6.99
CA LEU A 35 -9.87 -0.67 6.50
C LEU A 35 -10.80 0.29 5.70
N VAL A 36 -10.26 1.46 5.35
CA VAL A 36 -10.83 2.41 4.39
C VAL A 36 -9.71 2.87 3.43
N VAL A 37 -10.04 3.39 2.26
CA VAL A 37 -9.09 3.73 1.19
C VAL A 37 -9.36 5.13 0.64
N ASP A 38 -8.30 5.91 0.44
CA ASP A 38 -8.36 7.31 -0.01
C ASP A 38 -7.07 7.74 -0.75
N TRP A 39 -7.06 8.93 -1.35
CA TRP A 39 -5.91 9.46 -2.10
C TRP A 39 -5.86 11.02 -2.12
N PRO A 40 -4.66 11.65 -2.22
CA PRO A 40 -4.44 13.09 -2.00
C PRO A 40 -4.99 14.06 -3.07
N HIS A 41 -5.90 13.59 -3.92
CA HIS A 41 -6.39 14.29 -5.12
C HIS A 41 -7.86 13.98 -5.47
N LYS A 42 -8.58 13.26 -4.58
CA LYS A 42 -10.03 13.03 -4.69
C LYS A 42 -10.86 14.33 -4.53
N ALA A 43 -10.25 15.34 -3.90
CA ALA A 43 -10.77 16.70 -3.76
C ALA A 43 -10.74 17.50 -5.08
N GLU A 44 -9.73 17.26 -5.93
CA GLU A 44 -9.55 17.97 -7.21
C GLU A 44 -10.11 17.19 -8.42
N SER A 45 -10.29 15.88 -8.30
CA SER A 45 -11.01 15.03 -9.27
C SER A 45 -11.89 14.04 -8.48
N LYS A 46 -13.22 14.18 -8.63
CA LYS A 46 -14.21 13.51 -7.77
C LYS A 46 -14.36 11.98 -7.99
N SER A 47 -13.60 11.40 -8.91
CA SER A 47 -13.67 9.98 -9.28
C SER A 47 -13.38 9.02 -8.12
N TYR A 48 -14.15 7.92 -8.03
CA TYR A 48 -13.95 6.83 -7.06
C TYR A 48 -12.97 5.74 -7.54
N PHE A 49 -12.19 6.07 -8.59
CA PHE A 49 -11.03 5.35 -9.13
C PHE A 49 -9.82 6.31 -8.99
N PRO A 50 -8.64 5.88 -8.51
CA PRO A 50 -7.49 6.77 -8.29
C PRO A 50 -6.91 7.23 -9.65
N PRO A 51 -6.93 8.55 -9.96
CA PRO A 51 -6.54 9.07 -11.28
C PRO A 51 -5.02 9.22 -11.48
N LYS A 52 -4.22 8.61 -10.60
CA LYS A 52 -2.75 8.69 -10.57
C LYS A 52 -2.05 7.32 -10.41
N GLY A 53 -2.81 6.22 -10.31
CA GLY A 53 -2.27 4.85 -10.17
C GLY A 53 -1.77 4.50 -8.76
N TYR A 54 -2.18 5.25 -7.73
CA TYR A 54 -1.78 5.01 -6.33
C TYR A 54 -2.86 5.42 -5.32
N ALA A 55 -2.82 4.84 -4.12
CA ALA A 55 -3.75 5.10 -3.02
C ALA A 55 -3.09 4.88 -1.65
N PHE A 56 -3.76 5.34 -0.60
CA PHE A 56 -3.43 5.12 0.79
C PHE A 56 -4.52 4.29 1.46
N LEU A 57 -4.12 3.13 2.00
CA LEU A 57 -4.93 2.28 2.88
C LEU A 57 -4.84 2.83 4.30
N LEU A 58 -5.96 2.81 5.02
CA LEU A 58 -6.08 3.14 6.44
C LEU A 58 -6.75 1.96 7.15
N PHE A 59 -5.95 1.13 7.84
CA PHE A 59 -6.46 -0.02 8.58
C PHE A 59 -7.04 0.40 9.94
N GLN A 60 -7.90 -0.45 10.52
CA GLN A 60 -8.52 -0.19 11.83
C GLN A 60 -7.68 -0.70 13.01
N GLU A 61 -6.66 -1.54 12.75
CA GLU A 61 -5.68 -2.02 13.73
C GLU A 61 -4.28 -2.08 13.10
N GLU A 62 -3.23 -1.73 13.86
CA GLU A 62 -1.84 -1.79 13.39
C GLU A 62 -1.40 -3.22 13.05
N SER A 63 -1.96 -4.23 13.72
CA SER A 63 -1.73 -5.65 13.42
C SER A 63 -2.14 -6.04 11.99
N SER A 64 -3.06 -5.31 11.35
CA SER A 64 -3.39 -5.49 9.93
C SER A 64 -2.27 -5.00 9.00
N VAL A 65 -1.48 -4.01 9.43
CA VAL A 65 -0.31 -3.54 8.66
C VAL A 65 0.82 -4.56 8.77
N GLN A 66 0.99 -5.20 9.94
CA GLN A 66 1.97 -6.28 10.10
C GLN A 66 1.54 -7.56 9.38
N ALA A 67 0.24 -7.87 9.36
CA ALA A 67 -0.30 -8.97 8.54
C ALA A 67 -0.05 -8.76 7.04
N LEU A 68 -0.14 -7.52 6.55
CA LEU A 68 0.23 -7.14 5.20
C LEU A 68 1.75 -7.33 4.98
N ILE A 69 2.59 -6.83 5.89
CA ILE A 69 4.06 -6.99 5.84
C ILE A 69 4.46 -8.48 5.78
N ASP A 70 3.80 -9.35 6.57
CA ASP A 70 4.03 -10.79 6.60
C ASP A 70 3.60 -11.52 5.32
N ALA A 71 2.74 -10.91 4.49
CA ALA A 71 2.31 -11.42 3.20
C ALA A 71 3.08 -10.80 2.01
N CYS A 72 3.82 -9.72 2.23
CA CYS A 72 4.56 -9.01 1.19
C CYS A 72 5.85 -9.73 0.74
N LEU A 73 6.16 -9.56 -0.54
CA LEU A 73 7.46 -9.86 -1.14
C LEU A 73 8.37 -8.65 -0.92
N GLU A 74 9.64 -8.73 -1.33
CA GLU A 74 10.61 -7.66 -1.16
C GLU A 74 11.59 -7.60 -2.35
N GLU A 75 11.74 -6.39 -2.92
CA GLU A 75 12.56 -6.07 -4.10
C GLU A 75 13.07 -4.62 -3.97
N ASP A 76 14.37 -4.40 -4.21
CA ASP A 76 15.01 -3.07 -4.22
C ASP A 76 14.83 -2.30 -2.88
N GLY A 77 14.76 -3.04 -1.76
CA GLY A 77 14.56 -2.48 -0.41
C GLY A 77 13.12 -2.09 -0.08
N LYS A 78 12.17 -2.41 -0.96
CA LYS A 78 10.74 -2.05 -0.87
C LYS A 78 9.84 -3.29 -0.91
N LEU A 79 8.66 -3.22 -0.30
CA LEU A 79 7.70 -4.34 -0.22
C LEU A 79 6.75 -4.34 -1.42
N TYR A 80 6.22 -5.53 -1.76
CA TYR A 80 5.32 -5.74 -2.90
C TYR A 80 4.23 -6.79 -2.61
N LEU A 81 3.05 -6.63 -3.21
CA LEU A 81 1.89 -7.53 -3.09
C LEU A 81 1.20 -7.70 -4.46
N CYS A 82 0.45 -8.78 -4.66
CA CYS A 82 -0.29 -9.05 -5.91
C CYS A 82 -1.77 -8.59 -5.82
N VAL A 83 -2.27 -7.95 -6.89
CA VAL A 83 -3.66 -7.48 -7.07
C VAL A 83 -4.08 -7.59 -8.56
N SER A 84 -5.32 -7.26 -8.90
CA SER A 84 -5.85 -7.35 -10.27
C SER A 84 -7.15 -6.53 -10.50
N SER A 85 -7.54 -6.38 -11.76
CA SER A 85 -8.76 -5.69 -12.21
C SER A 85 -9.43 -6.48 -13.36
N PRO A 86 -10.52 -5.97 -13.99
CA PRO A 86 -11.07 -6.53 -15.22
C PRO A 86 -10.16 -6.40 -16.44
N THR A 87 -9.09 -5.59 -16.37
CA THR A 87 -8.20 -5.24 -17.50
C THR A 87 -6.76 -5.66 -17.30
N ILE A 88 -6.27 -5.72 -16.06
CA ILE A 88 -4.87 -6.03 -15.70
C ILE A 88 -4.84 -7.14 -14.66
N LYS A 89 -4.09 -8.20 -14.94
CA LYS A 89 -4.10 -9.46 -14.20
C LYS A 89 -2.73 -9.74 -13.54
N ASP A 90 -2.74 -10.30 -12.32
CA ASP A 90 -1.53 -10.72 -11.55
C ASP A 90 -0.52 -9.56 -11.33
N LYS A 91 -1.01 -8.33 -11.20
CA LYS A 91 -0.20 -7.12 -11.06
C LYS A 91 0.52 -7.06 -9.69
N PRO A 92 1.86 -6.85 -9.66
CA PRO A 92 2.57 -6.55 -8.43
C PRO A 92 2.46 -5.05 -8.15
N VAL A 93 2.06 -4.70 -6.93
CA VAL A 93 1.92 -3.31 -6.45
C VAL A 93 2.89 -3.05 -5.31
N GLN A 94 3.53 -1.88 -5.33
CA GLN A 94 4.54 -1.45 -4.35
C GLN A 94 3.84 -1.02 -3.07
N ILE A 95 4.25 -1.59 -1.93
CA ILE A 95 3.64 -1.37 -0.61
C ILE A 95 4.65 -0.60 0.25
N ARG A 96 4.21 0.49 0.88
CA ARG A 96 5.04 1.38 1.71
C ARG A 96 4.29 1.76 2.99
N PRO A 97 4.44 0.99 4.09
CA PRO A 97 3.91 1.33 5.40
C PRO A 97 4.43 2.70 5.86
N TRP A 98 3.53 3.56 6.33
CA TRP A 98 3.83 4.97 6.58
C TRP A 98 4.40 5.26 7.98
N ASN A 99 4.87 6.49 8.18
CA ASN A 99 5.51 6.97 9.41
C ASN A 99 5.43 8.52 9.52
N LEU A 100 5.37 9.04 10.75
CA LEU A 100 5.26 10.48 11.04
C LEU A 100 6.58 11.16 11.45
N SER A 101 7.63 10.40 11.79
CA SER A 101 8.94 10.94 12.21
C SER A 101 10.00 11.01 11.08
N ASP A 102 9.69 10.47 9.90
CA ASP A 102 10.55 10.42 8.71
C ASP A 102 9.74 10.16 7.43
N SER A 103 10.24 10.67 6.31
CA SER A 103 9.62 10.62 4.97
C SER A 103 10.66 10.79 3.83
N ASP A 104 11.95 10.62 4.12
CA ASP A 104 13.06 10.80 3.16
C ASP A 104 13.33 9.53 2.31
N PHE A 105 12.29 9.13 1.59
CA PHE A 105 12.32 8.04 0.60
C PHE A 105 13.28 8.39 -0.55
N VAL A 106 14.37 7.63 -0.71
CA VAL A 106 15.46 7.86 -1.67
C VAL A 106 16.28 6.59 -1.92
N MET A 107 16.84 6.45 -3.12
CA MET A 107 17.68 5.31 -3.55
C MET A 107 18.60 5.70 -4.71
N ASP A 108 19.80 5.11 -4.75
CA ASP A 108 20.81 5.30 -5.80
C ASP A 108 21.73 4.07 -5.89
N SER A 109 22.18 3.73 -7.10
CA SER A 109 22.97 2.52 -7.38
C SER A 109 24.46 2.68 -7.04
N GLY A 110 24.85 2.24 -5.83
CA GLY A 110 26.24 2.21 -5.37
C GLY A 110 27.03 0.97 -5.85
N PRO A 111 28.37 0.96 -5.68
CA PRO A 111 29.23 -0.15 -6.07
C PRO A 111 29.10 -1.34 -5.10
N SER A 112 29.47 -2.53 -5.56
CA SER A 112 29.38 -3.79 -4.79
C SER A 112 30.56 -4.03 -3.83
N SER A 113 31.56 -3.14 -3.82
CA SER A 113 32.78 -3.18 -2.99
C SER A 113 33.51 -1.82 -3.02
N GLY A 114 34.29 -1.52 -1.98
CA GLY A 114 35.06 -0.28 -1.83
C GLY A 114 35.93 -0.26 -0.56
N GLY A 1 19.33 -2.28 16.24
CA GLY A 1 18.11 -1.46 16.14
C GLY A 1 17.29 -1.51 17.42
N SER A 2 15.96 -1.43 17.31
CA SER A 2 15.03 -1.45 18.44
C SER A 2 13.62 -1.96 18.01
N SER A 3 12.61 -1.80 18.87
CA SER A 3 11.26 -2.37 18.75
C SER A 3 10.13 -1.30 18.74
N GLY A 4 10.49 -0.02 18.53
CA GLY A 4 9.56 1.11 18.48
C GLY A 4 8.79 1.24 17.16
N SER A 5 7.89 2.23 17.12
CA SER A 5 6.92 2.50 16.04
C SER A 5 6.22 3.86 16.28
N SER A 6 5.69 4.49 15.25
CA SER A 6 4.82 5.68 15.38
C SER A 6 3.35 5.31 15.72
N GLY A 7 2.96 4.05 15.45
CA GLY A 7 1.59 3.55 15.62
C GLY A 7 0.66 3.87 14.44
N SER A 8 1.17 4.49 13.36
CA SER A 8 0.34 4.85 12.20
C SER A 8 -0.13 3.62 11.41
N ARG A 9 -1.42 3.63 11.03
CA ARG A 9 -2.08 2.58 10.24
C ARG A 9 -2.23 2.95 8.75
N LYS A 10 -1.69 4.09 8.34
CA LYS A 10 -1.60 4.51 6.94
C LYS A 10 -0.56 3.66 6.17
N VAL A 11 -0.89 3.22 4.96
CA VAL A 11 0.01 2.45 4.08
C VAL A 11 -0.16 2.91 2.63
N PHE A 12 0.92 3.39 2.00
CA PHE A 12 0.97 3.71 0.57
C PHE A 12 0.90 2.43 -0.29
N VAL A 13 0.17 2.52 -1.42
CA VAL A 13 0.14 1.50 -2.47
C VAL A 13 0.32 2.17 -3.83
N GLY A 14 1.29 1.73 -4.61
CA GLY A 14 1.63 2.28 -5.94
C GLY A 14 1.70 1.22 -7.04
N GLY A 15 1.35 1.62 -8.27
CA GLY A 15 1.32 0.74 -9.45
C GLY A 15 -0.04 0.06 -9.69
N LEU A 16 -1.10 0.54 -9.04
CA LEU A 16 -2.47 0.03 -9.17
C LEU A 16 -2.95 0.02 -10.65
N PRO A 17 -3.72 -1.00 -11.08
CA PRO A 17 -4.29 -1.08 -12.43
C PRO A 17 -5.10 0.17 -12.81
N PRO A 18 -5.17 0.53 -14.11
CA PRO A 18 -5.72 1.80 -14.58
C PRO A 18 -7.26 1.90 -14.51
N ASP A 19 -7.96 0.87 -14.04
CA ASP A 19 -9.43 0.82 -13.99
C ASP A 19 -9.98 0.15 -12.70
N ILE A 20 -9.13 0.04 -11.67
CA ILE A 20 -9.52 -0.55 -10.37
C ILE A 20 -10.29 0.46 -9.50
N ASP A 21 -11.43 0.05 -8.94
CA ASP A 21 -12.26 0.92 -8.09
C ASP A 21 -11.93 0.84 -6.58
N GLU A 22 -12.47 1.77 -5.80
CA GLU A 22 -12.26 1.87 -4.35
C GLU A 22 -12.60 0.57 -3.59
N ASP A 23 -13.69 -0.11 -3.97
CA ASP A 23 -14.15 -1.34 -3.34
C ASP A 23 -13.29 -2.55 -3.73
N GLU A 24 -12.73 -2.56 -4.94
CA GLU A 24 -11.72 -3.53 -5.38
C GLU A 24 -10.40 -3.33 -4.63
N ILE A 25 -9.95 -2.09 -4.42
CA ILE A 25 -8.76 -1.82 -3.59
C ILE A 25 -9.02 -2.25 -2.14
N THR A 26 -10.23 -2.00 -1.62
CA THR A 26 -10.64 -2.43 -0.27
C THR A 26 -10.62 -3.94 -0.17
N ALA A 27 -11.27 -4.67 -1.09
CA ALA A 27 -11.28 -6.13 -1.10
C ALA A 27 -9.87 -6.73 -1.30
N SER A 28 -9.00 -6.03 -2.04
CA SER A 28 -7.60 -6.42 -2.25
C SER A 28 -6.72 -6.32 -1.00
N PHE A 29 -7.17 -5.66 0.08
CA PHE A 29 -6.45 -5.59 1.36
C PHE A 29 -7.32 -5.97 2.57
N ARG A 30 -8.61 -6.24 2.38
CA ARG A 30 -9.52 -6.73 3.43
C ARG A 30 -9.10 -8.09 4.02
N ARG A 31 -8.31 -8.88 3.27
CA ARG A 31 -7.63 -10.11 3.70
C ARG A 31 -6.69 -9.94 4.92
N PHE A 32 -6.35 -8.71 5.31
CA PHE A 32 -5.53 -8.37 6.48
C PHE A 32 -6.33 -7.85 7.68
N GLY A 33 -7.65 -7.61 7.51
CA GLY A 33 -8.53 -6.95 8.47
C GLY A 33 -9.23 -5.73 7.85
N PRO A 34 -10.20 -5.11 8.57
CA PRO A 34 -11.00 -4.00 8.05
C PRO A 34 -10.19 -2.71 7.92
N LEU A 35 -10.59 -1.87 6.95
CA LEU A 35 -9.85 -0.70 6.49
C LEU A 35 -10.75 0.30 5.72
N VAL A 36 -10.18 1.45 5.35
CA VAL A 36 -10.75 2.42 4.40
C VAL A 36 -9.65 2.85 3.41
N VAL A 37 -10.02 3.34 2.23
CA VAL A 37 -9.11 3.69 1.12
C VAL A 37 -9.31 5.15 0.71
N ASP A 38 -8.21 5.88 0.54
CA ASP A 38 -8.16 7.33 0.33
C ASP A 38 -6.98 7.73 -0.58
N TRP A 39 -7.02 8.96 -1.10
CA TRP A 39 -5.97 9.55 -1.96
C TRP A 39 -6.10 11.09 -2.05
N PRO A 40 -5.05 11.82 -2.48
CA PRO A 40 -5.09 13.28 -2.65
C PRO A 40 -6.24 13.75 -3.56
N HIS A 41 -6.86 14.87 -3.18
CA HIS A 41 -7.95 15.56 -3.92
C HIS A 41 -9.31 14.80 -3.94
N LYS A 42 -9.42 13.65 -3.25
CA LYS A 42 -10.66 12.82 -3.22
C LYS A 42 -11.83 13.55 -2.53
N ALA A 43 -11.50 14.43 -1.58
CA ALA A 43 -12.42 15.29 -0.85
C ALA A 43 -13.08 16.37 -1.73
N GLU A 44 -12.40 16.83 -2.78
CA GLU A 44 -12.86 17.88 -3.70
C GLU A 44 -13.41 17.32 -5.02
N SER A 45 -12.82 16.24 -5.54
CA SER A 45 -13.24 15.60 -6.81
C SER A 45 -14.27 14.47 -6.61
N LYS A 46 -14.49 14.03 -5.36
CA LYS A 46 -15.48 12.98 -4.98
C LYS A 46 -15.23 11.65 -5.74
N SER A 47 -13.98 11.36 -6.04
CA SER A 47 -13.54 10.29 -6.96
C SER A 47 -13.51 8.88 -6.36
N TYR A 48 -13.44 7.88 -7.25
CA TYR A 48 -13.64 6.46 -6.93
C TYR A 48 -12.59 5.50 -7.54
N PHE A 49 -11.59 6.05 -8.22
CA PHE A 49 -10.49 5.33 -8.88
C PHE A 49 -9.15 6.03 -8.52
N PRO A 50 -8.03 5.28 -8.36
CA PRO A 50 -6.79 5.81 -7.82
C PRO A 50 -6.11 6.77 -8.80
N PRO A 51 -5.75 8.00 -8.39
CA PRO A 51 -5.11 8.98 -9.25
C PRO A 51 -3.68 8.54 -9.58
N LYS A 52 -3.33 8.54 -10.88
CA LYS A 52 -2.00 8.19 -11.40
C LYS A 52 -1.53 6.75 -11.06
N GLY A 53 -2.44 5.90 -10.55
CA GLY A 53 -2.16 4.51 -10.15
C GLY A 53 -1.63 4.36 -8.72
N TYR A 54 -1.98 5.26 -7.79
CA TYR A 54 -1.61 5.14 -6.37
C TYR A 54 -2.75 5.50 -5.40
N ALA A 55 -2.66 4.97 -4.17
CA ALA A 55 -3.62 5.17 -3.09
C ALA A 55 -2.96 4.98 -1.71
N PHE A 56 -3.69 5.38 -0.66
CA PHE A 56 -3.36 5.16 0.74
C PHE A 56 -4.46 4.34 1.42
N LEU A 57 -4.07 3.19 1.96
CA LEU A 57 -4.89 2.36 2.84
C LEU A 57 -4.77 2.90 4.26
N LEU A 58 -5.88 2.89 4.99
CA LEU A 58 -5.96 3.15 6.42
C LEU A 58 -6.62 1.94 7.10
N PHE A 59 -5.83 1.11 7.78
CA PHE A 59 -6.35 -0.06 8.51
C PHE A 59 -6.96 0.35 9.86
N GLN A 60 -7.84 -0.48 10.42
CA GLN A 60 -8.50 -0.22 11.71
C GLN A 60 -7.74 -0.80 12.92
N GLU A 61 -6.74 -1.66 12.69
CA GLU A 61 -5.87 -2.23 13.72
C GLU A 61 -4.43 -2.35 13.18
N GLU A 62 -3.43 -2.00 13.99
CA GLU A 62 -2.01 -2.02 13.60
C GLU A 62 -1.55 -3.41 13.16
N SER A 63 -2.09 -4.47 13.77
CA SER A 63 -1.85 -5.87 13.41
C SER A 63 -2.17 -6.18 11.93
N SER A 64 -3.07 -5.43 11.29
CA SER A 64 -3.36 -5.57 9.86
C SER A 64 -2.22 -5.04 8.97
N VAL A 65 -1.44 -4.07 9.46
CA VAL A 65 -0.25 -3.56 8.75
C VAL A 65 0.88 -4.58 8.84
N GLN A 66 1.06 -5.23 10.00
CA GLN A 66 2.02 -6.31 10.16
C GLN A 66 1.63 -7.56 9.37
N ALA A 67 0.34 -7.90 9.29
CA ALA A 67 -0.17 -8.98 8.45
C ALA A 67 0.09 -8.74 6.96
N LEU A 68 -0.04 -7.48 6.51
CA LEU A 68 0.34 -7.07 5.16
C LEU A 68 1.86 -7.24 4.95
N ILE A 69 2.69 -6.74 5.87
CA ILE A 69 4.16 -6.88 5.83
C ILE A 69 4.57 -8.36 5.74
N ASP A 70 3.93 -9.23 6.52
CA ASP A 70 4.21 -10.68 6.56
C ASP A 70 3.78 -11.42 5.27
N ALA A 71 2.90 -10.82 4.46
CA ALA A 71 2.47 -11.33 3.15
C ALA A 71 3.23 -10.69 1.96
N CYS A 72 3.93 -9.58 2.17
CA CYS A 72 4.67 -8.87 1.13
C CYS A 72 5.97 -9.57 0.71
N LEU A 73 6.31 -9.41 -0.57
CA LEU A 73 7.63 -9.70 -1.15
C LEU A 73 8.53 -8.49 -0.89
N GLU A 74 9.82 -8.59 -1.20
CA GLU A 74 10.80 -7.53 -0.96
C GLU A 74 11.84 -7.44 -2.09
N GLU A 75 12.08 -6.21 -2.56
CA GLU A 75 13.03 -5.89 -3.63
C GLU A 75 13.66 -4.51 -3.36
N ASP A 76 14.99 -4.45 -3.25
CA ASP A 76 15.80 -3.24 -2.96
C ASP A 76 15.53 -2.59 -1.59
N GLY A 77 14.71 -3.23 -0.75
CA GLY A 77 14.21 -2.72 0.54
C GLY A 77 12.76 -2.20 0.47
N LYS A 78 12.19 -2.06 -0.73
CA LYS A 78 10.76 -1.79 -0.95
C LYS A 78 9.96 -3.10 -0.80
N LEU A 79 8.72 -3.03 -0.31
CA LEU A 79 7.80 -4.16 -0.26
C LEU A 79 6.87 -4.18 -1.48
N TYR A 80 6.38 -5.37 -1.85
CA TYR A 80 5.41 -5.55 -2.94
C TYR A 80 4.36 -6.61 -2.62
N LEU A 81 3.13 -6.40 -3.11
CA LEU A 81 2.01 -7.35 -3.09
C LEU A 81 1.43 -7.46 -4.51
N CYS A 82 0.32 -8.18 -4.71
CA CYS A 82 -0.37 -8.28 -6.00
C CYS A 82 -1.90 -8.11 -5.88
N VAL A 83 -2.52 -7.57 -6.94
CA VAL A 83 -3.94 -7.15 -6.99
C VAL A 83 -4.53 -7.32 -8.40
N SER A 84 -5.85 -7.16 -8.56
CA SER A 84 -6.58 -7.42 -9.82
C SER A 84 -7.76 -6.45 -10.03
N SER A 85 -8.14 -6.23 -11.29
CA SER A 85 -9.13 -5.23 -11.74
C SER A 85 -9.96 -5.76 -12.94
N PRO A 86 -10.85 -4.95 -13.55
CA PRO A 86 -11.53 -5.31 -14.80
C PRO A 86 -10.60 -5.40 -16.02
N THR A 87 -9.36 -4.87 -15.92
CA THR A 87 -8.41 -4.71 -17.03
C THR A 87 -7.13 -5.51 -16.86
N ILE A 88 -6.65 -5.72 -15.63
CA ILE A 88 -5.39 -6.42 -15.32
C ILE A 88 -5.61 -7.43 -14.19
N LYS A 89 -4.93 -8.58 -14.29
CA LYS A 89 -4.99 -9.67 -13.32
C LYS A 89 -3.59 -9.97 -12.76
N ASP A 90 -3.47 -10.11 -11.44
CA ASP A 90 -2.22 -10.44 -10.71
C ASP A 90 -1.13 -9.37 -10.87
N LYS A 91 -1.52 -8.10 -11.07
CA LYS A 91 -0.61 -6.95 -11.13
C LYS A 91 0.22 -6.84 -9.83
N PRO A 92 1.57 -6.78 -9.89
CA PRO A 92 2.41 -6.47 -8.73
C PRO A 92 2.33 -4.98 -8.42
N VAL A 93 2.29 -4.65 -7.12
CA VAL A 93 2.10 -3.29 -6.61
C VAL A 93 3.03 -3.01 -5.43
N GLN A 94 3.67 -1.84 -5.44
CA GLN A 94 4.60 -1.40 -4.41
C GLN A 94 3.82 -1.02 -3.14
N ILE A 95 4.30 -1.47 -1.97
CA ILE A 95 3.69 -1.22 -0.66
C ILE A 95 4.71 -0.46 0.21
N ARG A 96 4.29 0.62 0.87
CA ARG A 96 5.15 1.42 1.77
C ARG A 96 4.36 1.87 3.01
N PRO A 97 4.45 1.13 4.14
CA PRO A 97 3.85 1.50 5.40
C PRO A 97 4.37 2.85 5.92
N TRP A 98 3.48 3.67 6.48
CA TRP A 98 3.80 5.00 7.01
C TRP A 98 4.38 4.94 8.44
N ASN A 99 4.44 3.74 9.04
CA ASN A 99 5.02 3.49 10.35
C ASN A 99 6.56 3.46 10.32
N LEU A 100 7.19 4.60 10.63
CA LEU A 100 8.64 4.79 10.73
C LEU A 100 9.03 5.24 12.15
N SER A 101 10.29 5.01 12.53
CA SER A 101 10.87 5.43 13.81
C SER A 101 12.41 5.38 13.77
N ASP A 102 13.08 5.72 14.87
CA ASP A 102 14.55 5.64 15.05
C ASP A 102 15.04 4.19 15.32
N SER A 103 14.16 3.20 15.21
CA SER A 103 14.44 1.78 15.55
C SER A 103 15.30 1.01 14.52
N ASP A 104 15.72 1.66 13.44
CA ASP A 104 16.59 1.19 12.34
C ASP A 104 15.87 0.34 11.28
N PHE A 105 16.39 0.41 10.05
CA PHE A 105 15.87 -0.27 8.87
C PHE A 105 16.16 -1.79 8.87
N VAL A 106 15.54 -2.53 7.93
CA VAL A 106 15.63 -3.99 7.80
C VAL A 106 15.41 -4.40 6.34
N MET A 107 16.20 -5.38 5.87
CA MET A 107 16.25 -5.87 4.48
C MET A 107 16.98 -7.21 4.43
N ASP A 108 16.54 -8.13 3.55
CA ASP A 108 17.17 -9.42 3.24
C ASP A 108 17.23 -10.41 4.44
N SER A 109 16.42 -10.17 5.46
CA SER A 109 16.45 -10.86 6.77
C SER A 109 15.41 -11.99 6.90
N GLY A 110 14.75 -12.37 5.80
CA GLY A 110 13.77 -13.47 5.74
C GLY A 110 14.40 -14.88 5.79
N PRO A 111 13.57 -15.94 5.95
CA PRO A 111 14.04 -17.31 6.06
C PRO A 111 14.52 -17.87 4.72
N SER A 112 15.45 -18.84 4.76
CA SER A 112 16.10 -19.43 3.59
C SER A 112 15.22 -20.44 2.81
N SER A 113 14.02 -20.74 3.31
CA SER A 113 13.11 -21.76 2.77
C SER A 113 11.67 -21.59 3.32
N GLY A 114 10.69 -22.26 2.69
CA GLY A 114 9.27 -22.24 3.07
C GLY A 114 8.38 -23.07 2.15
#